data_6YS9
#
_entry.id   6YS9
#
_cell.length_a   76.480
_cell.length_b   140.330
_cell.length_c   78.010
_cell.angle_alpha   90.000
_cell.angle_beta   108.660
_cell.angle_gamma   90.000
#
_symmetry.space_group_name_H-M   'P 1 21 1'
#
loop_
_entity.id
_entity.type
_entity.pdbx_description
1 polymer 'Magnesium-protoporphyrin methyltransferase'
2 non-polymer 'POTASSIUM ION'
3 water water
#
_entity_poly.entity_id   1
_entity_poly.type   'polypeptide(L)'
_entity_poly.pdbx_seq_one_letter_code
;MPEVLPTGKNIHALDPQAIPTAAAVQSAKVVVDRLLARQTAENNNQWPETIAMVLWGTDNIKTYGESLAQVLWLVGARPL
PDSLGRVNKVELIPLEELGRPRIDVVVNCSGVFRDLFINQMALIDRAIKMAAEADEPLELNFIRKHALQQASELGIDLRQ
AATRVFTNASGSYAANVNLAVENSSWEQESELQDMYLSRKSFAFSADSPGTMQQARELFETALKTVDVTFQNLDSSEISL
TDVSHYFDSDPTKLVAALRGDGKQPKAYIADTTTANAQVRTLSETVRLDSRTKLLNPKWYEGMLAHGYEGVREISKRLVN
TMGWSATAGAVDNWVYEEANATFILDEQMRQRLLNTNPHSFRKMVSTFLELHGRGYWETSEANLELLRQLYQEVEDKIEG
VELEHHHHHH
;
_entity_poly.pdbx_strand_id   A,B,C,D
#
# COMPACT_ATOMS: atom_id res chain seq x y z
N ASP A 15 -16.88 -7.47 -7.79
CA ASP A 15 -17.31 -8.90 -7.64
C ASP A 15 -16.71 -9.71 -8.81
N PRO A 16 -15.47 -10.24 -8.66
CA PRO A 16 -14.68 -10.68 -9.80
C PRO A 16 -15.29 -11.78 -10.68
N GLN A 17 -16.27 -12.53 -10.15
CA GLN A 17 -16.93 -13.68 -10.85
C GLN A 17 -18.05 -13.18 -11.77
N ALA A 18 -18.51 -11.94 -11.57
CA ALA A 18 -19.52 -11.22 -12.38
C ALA A 18 -19.01 -11.00 -13.81
N ILE A 19 -17.69 -11.07 -14.01
CA ILE A 19 -16.99 -10.63 -15.25
C ILE A 19 -16.63 -11.85 -16.10
N PRO A 20 -16.79 -11.83 -17.44
CA PRO A 20 -17.38 -10.70 -18.17
C PRO A 20 -18.89 -10.83 -18.49
N THR A 21 -19.65 -9.73 -18.39
CA THR A 21 -21.12 -9.70 -18.60
C THR A 21 -21.41 -9.83 -20.10
N ALA A 22 -22.66 -10.16 -20.47
CA ALA A 22 -23.06 -10.39 -21.89
C ALA A 22 -22.86 -9.11 -22.71
N ALA A 23 -23.05 -7.95 -22.08
CA ALA A 23 -22.80 -6.62 -22.70
C ALA A 23 -21.30 -6.46 -22.97
N ALA A 24 -20.44 -6.87 -22.04
CA ALA A 24 -18.96 -6.75 -22.19
C ALA A 24 -18.48 -7.72 -23.26
N VAL A 25 -18.98 -8.95 -23.27
CA VAL A 25 -18.76 -9.99 -24.32
C VAL A 25 -19.13 -9.42 -25.70
N GLN A 26 -20.24 -8.70 -25.80
CA GLN A 26 -20.79 -8.21 -27.09
C GLN A 26 -19.98 -7.00 -27.56
N SER A 27 -19.61 -6.11 -26.64
CA SER A 27 -18.73 -4.94 -26.95
C SER A 27 -17.36 -5.43 -27.42
N ALA A 28 -16.85 -6.50 -26.81
CA ALA A 28 -15.50 -7.06 -27.04
C ALA A 28 -15.43 -7.71 -28.43
N LYS A 29 -16.54 -8.29 -28.88
CA LYS A 29 -16.55 -8.99 -30.19
C LYS A 29 -16.26 -7.96 -31.28
N VAL A 30 -16.92 -6.80 -31.18
CA VAL A 30 -16.83 -5.69 -32.17
C VAL A 30 -15.36 -5.25 -32.27
N VAL A 31 -14.68 -5.09 -31.13
CA VAL A 31 -13.27 -4.57 -31.08
C VAL A 31 -12.31 -5.60 -31.69
N VAL A 32 -12.43 -6.85 -31.27
CA VAL A 32 -11.60 -7.96 -31.81
C VAL A 32 -11.86 -8.11 -33.33
N ASP A 33 -13.11 -8.14 -33.80
CA ASP A 33 -13.38 -8.23 -35.27
C ASP A 33 -12.70 -7.06 -36.02
N ARG A 34 -12.82 -5.85 -35.48
CA ARG A 34 -12.20 -4.62 -36.04
C ARG A 34 -10.66 -4.75 -36.03
N LEU A 35 -10.07 -5.25 -34.94
CA LEU A 35 -8.59 -5.40 -34.85
C LEU A 35 -8.13 -6.37 -35.95
N LEU A 36 -8.81 -7.52 -36.10
CA LEU A 36 -8.38 -8.59 -37.06
C LEU A 36 -8.62 -8.16 -38.50
N ALA A 37 -9.74 -7.47 -38.75
CA ALA A 37 -10.08 -6.86 -40.06
C ALA A 37 -8.98 -5.87 -40.49
N ARG A 38 -8.53 -4.97 -39.61
CA ARG A 38 -7.46 -4.01 -39.98
C ARG A 38 -6.17 -4.78 -40.28
N GLN A 39 -5.79 -5.75 -39.43
CA GLN A 39 -4.50 -6.46 -39.56
C GLN A 39 -4.52 -7.27 -40.86
N THR A 40 -5.62 -7.98 -41.16
CA THR A 40 -5.70 -8.83 -42.36
C THR A 40 -5.67 -7.93 -43.61
N ALA A 41 -6.50 -6.88 -43.65
CA ALA A 41 -6.65 -5.95 -44.79
C ALA A 41 -5.29 -5.33 -45.18
N GLU A 42 -4.41 -5.11 -44.18
CA GLU A 42 -3.13 -4.35 -44.32
C GLU A 42 -1.99 -5.28 -44.78
N ASN A 43 -1.95 -6.51 -44.26
CA ASN A 43 -0.84 -7.49 -44.43
C ASN A 43 -1.35 -8.68 -45.26
N ASN A 44 -1.74 -8.44 -46.52
CA ASN A 44 -1.91 -9.50 -47.55
C ASN A 44 -2.99 -10.52 -47.10
N ASN A 45 -4.00 -10.07 -46.34
CA ASN A 45 -5.09 -10.91 -45.76
C ASN A 45 -4.51 -12.07 -44.94
N GLN A 46 -3.29 -11.94 -44.43
CA GLN A 46 -2.68 -12.92 -43.47
C GLN A 46 -3.30 -12.67 -42.09
N TRP A 47 -3.86 -13.71 -41.46
CA TRP A 47 -4.22 -13.69 -40.03
C TRP A 47 -2.92 -13.53 -39.23
N PRO A 48 -2.90 -12.69 -38.18
CA PRO A 48 -1.83 -12.72 -37.20
C PRO A 48 -1.95 -14.04 -36.43
N GLU A 49 -0.80 -14.61 -36.07
CA GLU A 49 -0.61 -15.90 -35.36
C GLU A 49 -0.75 -15.66 -33.85
N THR A 50 -0.07 -14.62 -33.33
CA THR A 50 -0.09 -14.26 -31.88
C THR A 50 -0.23 -12.74 -31.74
N ILE A 51 -1.06 -12.33 -30.79
CA ILE A 51 -1.25 -10.92 -30.33
C ILE A 51 -0.74 -10.88 -28.90
N ALA A 52 0.14 -9.92 -28.57
CA ALA A 52 0.52 -9.61 -27.18
C ALA A 52 -0.39 -8.50 -26.70
N MET A 53 -1.12 -8.71 -25.61
CA MET A 53 -1.96 -7.59 -25.13
C MET A 53 -1.93 -7.49 -23.62
N VAL A 54 -2.16 -6.27 -23.17
CA VAL A 54 -2.14 -5.92 -21.73
C VAL A 54 -3.56 -6.01 -21.20
N LEU A 55 -3.73 -6.52 -19.97
CA LEU A 55 -5.04 -6.43 -19.25
C LEU A 55 -4.85 -5.60 -17.98
N TRP A 56 -5.43 -4.39 -17.95
CA TRP A 56 -5.47 -3.45 -16.81
C TRP A 56 -6.69 -3.78 -15.95
N GLY A 57 -6.52 -3.80 -14.62
CA GLY A 57 -7.56 -4.27 -13.69
C GLY A 57 -8.66 -3.24 -13.51
N THR A 58 -8.30 -1.97 -13.31
CA THR A 58 -9.27 -0.85 -13.14
C THR A 58 -10.24 -0.89 -14.33
N ASP A 59 -9.72 -0.98 -15.56
CA ASP A 59 -10.52 -0.96 -16.82
C ASP A 59 -11.52 -2.13 -16.87
N ASN A 60 -11.10 -3.29 -16.38
CA ASN A 60 -11.96 -4.50 -16.33
C ASN A 60 -13.10 -4.29 -15.31
N ILE A 61 -12.86 -3.59 -14.19
CA ILE A 61 -13.97 -3.17 -13.26
C ILE A 61 -15.00 -2.34 -14.04
N LYS A 62 -14.55 -1.24 -14.65
CA LYS A 62 -15.38 -0.20 -15.32
C LYS A 62 -16.17 -0.76 -16.50
N THR A 63 -15.64 -1.77 -17.21
CA THR A 63 -16.24 -2.32 -18.45
C THR A 63 -16.93 -3.65 -18.18
N TYR A 64 -17.01 -4.09 -16.93
CA TYR A 64 -17.43 -5.47 -16.54
C TYR A 64 -16.70 -6.50 -17.41
N GLY A 65 -15.41 -6.29 -17.67
CA GLY A 65 -14.51 -7.29 -18.27
C GLY A 65 -14.41 -7.24 -19.79
N GLU A 66 -14.45 -6.06 -20.41
CA GLU A 66 -14.33 -5.92 -21.89
C GLU A 66 -13.03 -6.53 -22.42
N SER A 67 -11.86 -6.10 -21.91
CA SER A 67 -10.58 -6.60 -22.47
C SER A 67 -10.37 -8.06 -22.09
N LEU A 68 -10.82 -8.46 -20.91
CA LEU A 68 -10.90 -9.91 -20.57
C LEU A 68 -11.64 -10.64 -21.71
N ALA A 69 -12.83 -10.15 -22.09
CA ALA A 69 -13.73 -10.83 -23.05
C ALA A 69 -13.05 -10.82 -24.43
N GLN A 70 -12.25 -9.80 -24.74
CA GLN A 70 -11.48 -9.70 -26.00
C GLN A 70 -10.52 -10.88 -26.10
N VAL A 71 -9.83 -11.19 -25.00
CA VAL A 71 -8.88 -12.34 -24.94
C VAL A 71 -9.65 -13.63 -25.24
N LEU A 72 -10.78 -13.86 -24.57
CA LEU A 72 -11.62 -15.07 -24.74
C LEU A 72 -12.06 -15.16 -26.21
N TRP A 73 -12.56 -14.07 -26.78
CA TRP A 73 -12.99 -13.95 -28.21
C TRP A 73 -11.85 -14.38 -29.14
N LEU A 74 -10.64 -13.92 -28.89
CA LEU A 74 -9.46 -14.13 -29.79
C LEU A 74 -9.18 -15.64 -29.86
N VAL A 75 -9.23 -16.31 -28.70
CA VAL A 75 -8.89 -17.76 -28.56
C VAL A 75 -10.12 -18.60 -28.89
N GLY A 76 -11.27 -17.95 -29.16
CA GLY A 76 -12.54 -18.60 -29.52
C GLY A 76 -13.17 -19.32 -28.34
N ALA A 77 -13.20 -18.67 -27.19
CA ALA A 77 -13.88 -19.13 -25.95
C ALA A 77 -15.06 -18.20 -25.63
N ARG A 78 -16.09 -18.72 -24.95
CA ARG A 78 -17.22 -17.91 -24.44
C ARG A 78 -17.39 -18.23 -22.95
N PRO A 79 -17.71 -17.23 -22.11
CA PRO A 79 -17.92 -17.47 -20.69
C PRO A 79 -19.25 -18.20 -20.50
N LEU A 80 -19.56 -18.61 -19.28
CA LEU A 80 -20.81 -19.35 -18.95
C LEU A 80 -21.32 -18.87 -17.59
N PRO A 81 -22.10 -17.76 -17.53
CA PRO A 81 -22.75 -17.36 -16.29
C PRO A 81 -23.63 -18.50 -15.77
N ASP A 82 -23.49 -18.84 -14.49
CA ASP A 82 -24.44 -19.75 -13.79
C ASP A 82 -25.72 -18.95 -13.55
N SER A 83 -26.48 -19.28 -12.49
CA SER A 83 -27.77 -18.63 -12.15
C SER A 83 -27.53 -17.34 -11.33
N LEU A 84 -26.48 -17.33 -10.50
CA LEU A 84 -26.14 -16.16 -9.64
C LEU A 84 -25.21 -15.20 -10.39
N GLY A 85 -25.12 -15.34 -11.72
CA GLY A 85 -24.33 -14.46 -12.60
C GLY A 85 -22.84 -14.57 -12.36
N ARG A 86 -22.36 -15.75 -11.93
CA ARG A 86 -20.92 -16.02 -11.69
C ARG A 86 -20.33 -16.75 -12.91
N VAL A 87 -19.16 -16.31 -13.39
CA VAL A 87 -18.43 -16.91 -14.55
C VAL A 87 -17.34 -17.83 -14.00
N ASN A 88 -17.70 -19.10 -13.79
CA ASN A 88 -16.85 -20.13 -13.14
C ASN A 88 -16.17 -21.00 -14.20
N LYS A 89 -16.68 -21.01 -15.44
CA LYS A 89 -16.26 -21.97 -16.51
C LYS A 89 -16.25 -21.31 -17.89
N VAL A 90 -15.46 -21.88 -18.80
CA VAL A 90 -15.40 -21.50 -20.25
C VAL A 90 -15.80 -22.72 -21.08
N GLU A 91 -16.15 -22.51 -22.33
CA GLU A 91 -16.09 -23.59 -23.35
C GLU A 91 -15.56 -23.00 -24.65
N LEU A 92 -15.09 -23.86 -25.54
CA LEU A 92 -14.63 -23.45 -26.89
C LEU A 92 -15.84 -23.13 -27.77
N ILE A 93 -15.75 -22.04 -28.50
CA ILE A 93 -16.63 -21.77 -29.66
C ILE A 93 -16.16 -22.73 -30.75
N PRO A 94 -17.08 -23.46 -31.44
CA PRO A 94 -16.65 -24.37 -32.50
C PRO A 94 -16.14 -23.51 -33.68
N LEU A 95 -15.19 -24.03 -34.45
CA LEU A 95 -14.50 -23.26 -35.53
C LEU A 95 -15.51 -22.79 -36.60
N GLU A 96 -16.54 -23.57 -36.92
CA GLU A 96 -17.63 -23.12 -37.84
C GLU A 96 -18.36 -21.91 -37.26
N GLU A 97 -18.55 -21.84 -35.93
CA GLU A 97 -19.13 -20.63 -35.28
C GLU A 97 -18.08 -19.51 -35.28
N LEU A 98 -16.82 -19.81 -34.96
CA LEU A 98 -15.75 -18.78 -34.82
C LEU A 98 -15.59 -18.08 -36.18
N GLY A 99 -15.43 -18.87 -37.25
CA GLY A 99 -15.46 -18.36 -38.64
C GLY A 99 -14.10 -17.79 -39.01
N ARG A 100 -13.07 -18.21 -38.29
CA ARG A 100 -11.65 -17.77 -38.46
C ARG A 100 -10.79 -18.62 -37.54
N PRO A 101 -9.44 -18.59 -37.66
CA PRO A 101 -8.57 -19.33 -36.75
C PRO A 101 -8.68 -18.82 -35.30
N ARG A 102 -8.41 -19.71 -34.35
CA ARG A 102 -8.10 -19.33 -32.96
C ARG A 102 -6.76 -18.59 -32.98
N ILE A 103 -6.76 -17.35 -32.51
CA ILE A 103 -5.54 -16.50 -32.50
C ILE A 103 -4.81 -16.71 -31.17
N ASP A 104 -3.49 -16.99 -31.23
CA ASP A 104 -2.68 -17.18 -29.99
C ASP A 104 -2.57 -15.81 -29.33
N VAL A 105 -2.51 -15.77 -27.99
CA VAL A 105 -2.43 -14.48 -27.23
C VAL A 105 -1.39 -14.60 -26.11
N VAL A 106 -0.47 -13.66 -26.07
CA VAL A 106 0.35 -13.47 -24.85
C VAL A 106 -0.45 -12.49 -23.99
N VAL A 107 -0.94 -12.96 -22.84
CA VAL A 107 -1.86 -12.21 -21.94
C VAL A 107 -0.99 -11.60 -20.84
N ASN A 108 -0.56 -10.36 -21.05
CA ASN A 108 0.25 -9.60 -20.08
C ASN A 108 -0.67 -8.90 -19.08
N CYS A 109 -0.93 -9.53 -17.94
CA CYS A 109 -1.80 -8.94 -16.89
C CYS A 109 -1.00 -7.95 -16.05
N SER A 110 -1.59 -6.78 -15.78
CA SER A 110 -1.00 -5.80 -14.85
C SER A 110 -0.90 -6.47 -13.45
N GLY A 111 -0.01 -6.00 -12.56
CA GLY A 111 0.04 -6.46 -11.17
C GLY A 111 -1.31 -6.32 -10.48
N VAL A 112 -2.00 -5.20 -10.74
CA VAL A 112 -3.32 -4.81 -10.18
C VAL A 112 -4.37 -5.77 -10.76
N PHE A 113 -4.26 -6.15 -12.05
CA PHE A 113 -5.19 -7.14 -12.63
C PHE A 113 -5.02 -8.45 -11.86
N ARG A 114 -3.77 -8.83 -11.59
CA ARG A 114 -3.42 -10.04 -10.80
C ARG A 114 -3.99 -9.92 -9.37
N ASP A 115 -3.82 -8.77 -8.72
CA ASP A 115 -4.30 -8.54 -7.32
C ASP A 115 -5.82 -8.77 -7.24
N LEU A 116 -6.57 -8.39 -8.27
CA LEU A 116 -8.05 -8.35 -8.22
C LEU A 116 -8.70 -9.56 -8.90
N PHE A 117 -8.02 -10.21 -9.87
CA PHE A 117 -8.66 -11.16 -10.82
C PHE A 117 -7.85 -12.47 -10.94
N ILE A 118 -7.27 -13.00 -9.86
CA ILE A 118 -6.57 -14.32 -9.92
C ILE A 118 -7.52 -15.41 -10.46
N ASN A 119 -8.81 -15.37 -10.11
CA ASN A 119 -9.82 -16.38 -10.57
C ASN A 119 -10.02 -16.27 -12.09
N GLN A 120 -9.90 -15.05 -12.63
CA GLN A 120 -10.16 -14.73 -14.05
C GLN A 120 -8.89 -15.03 -14.86
N MET A 121 -7.70 -14.88 -14.25
CA MET A 121 -6.41 -15.35 -14.82
C MET A 121 -6.47 -16.87 -14.98
N ALA A 122 -7.08 -17.57 -14.00
CA ALA A 122 -7.29 -19.03 -14.08
C ALA A 122 -8.25 -19.36 -15.22
N LEU A 123 -9.37 -18.63 -15.36
CA LEU A 123 -10.37 -18.80 -16.45
C LEU A 123 -9.67 -18.68 -17.81
N ILE A 124 -8.91 -17.61 -18.04
CA ILE A 124 -8.24 -17.40 -19.36
C ILE A 124 -7.42 -18.65 -19.66
N ASP A 125 -6.56 -19.02 -18.70
CA ASP A 125 -5.58 -20.14 -18.76
C ASP A 125 -6.28 -21.43 -19.18
N ARG A 126 -7.39 -21.77 -18.52
CA ARG A 126 -8.20 -22.96 -18.87
C ARG A 126 -8.62 -22.87 -20.34
N ALA A 127 -9.11 -21.70 -20.77
CA ALA A 127 -9.61 -21.47 -22.15
C ALA A 127 -8.47 -21.75 -23.14
N ILE A 128 -7.27 -21.26 -22.85
CA ILE A 128 -6.12 -21.37 -23.81
C ILE A 128 -5.63 -22.81 -23.86
N LYS A 129 -5.57 -23.50 -22.72
CA LYS A 129 -5.15 -24.92 -22.65
C LYS A 129 -6.18 -25.78 -23.39
N MET A 130 -7.47 -25.44 -23.24
CA MET A 130 -8.62 -26.04 -23.95
C MET A 130 -8.41 -25.92 -25.47
N ALA A 131 -8.03 -24.73 -25.93
CA ALA A 131 -7.77 -24.44 -27.35
C ALA A 131 -6.60 -25.29 -27.85
N ALA A 132 -5.56 -25.39 -27.05
CA ALA A 132 -4.30 -26.11 -27.36
C ALA A 132 -4.58 -27.60 -27.55
N GLU A 133 -5.43 -28.20 -26.72
CA GLU A 133 -5.70 -29.66 -26.73
C GLU A 133 -6.80 -30.01 -27.74
N ALA A 134 -7.51 -29.04 -28.30
CA ALA A 134 -8.61 -29.30 -29.25
C ALA A 134 -8.06 -30.05 -30.49
N ASP A 135 -8.79 -31.09 -30.96
CA ASP A 135 -8.47 -31.84 -32.21
C ASP A 135 -8.96 -31.03 -33.41
N GLU A 136 -8.14 -30.09 -33.88
CA GLU A 136 -8.51 -29.16 -34.98
C GLU A 136 -7.30 -28.90 -35.87
N PRO A 137 -7.51 -28.65 -37.18
CA PRO A 137 -6.42 -28.34 -38.11
C PRO A 137 -5.59 -27.14 -37.60
N LEU A 138 -4.27 -27.27 -37.67
CA LEU A 138 -3.30 -26.31 -37.06
C LEU A 138 -3.48 -24.91 -37.67
N GLU A 139 -3.92 -24.83 -38.93
CA GLU A 139 -4.09 -23.54 -39.64
C GLU A 139 -5.33 -22.80 -39.13
N LEU A 140 -6.16 -23.40 -38.26
CA LEU A 140 -7.37 -22.76 -37.67
C LEU A 140 -7.22 -22.69 -36.14
N ASN A 141 -6.05 -23.03 -35.62
CA ASN A 141 -5.76 -23.10 -34.16
C ASN A 141 -4.28 -22.75 -33.97
N PHE A 142 -3.99 -21.45 -33.97
CA PHE A 142 -2.60 -20.94 -33.82
C PHE A 142 -2.07 -21.24 -32.41
N ILE A 143 -2.95 -21.38 -31.41
CA ILE A 143 -2.54 -21.78 -30.04
C ILE A 143 -1.95 -23.18 -30.13
N ARG A 144 -2.73 -24.10 -30.72
CA ARG A 144 -2.35 -25.53 -30.88
C ARG A 144 -1.05 -25.59 -31.71
N LYS A 145 -1.03 -24.97 -32.90
CA LYS A 145 0.16 -24.94 -33.80
C LYS A 145 1.41 -24.55 -33.01
N HIS A 146 1.32 -23.56 -32.12
CA HIS A 146 2.50 -23.03 -31.39
C HIS A 146 2.88 -23.96 -30.24
N ALA A 147 1.88 -24.40 -29.48
CA ALA A 147 2.05 -25.19 -28.25
C ALA A 147 2.78 -26.49 -28.59
N LEU A 148 2.47 -27.11 -29.75
CA LEU A 148 3.10 -28.39 -30.18
C LEU A 148 4.57 -28.15 -30.53
N GLN A 149 4.83 -27.16 -31.41
CA GLN A 149 6.18 -26.64 -31.75
C GLN A 149 6.93 -26.32 -30.47
N GLN A 150 6.26 -25.66 -29.51
CA GLN A 150 6.86 -25.19 -28.24
C GLN A 150 7.14 -26.40 -27.33
N ALA A 151 6.19 -27.32 -27.22
CA ALA A 151 6.34 -28.57 -26.44
C ALA A 151 7.58 -29.34 -26.95
N SER A 152 7.75 -29.41 -28.27
CA SER A 152 8.87 -30.12 -28.96
C SER A 152 10.21 -29.42 -28.70
N GLU A 153 10.28 -28.10 -28.92
CA GLU A 153 11.52 -27.27 -28.80
C GLU A 153 12.10 -27.40 -27.39
N LEU A 154 11.26 -27.17 -26.37
CA LEU A 154 11.67 -26.97 -24.95
C LEU A 154 11.64 -28.30 -24.18
N GLY A 155 11.04 -29.36 -24.73
CA GLY A 155 10.88 -30.66 -24.06
C GLY A 155 10.01 -30.55 -22.81
N ILE A 156 8.77 -30.09 -22.98
CA ILE A 156 7.73 -30.02 -21.91
C ILE A 156 6.42 -30.57 -22.45
N ASP A 157 5.40 -30.68 -21.58
CA ASP A 157 4.00 -31.06 -21.91
C ASP A 157 3.37 -29.96 -22.79
N LEU A 158 2.28 -30.30 -23.50
CA LEU A 158 1.47 -29.37 -24.34
C LEU A 158 0.74 -28.36 -23.45
N ARG A 159 0.20 -28.81 -22.32
CA ARG A 159 -0.49 -27.93 -21.33
C ARG A 159 0.53 -26.92 -20.78
N GLN A 160 1.73 -27.39 -20.43
CA GLN A 160 2.84 -26.56 -19.88
C GLN A 160 3.23 -25.53 -20.95
N ALA A 161 3.28 -25.97 -22.21
CA ALA A 161 3.71 -25.18 -23.39
C ALA A 161 2.65 -24.13 -23.71
N ALA A 162 1.37 -24.43 -23.42
CA ALA A 162 0.19 -23.55 -23.64
C ALA A 162 0.02 -22.59 -22.46
N THR A 163 1.14 -22.12 -21.88
CA THR A 163 1.19 -21.12 -20.78
C THR A 163 1.24 -19.72 -21.40
N ARG A 164 0.23 -18.90 -21.18
CA ARG A 164 0.14 -17.59 -21.89
C ARG A 164 -0.26 -16.46 -20.95
N VAL A 165 -0.52 -16.74 -19.68
CA VAL A 165 -1.05 -15.74 -18.73
C VAL A 165 0.10 -15.31 -17.81
N PHE A 166 0.65 -14.11 -18.08
CA PHE A 166 1.90 -13.59 -17.46
C PHE A 166 1.59 -12.30 -16.69
N THR A 167 2.36 -12.04 -15.64
CA THR A 167 2.25 -10.81 -14.81
C THR A 167 3.56 -10.57 -14.07
N ASN A 168 3.52 -9.59 -13.17
CA ASN A 168 4.64 -9.27 -12.26
C ASN A 168 4.72 -10.37 -11.20
N ALA A 169 5.90 -10.50 -10.61
CA ALA A 169 6.12 -11.33 -9.40
C ALA A 169 5.06 -10.93 -8.37
N SER A 170 4.57 -11.91 -7.64
CA SER A 170 3.73 -11.70 -6.44
C SER A 170 4.35 -10.52 -5.66
N GLY A 171 3.54 -9.50 -5.40
CA GLY A 171 3.92 -8.29 -4.65
C GLY A 171 4.41 -7.15 -5.52
N SER A 172 4.74 -7.38 -6.81
CA SER A 172 5.45 -6.39 -7.68
C SER A 172 4.52 -5.73 -8.73
N TYR A 173 4.91 -4.55 -9.21
CA TYR A 173 4.18 -3.80 -10.26
C TYR A 173 5.13 -3.19 -11.30
N ALA A 174 4.77 -3.31 -12.58
CA ALA A 174 5.35 -2.50 -13.70
C ALA A 174 6.64 -3.15 -14.23
N ALA A 175 7.03 -2.76 -15.45
CA ALA A 175 8.26 -3.26 -16.10
C ALA A 175 9.46 -2.45 -15.60
N ASN A 176 9.22 -1.27 -14.99
CA ASN A 176 10.27 -0.30 -14.58
C ASN A 176 11.02 0.21 -15.83
N VAL A 177 10.43 0.05 -17.00
CA VAL A 177 10.82 0.76 -18.23
C VAL A 177 10.45 2.24 -18.06
N ASN A 178 9.27 2.56 -17.52
CA ASN A 178 8.89 3.96 -17.21
C ASN A 178 10.02 4.60 -16.41
N LEU A 179 10.45 3.95 -15.32
CA LEU A 179 11.49 4.50 -14.38
C LEU A 179 12.80 4.74 -15.14
N ALA A 180 13.25 3.77 -15.95
CA ALA A 180 14.46 3.88 -16.80
C ALA A 180 14.36 5.15 -17.67
N VAL A 181 13.20 5.41 -18.27
CA VAL A 181 13.07 6.52 -19.23
C VAL A 181 13.07 7.85 -18.46
N GLU A 182 12.30 7.89 -17.37
CA GLU A 182 12.19 9.11 -16.53
C GLU A 182 13.57 9.49 -15.99
N ASN A 183 14.46 8.51 -15.76
CA ASN A 183 15.76 8.72 -15.06
C ASN A 183 16.93 8.76 -16.03
N SER A 184 16.72 8.49 -17.33
CA SER A 184 17.69 8.57 -18.44
C SER A 184 18.90 7.66 -18.21
N SER A 185 18.70 6.67 -17.34
CA SER A 185 19.68 5.73 -16.74
C SER A 185 19.72 4.44 -17.56
N TRP A 186 20.01 4.58 -18.86
CA TRP A 186 20.13 3.47 -19.83
C TRP A 186 20.83 3.95 -21.10
N GLU A 187 21.54 3.04 -21.75
CA GLU A 187 22.34 3.32 -22.97
C GLU A 187 21.63 2.70 -24.18
N GLN A 188 21.43 1.38 -24.17
CA GLN A 188 20.85 0.67 -25.35
C GLN A 188 19.44 0.14 -25.01
N GLU A 189 18.59 0.05 -26.01
CA GLU A 189 17.21 -0.47 -25.87
C GLU A 189 17.25 -1.88 -25.24
N SER A 190 18.30 -2.67 -25.51
CA SER A 190 18.43 -4.02 -24.92
C SER A 190 18.22 -3.97 -23.40
N GLU A 191 18.65 -2.88 -22.76
CA GLU A 191 18.58 -2.79 -21.29
C GLU A 191 17.12 -2.64 -20.88
N LEU A 192 16.35 -1.84 -21.64
CA LEU A 192 14.90 -1.65 -21.31
C LEU A 192 14.22 -2.99 -21.49
N GLN A 193 14.57 -3.70 -22.56
CA GLN A 193 13.96 -4.99 -22.95
C GLN A 193 14.33 -6.03 -21.90
N ASP A 194 15.56 -5.99 -21.41
CA ASP A 194 16.00 -6.98 -20.38
C ASP A 194 15.16 -6.77 -19.12
N MET A 195 14.94 -5.50 -18.75
CA MET A 195 14.20 -5.11 -17.52
C MET A 195 12.77 -5.68 -17.61
N TYR A 196 12.11 -5.47 -18.75
CA TYR A 196 10.73 -5.97 -18.99
C TYR A 196 10.70 -7.51 -18.84
N LEU A 197 11.59 -8.23 -19.50
CA LEU A 197 11.60 -9.72 -19.50
C LEU A 197 11.90 -10.24 -18.11
N SER A 198 12.78 -9.57 -17.37
CA SER A 198 13.13 -9.93 -15.96
C SER A 198 11.93 -9.73 -15.01
N ARG A 199 11.01 -8.80 -15.29
CA ARG A 199 9.94 -8.42 -14.32
C ARG A 199 8.56 -8.99 -14.72
N LYS A 200 8.29 -9.28 -16.01
CA LYS A 200 6.92 -9.55 -16.49
C LYS A 200 6.76 -11.05 -16.82
N SER A 201 7.77 -11.88 -16.52
CA SER A 201 7.85 -13.28 -17.01
C SER A 201 7.31 -14.28 -15.98
N PHE A 202 6.42 -13.87 -15.07
CA PHE A 202 5.87 -14.74 -13.98
C PHE A 202 4.51 -15.26 -14.44
N ALA A 203 4.38 -16.59 -14.55
CA ALA A 203 3.24 -17.24 -15.23
C ALA A 203 2.18 -17.68 -14.21
N PHE A 204 0.90 -17.57 -14.58
CA PHE A 204 -0.22 -18.13 -13.77
C PHE A 204 -0.26 -19.64 -13.98
N SER A 205 -0.43 -20.44 -12.92
CA SER A 205 -0.57 -21.92 -13.03
C SER A 205 -1.33 -22.50 -11.84
N ALA A 206 -2.19 -23.51 -12.06
CA ALA A 206 -2.84 -24.35 -11.04
C ALA A 206 -1.90 -25.48 -10.59
N GLY A 210 -1.73 -18.94 -5.73
CA GLY A 210 -0.74 -18.80 -4.65
C GLY A 210 0.54 -18.10 -5.07
N THR A 211 1.23 -18.61 -6.08
CA THR A 211 2.54 -18.04 -6.52
C THR A 211 2.59 -17.97 -8.06
N MET A 212 3.04 -16.82 -8.57
CA MET A 212 3.45 -16.64 -9.98
C MET A 212 4.86 -17.22 -10.10
N GLN A 213 5.00 -18.33 -10.85
CA GLN A 213 6.31 -19.02 -11.08
C GLN A 213 7.01 -18.27 -12.21
N GLN A 214 8.28 -17.87 -12.01
CA GLN A 214 9.07 -17.26 -13.11
C GLN A 214 9.17 -18.32 -14.20
N ALA A 215 9.00 -17.92 -15.44
CA ALA A 215 9.00 -18.80 -16.62
C ALA A 215 9.55 -17.97 -17.79
N ARG A 216 10.79 -17.48 -17.69
CA ARG A 216 11.35 -16.44 -18.60
C ARG A 216 11.49 -17.08 -19.99
N GLU A 217 12.08 -18.27 -20.07
CA GLU A 217 12.37 -18.94 -21.37
C GLU A 217 11.07 -19.20 -22.15
N LEU A 218 9.99 -19.57 -21.47
CA LEU A 218 8.67 -19.79 -22.11
C LEU A 218 8.06 -18.43 -22.49
N PHE A 219 8.36 -17.38 -21.73
CA PHE A 219 7.78 -16.03 -21.98
C PHE A 219 8.42 -15.48 -23.26
N GLU A 220 9.74 -15.64 -23.36
CA GLU A 220 10.52 -15.24 -24.57
C GLU A 220 10.02 -16.04 -25.78
N THR A 221 9.87 -17.38 -25.64
CA THR A 221 9.46 -18.29 -26.74
C THR A 221 8.13 -17.82 -27.33
N ALA A 222 7.12 -17.58 -26.49
CA ALA A 222 5.75 -17.11 -26.86
C ALA A 222 5.86 -15.72 -27.46
N LEU A 223 6.72 -14.87 -26.90
CA LEU A 223 6.88 -13.47 -27.38
C LEU A 223 7.43 -13.47 -28.82
N LYS A 224 8.31 -14.42 -29.17
CA LYS A 224 8.93 -14.48 -30.54
C LYS A 224 7.84 -14.79 -31.57
N THR A 225 6.68 -15.32 -31.15
CA THR A 225 5.59 -15.66 -32.10
C THR A 225 4.65 -14.47 -32.36
N VAL A 226 4.76 -13.41 -31.57
CA VAL A 226 3.89 -12.18 -31.68
C VAL A 226 4.08 -11.48 -33.04
N ASP A 227 2.94 -11.26 -33.71
CA ASP A 227 2.79 -10.49 -34.99
C ASP A 227 2.13 -9.13 -34.72
N VAL A 228 1.38 -8.98 -33.62
CA VAL A 228 0.61 -7.75 -33.28
C VAL A 228 0.80 -7.45 -31.81
N THR A 229 0.89 -6.17 -31.46
CA THR A 229 0.78 -5.73 -30.04
C THR A 229 -0.46 -4.86 -29.94
N PHE A 230 -1.07 -4.86 -28.76
CA PHE A 230 -2.42 -4.29 -28.60
C PHE A 230 -2.66 -3.87 -27.16
N GLN A 231 -3.30 -2.72 -26.97
CA GLN A 231 -3.77 -2.25 -25.66
C GLN A 231 -5.11 -1.55 -25.88
N ASN A 232 -5.97 -1.55 -24.86
CA ASN A 232 -7.17 -0.69 -24.72
C ASN A 232 -6.86 0.47 -23.78
N LEU A 233 -7.34 1.64 -24.15
CA LEU A 233 -7.15 2.93 -23.44
C LEU A 233 -8.35 3.83 -23.78
N ASP A 234 -8.71 4.73 -22.87
CA ASP A 234 -9.70 5.80 -23.10
C ASP A 234 -8.92 7.12 -23.14
N SER A 235 -8.60 7.58 -24.35
CA SER A 235 -7.81 8.82 -24.63
C SER A 235 -8.49 10.04 -24.03
N SER A 236 -9.81 9.98 -23.83
CA SER A 236 -10.62 11.06 -23.21
C SER A 236 -10.30 11.19 -21.71
N GLU A 237 -9.88 10.11 -21.04
CA GLU A 237 -9.62 10.07 -19.57
C GLU A 237 -8.11 10.08 -19.30
N ILE A 238 -7.39 9.06 -19.76
CA ILE A 238 -5.92 8.92 -19.60
C ILE A 238 -5.38 8.54 -20.98
N SER A 239 -4.79 9.52 -21.65
CA SER A 239 -4.19 9.34 -22.99
C SER A 239 -2.85 8.59 -22.86
N LEU A 240 -2.36 8.18 -24.04
CA LEU A 240 -1.12 7.39 -24.28
C LEU A 240 0.07 8.13 -23.65
N THR A 241 -0.01 9.45 -23.54
CA THR A 241 1.10 10.28 -22.99
C THR A 241 0.76 11.00 -21.69
N ASP A 242 -0.41 10.80 -21.10
CA ASP A 242 -0.77 11.42 -19.79
C ASP A 242 0.08 10.78 -18.67
N VAL A 243 0.51 9.53 -18.87
CA VAL A 243 1.15 8.64 -17.86
C VAL A 243 2.19 7.79 -18.59
N SER A 244 3.12 7.20 -17.86
CA SER A 244 4.20 6.36 -18.41
C SER A 244 3.82 4.87 -18.49
N HIS A 245 2.64 4.50 -17.98
CA HIS A 245 2.33 3.09 -17.64
C HIS A 245 2.05 2.32 -18.93
N TYR A 246 1.58 3.03 -19.95
CA TYR A 246 1.24 2.38 -21.22
C TYR A 246 2.51 2.03 -21.97
N PHE A 247 3.48 2.95 -22.15
CA PHE A 247 4.72 2.58 -22.87
C PHE A 247 5.54 1.63 -21.98
N ASP A 248 5.42 1.74 -20.65
CA ASP A 248 6.08 0.81 -19.68
C ASP A 248 5.80 -0.65 -20.06
N SER A 249 4.54 -0.93 -20.44
CA SER A 249 3.97 -2.27 -20.72
C SER A 249 4.08 -2.64 -22.22
N ASP A 250 4.68 -1.78 -23.06
CA ASP A 250 4.69 -1.98 -24.54
C ASP A 250 5.88 -2.86 -24.91
N PRO A 251 5.64 -4.08 -25.45
CA PRO A 251 6.69 -5.00 -25.92
C PRO A 251 6.96 -4.92 -27.44
N THR A 252 6.57 -3.83 -28.10
CA THR A 252 6.64 -3.72 -29.58
C THR A 252 8.10 -3.94 -30.04
N LYS A 253 9.04 -3.08 -29.67
CA LYS A 253 10.48 -3.25 -30.03
C LYS A 253 11.07 -4.52 -29.40
N LEU A 254 10.60 -4.95 -28.22
CA LEU A 254 11.10 -6.17 -27.52
C LEU A 254 10.91 -7.39 -28.45
N VAL A 255 9.72 -7.53 -29.01
CA VAL A 255 9.36 -8.67 -29.89
C VAL A 255 10.35 -8.69 -31.08
N ALA A 256 10.59 -7.55 -31.73
CA ALA A 256 11.56 -7.43 -32.85
C ALA A 256 12.93 -7.95 -32.40
N ALA A 257 13.38 -7.49 -31.23
CA ALA A 257 14.73 -7.77 -30.70
C ALA A 257 14.86 -9.26 -30.39
N LEU A 258 13.79 -9.93 -29.95
CA LEU A 258 13.83 -11.38 -29.58
C LEU A 258 13.78 -12.26 -30.83
N ARG A 259 12.92 -11.92 -31.79
CA ARG A 259 12.57 -12.73 -32.99
C ARG A 259 13.84 -13.00 -33.81
N GLY A 260 14.00 -14.23 -34.31
CA GLY A 260 15.03 -14.62 -35.28
C GLY A 260 15.04 -13.72 -36.51
N ASP A 261 13.86 -13.32 -37.00
CA ASP A 261 13.71 -12.55 -38.26
C ASP A 261 13.70 -11.04 -37.98
N GLY A 262 13.85 -10.64 -36.71
CA GLY A 262 13.86 -9.23 -36.27
C GLY A 262 12.62 -8.42 -36.67
N LYS A 263 11.51 -9.09 -36.99
CA LYS A 263 10.28 -8.42 -37.49
C LYS A 263 9.52 -7.74 -36.35
N GLN A 264 9.44 -6.40 -36.36
CA GLN A 264 8.63 -5.63 -35.37
C GLN A 264 7.14 -5.88 -35.62
N PRO A 265 6.37 -6.33 -34.62
CA PRO A 265 4.93 -6.58 -34.82
C PRO A 265 4.18 -5.26 -35.07
N LYS A 266 3.06 -5.35 -35.80
CA LYS A 266 2.18 -4.18 -35.99
C LYS A 266 1.58 -3.86 -34.64
N ALA A 267 1.46 -2.58 -34.32
CA ALA A 267 0.93 -2.21 -32.99
C ALA A 267 -0.35 -1.42 -33.14
N TYR A 268 -1.34 -1.75 -32.31
CA TYR A 268 -2.63 -1.04 -32.30
C TYR A 268 -3.04 -0.66 -30.86
N ILE A 269 -3.93 0.34 -30.80
CA ILE A 269 -4.59 0.87 -29.57
C ILE A 269 -6.08 0.94 -29.90
N ALA A 270 -6.90 0.26 -29.12
CA ALA A 270 -8.37 0.49 -29.15
C ALA A 270 -8.63 1.69 -28.25
N ASP A 271 -9.11 2.81 -28.78
CA ASP A 271 -9.52 4.00 -27.98
C ASP A 271 -10.99 3.80 -27.58
N THR A 272 -11.23 3.61 -26.27
CA THR A 272 -12.58 3.33 -25.73
C THR A 272 -13.32 4.63 -25.39
N THR A 273 -12.85 5.80 -25.84
CA THR A 273 -13.51 7.12 -25.61
C THR A 273 -15.01 6.96 -25.87
N THR A 274 -15.35 6.50 -27.08
CA THR A 274 -16.74 6.33 -27.59
C THR A 274 -17.27 4.97 -27.07
N VAL A 279 -10.30 1.45 -33.09
CA VAL A 279 -9.01 0.71 -33.25
C VAL A 279 -8.12 1.43 -34.27
N ARG A 280 -6.97 1.92 -33.80
CA ARG A 280 -6.00 2.69 -34.62
C ARG A 280 -4.66 1.99 -34.49
N THR A 281 -3.72 2.23 -35.41
CA THR A 281 -2.29 1.92 -35.14
C THR A 281 -1.78 2.77 -33.97
N LEU A 282 -0.79 2.25 -33.27
CA LEU A 282 -0.08 3.06 -32.25
C LEU A 282 0.43 4.38 -32.88
N SER A 283 1.03 4.34 -34.07
CA SER A 283 1.54 5.53 -34.82
C SER A 283 0.43 6.59 -34.93
N GLU A 284 -0.74 6.20 -35.43
CA GLU A 284 -1.95 7.05 -35.59
C GLU A 284 -2.32 7.67 -34.23
N THR A 285 -2.30 6.86 -33.16
CA THR A 285 -2.71 7.25 -31.79
C THR A 285 -1.71 8.28 -31.26
N VAL A 286 -0.41 8.05 -31.45
CA VAL A 286 0.64 9.04 -31.03
C VAL A 286 0.42 10.36 -31.78
N ARG A 287 0.16 10.32 -33.07
CA ARG A 287 -0.02 11.57 -33.86
C ARG A 287 -1.24 12.32 -33.32
N LEU A 288 -2.37 11.65 -33.08
CA LEU A 288 -3.59 12.29 -32.56
C LEU A 288 -3.28 12.92 -31.20
N ASP A 289 -2.65 12.16 -30.29
CA ASP A 289 -2.35 12.67 -28.91
C ASP A 289 -1.42 13.90 -29.01
N SER A 290 -0.42 13.87 -29.88
CA SER A 290 0.61 14.94 -29.96
C SER A 290 -0.03 16.24 -30.42
N ARG A 291 -0.97 16.13 -31.35
CA ARG A 291 -1.56 17.35 -31.95
C ARG A 291 -2.63 17.87 -30.99
N THR A 292 -3.22 16.97 -30.19
CA THR A 292 -4.30 17.26 -29.19
C THR A 292 -3.68 17.84 -27.92
N LYS A 293 -2.52 17.30 -27.48
CA LYS A 293 -1.89 17.62 -26.17
C LYS A 293 -0.59 18.41 -26.38
N LEU A 294 0.58 17.75 -26.50
CA LEU A 294 1.92 18.41 -26.45
C LEU A 294 2.02 19.61 -27.41
N LEU A 295 1.52 19.52 -28.65
CA LEU A 295 1.68 20.56 -29.71
C LEU A 295 0.50 21.54 -29.78
N ASN A 296 -0.57 21.26 -29.03
CA ASN A 296 -1.83 22.04 -29.12
C ASN A 296 -1.76 23.23 -28.17
N PRO A 297 -1.85 24.48 -28.72
CA PRO A 297 -1.93 25.67 -27.87
C PRO A 297 -2.97 25.66 -26.75
N LYS A 298 -4.19 25.19 -27.01
CA LYS A 298 -5.28 25.07 -26.00
C LYS A 298 -4.69 24.27 -24.82
N TRP A 299 -3.98 23.17 -25.11
CA TRP A 299 -3.47 22.28 -24.04
C TRP A 299 -2.33 22.95 -23.30
N TYR A 300 -1.29 23.43 -23.98
CA TYR A 300 -0.08 23.87 -23.23
C TYR A 300 -0.34 25.24 -22.56
N GLU A 301 -1.21 26.06 -23.12
CA GLU A 301 -1.62 27.35 -22.49
C GLU A 301 -2.45 27.03 -21.24
N GLY A 302 -3.23 25.96 -21.32
CA GLY A 302 -4.09 25.48 -20.23
C GLY A 302 -3.20 25.07 -19.08
N MET A 303 -2.08 24.42 -19.40
CA MET A 303 -1.09 23.97 -18.39
C MET A 303 -0.35 25.18 -17.82
N LEU A 304 0.02 26.15 -18.64
CA LEU A 304 0.89 27.25 -18.17
C LEU A 304 0.09 28.19 -17.25
N ALA A 305 -1.24 28.14 -17.34
CA ALA A 305 -2.14 28.87 -16.44
C ALA A 305 -1.91 28.45 -14.97
N HIS A 306 -1.41 27.23 -14.73
CA HIS A 306 -1.09 26.74 -13.36
C HIS A 306 0.25 27.29 -12.86
N GLY A 307 1.04 27.86 -13.75
CA GLY A 307 2.41 28.34 -13.48
C GLY A 307 3.41 27.20 -13.34
N TYR A 308 4.12 27.16 -12.22
CA TYR A 308 5.33 26.32 -11.99
C TYR A 308 4.95 24.89 -12.35
N GLU A 309 3.83 24.38 -11.83
CA GLU A 309 3.39 22.98 -12.08
C GLU A 309 3.17 22.78 -13.58
N GLY A 310 2.74 23.82 -14.28
CA GLY A 310 2.34 23.72 -15.70
C GLY A 310 3.51 23.34 -16.57
N VAL A 311 4.69 23.90 -16.29
CA VAL A 311 5.92 23.63 -17.08
C VAL A 311 6.34 22.19 -16.79
N ARG A 312 6.16 21.71 -15.55
CA ARG A 312 6.41 20.29 -15.19
C ARG A 312 5.58 19.39 -16.10
N GLU A 313 4.29 19.72 -16.28
CA GLU A 313 3.35 18.90 -17.07
C GLU A 313 3.82 18.81 -18.51
N ILE A 314 4.32 19.93 -19.04
CA ILE A 314 4.84 19.95 -20.44
C ILE A 314 6.06 19.04 -20.53
N SER A 315 7.02 19.18 -19.61
CA SER A 315 8.24 18.33 -19.57
C SER A 315 7.87 16.84 -19.48
N LYS A 316 6.88 16.52 -18.65
CA LYS A 316 6.39 15.13 -18.43
C LYS A 316 5.83 14.57 -19.74
N ARG A 317 5.14 15.42 -20.48
CA ARG A 317 4.50 15.02 -21.76
C ARG A 317 5.61 14.61 -22.74
N LEU A 318 6.69 15.41 -22.77
CA LEU A 318 7.79 15.17 -23.74
C LEU A 318 8.50 13.87 -23.36
N VAL A 319 8.68 13.63 -22.07
CA VAL A 319 9.31 12.38 -21.54
C VAL A 319 8.43 11.18 -21.93
N ASN A 320 7.11 11.26 -21.74
CA ASN A 320 6.22 10.11 -22.06
C ASN A 320 6.22 9.86 -23.57
N THR A 321 6.37 10.92 -24.38
CA THR A 321 6.47 10.78 -25.85
C THR A 321 7.76 10.01 -26.20
N MET A 322 8.89 10.42 -25.64
CA MET A 322 10.19 9.70 -25.74
C MET A 322 10.04 8.22 -25.33
N GLY A 323 9.28 7.90 -24.28
CA GLY A 323 8.96 6.52 -23.88
C GLY A 323 8.44 5.68 -25.05
N TRP A 324 7.53 6.23 -25.84
CA TRP A 324 6.96 5.55 -27.03
C TRP A 324 8.01 5.39 -28.13
N SER A 325 8.97 6.32 -28.23
CA SER A 325 10.13 6.16 -29.15
C SER A 325 10.96 4.96 -28.67
N ALA A 326 11.14 4.86 -27.35
CA ALA A 326 12.00 3.80 -26.75
C ALA A 326 11.38 2.41 -26.93
N THR A 327 10.06 2.26 -26.78
CA THR A 327 9.39 0.93 -26.73
C THR A 327 8.89 0.49 -28.13
N ALA A 328 8.65 1.43 -29.05
CA ALA A 328 7.86 1.20 -30.29
C ALA A 328 8.45 1.91 -31.54
N GLY A 329 9.30 2.95 -31.39
CA GLY A 329 9.67 3.89 -32.47
C GLY A 329 8.45 4.53 -33.15
N ALA A 330 7.38 4.72 -32.36
CA ALA A 330 6.03 5.12 -32.78
C ALA A 330 5.94 6.63 -32.95
N VAL A 331 7.00 7.39 -32.63
CA VAL A 331 6.90 8.88 -32.73
C VAL A 331 7.64 9.40 -33.96
N ASP A 332 6.89 10.02 -34.87
CA ASP A 332 7.41 10.62 -36.11
C ASP A 332 8.36 11.77 -35.78
N ASN A 333 9.35 11.98 -36.64
CA ASN A 333 10.42 12.95 -36.33
C ASN A 333 9.75 14.33 -36.25
N TRP A 334 8.70 14.56 -37.04
CA TRP A 334 8.02 15.88 -37.14
C TRP A 334 7.43 16.27 -35.78
N VAL A 335 7.03 15.31 -34.95
CA VAL A 335 6.52 15.61 -33.58
C VAL A 335 7.59 16.30 -32.76
N TYR A 336 8.82 15.77 -32.75
CA TYR A 336 9.94 16.37 -31.98
C TYR A 336 10.36 17.71 -32.61
N GLU A 337 10.44 17.79 -33.94
CA GLU A 337 10.75 19.06 -34.64
C GLU A 337 9.71 20.13 -34.24
N GLU A 338 8.42 19.82 -34.35
CA GLU A 338 7.35 20.77 -33.91
C GLU A 338 7.47 21.16 -32.43
N ALA A 339 7.74 20.22 -31.52
CA ALA A 339 7.85 20.53 -30.07
C ALA A 339 9.01 21.51 -29.83
N ASN A 340 10.15 21.24 -30.47
CA ASN A 340 11.34 22.12 -30.48
C ASN A 340 10.94 23.51 -31.03
N ALA A 341 10.22 23.62 -32.14
CA ALA A 341 9.81 24.92 -32.75
C ALA A 341 8.91 25.69 -31.80
N THR A 342 7.99 24.97 -31.15
CA THR A 342 6.95 25.55 -30.27
C THR A 342 7.62 26.08 -28.98
N PHE A 343 8.45 25.29 -28.28
CA PHE A 343 8.91 25.56 -26.89
C PHE A 343 10.33 26.14 -26.82
N ILE A 344 11.17 25.98 -27.86
CA ILE A 344 12.61 26.37 -27.82
C ILE A 344 12.85 27.48 -28.86
N LEU A 345 12.47 27.28 -30.14
CA LEU A 345 12.82 28.26 -31.22
C LEU A 345 12.08 29.59 -31.01
N ASP A 346 10.83 29.55 -30.53
CA ASP A 346 10.01 30.74 -30.23
C ASP A 346 10.56 31.35 -28.94
N GLU A 347 11.34 32.43 -29.06
CA GLU A 347 12.04 33.11 -27.95
C GLU A 347 11.02 33.51 -26.88
N GLN A 348 9.83 33.98 -27.27
CA GLN A 348 8.78 34.42 -26.29
C GLN A 348 8.35 33.25 -25.41
N MET A 349 8.01 32.12 -26.01
CA MET A 349 7.54 30.93 -25.25
C MET A 349 8.69 30.35 -24.43
N ARG A 350 9.88 30.24 -25.01
CA ARG A 350 11.08 29.75 -24.30
C ARG A 350 11.26 30.57 -23.01
N GLN A 351 11.15 31.89 -23.08
CA GLN A 351 11.43 32.80 -21.95
C GLN A 351 10.38 32.58 -20.87
N ARG A 352 9.14 32.35 -21.27
CA ARG A 352 8.00 32.08 -20.33
C ARG A 352 8.30 30.77 -19.58
N LEU A 353 8.65 29.69 -20.28
CA LEU A 353 9.07 28.41 -19.65
C LEU A 353 10.25 28.67 -18.70
N LEU A 354 11.31 29.32 -19.20
CA LEU A 354 12.56 29.54 -18.44
C LEU A 354 12.23 30.36 -17.19
N ASN A 355 11.32 31.34 -17.30
CA ASN A 355 11.04 32.28 -16.19
C ASN A 355 10.12 31.61 -15.15
N THR A 356 9.16 30.78 -15.58
CA THR A 356 8.12 30.16 -14.71
C THR A 356 8.72 28.97 -13.95
N ASN A 357 9.57 28.21 -14.63
CA ASN A 357 10.08 26.93 -14.06
C ASN A 357 11.41 26.60 -14.72
N PRO A 358 12.51 27.16 -14.19
CA PRO A 358 13.86 26.88 -14.68
C PRO A 358 14.18 25.37 -14.60
N HIS A 359 13.71 24.71 -13.55
CA HIS A 359 14.05 23.29 -13.31
C HIS A 359 13.41 22.40 -14.39
N SER A 360 12.10 22.55 -14.67
CA SER A 360 11.40 21.78 -15.74
C SER A 360 11.86 22.25 -17.13
N PHE A 361 12.27 23.52 -17.31
CA PHE A 361 12.85 24.03 -18.58
C PHE A 361 14.16 23.30 -18.84
N ARG A 362 15.03 23.19 -17.83
CA ARG A 362 16.30 22.41 -17.93
C ARG A 362 15.99 20.95 -18.34
N LYS A 363 15.00 20.32 -17.73
CA LYS A 363 14.62 18.93 -18.08
C LYS A 363 14.24 18.85 -19.56
N MET A 364 13.41 19.79 -20.04
CA MET A 364 12.92 19.85 -21.44
C MET A 364 14.10 19.97 -22.40
N VAL A 365 15.02 20.88 -22.11
CA VAL A 365 16.26 21.10 -22.91
C VAL A 365 17.06 19.78 -22.88
N SER A 366 17.26 19.17 -21.69
CA SER A 366 17.92 17.85 -21.54
C SER A 366 17.24 16.81 -22.44
N THR A 367 15.90 16.71 -22.37
CA THR A 367 15.08 15.73 -23.13
C THR A 367 15.23 15.93 -24.65
N PHE A 368 15.28 17.17 -25.15
CA PHE A 368 15.53 17.44 -26.59
C PHE A 368 16.91 16.91 -26.97
N LEU A 369 17.94 17.19 -26.17
CA LEU A 369 19.34 16.76 -26.48
C LEU A 369 19.44 15.22 -26.39
N GLU A 370 18.80 14.60 -25.40
CA GLU A 370 18.74 13.12 -25.25
C GLU A 370 18.07 12.46 -26.47
N LEU A 371 16.92 12.97 -26.89
CA LEU A 371 16.23 12.50 -28.11
C LEU A 371 17.18 12.52 -29.31
N HIS A 372 17.95 13.60 -29.50
CA HIS A 372 18.96 13.62 -30.61
C HIS A 372 20.03 12.56 -30.31
N GLY A 373 20.52 12.53 -29.07
CA GLY A 373 21.55 11.58 -28.60
C GLY A 373 21.17 10.13 -28.88
N ARG A 374 19.89 9.79 -28.81
CA ARG A 374 19.40 8.39 -28.95
C ARG A 374 18.91 8.12 -30.36
N GLY A 375 18.98 9.10 -31.27
CA GLY A 375 18.61 8.90 -32.69
C GLY A 375 17.11 8.90 -32.91
N TYR A 376 16.32 9.30 -31.90
CA TYR A 376 14.83 9.45 -32.01
C TYR A 376 14.39 10.76 -32.65
N TRP A 377 15.28 11.74 -32.73
CA TRP A 377 15.01 13.06 -33.31
C TRP A 377 16.21 13.47 -34.16
N GLU A 378 15.99 13.66 -35.46
CA GLU A 378 16.99 14.28 -36.37
C GLU A 378 16.64 15.76 -36.59
N THR A 379 17.62 16.64 -36.37
CA THR A 379 17.42 18.11 -36.45
C THR A 379 18.72 18.76 -36.89
N SER A 380 18.66 20.07 -37.15
CA SER A 380 19.79 20.89 -37.64
C SER A 380 20.87 21.04 -36.56
N GLU A 381 22.13 21.18 -36.98
CA GLU A 381 23.25 21.64 -36.11
C GLU A 381 22.81 22.87 -35.33
N ALA A 382 22.22 23.85 -36.05
CA ALA A 382 21.73 25.13 -35.50
C ALA A 382 20.89 24.88 -34.24
N ASN A 383 19.95 23.93 -34.31
CA ASN A 383 18.93 23.65 -33.24
C ASN A 383 19.66 23.09 -32.01
N LEU A 384 20.66 22.23 -32.26
CA LEU A 384 21.42 21.48 -31.21
C LEU A 384 22.35 22.45 -30.47
N GLU A 385 23.12 23.23 -31.23
CA GLU A 385 23.98 24.33 -30.72
C GLU A 385 23.14 25.21 -29.79
N LEU A 386 21.97 25.60 -30.27
CA LEU A 386 21.09 26.45 -29.44
C LEU A 386 20.71 25.67 -28.16
N LEU A 387 20.30 24.39 -28.25
CA LEU A 387 19.89 23.61 -27.05
C LEU A 387 21.08 23.55 -26.07
N ARG A 388 22.28 23.23 -26.55
CA ARG A 388 23.49 23.19 -25.68
C ARG A 388 23.68 24.57 -25.04
N GLN A 389 23.58 25.63 -25.83
CA GLN A 389 23.77 27.05 -25.38
C GLN A 389 22.77 27.28 -24.26
N LEU A 390 21.50 26.91 -24.49
CA LEU A 390 20.40 27.10 -23.50
C LEU A 390 20.59 26.16 -22.30
N TYR A 391 21.19 24.97 -22.49
CA TYR A 391 21.48 24.06 -21.36
C TYR A 391 22.44 24.76 -20.38
N GLN A 392 23.50 25.37 -20.93
CA GLN A 392 24.49 26.18 -20.16
C GLN A 392 23.76 27.30 -19.41
N GLU A 393 22.90 28.07 -20.09
CA GLU A 393 22.31 29.33 -19.53
C GLU A 393 21.40 29.01 -18.33
N VAL A 394 20.55 27.98 -18.36
CA VAL A 394 19.59 27.66 -17.24
C VAL A 394 20.35 27.07 -16.03
N GLU A 395 21.37 26.23 -16.27
CA GLU A 395 22.28 25.73 -15.19
C GLU A 395 22.93 26.93 -14.49
N ASP A 396 23.52 27.84 -15.27
CA ASP A 396 24.14 29.11 -14.79
C ASP A 396 23.15 29.91 -13.95
N LYS A 397 21.86 29.94 -14.34
CA LYS A 397 20.78 30.65 -13.61
C LYS A 397 20.35 29.84 -12.38
N ILE A 398 20.25 28.52 -12.49
CA ILE A 398 19.80 27.62 -11.38
C ILE A 398 20.80 27.77 -10.23
N GLU A 399 22.10 27.72 -10.55
CA GLU A 399 23.22 27.86 -9.57
C GLU A 399 23.27 29.30 -9.05
N GLY A 400 22.78 30.26 -9.85
CA GLY A 400 22.62 31.68 -9.50
C GLY A 400 22.01 31.88 -8.12
N VAL A 401 20.77 31.43 -7.92
CA VAL A 401 19.99 31.61 -6.66
C VAL A 401 20.48 30.62 -5.60
N GLU A 402 20.94 29.42 -6.02
CA GLU A 402 21.24 28.28 -5.13
C GLU A 402 22.67 28.40 -4.58
N ASP B 15 5.76 -19.79 -0.89
CA ASP B 15 4.47 -20.26 -1.51
C ASP B 15 3.48 -20.52 -0.37
N PRO B 16 2.31 -19.86 -0.33
CA PRO B 16 1.35 -20.10 0.76
C PRO B 16 0.98 -21.58 0.87
N GLN B 17 1.10 -22.30 -0.26
CA GLN B 17 0.76 -23.72 -0.44
C GLN B 17 1.66 -24.60 0.45
N ALA B 18 2.84 -24.12 0.84
CA ALA B 18 3.84 -24.87 1.61
C ALA B 18 3.41 -25.17 3.06
N ILE B 19 2.38 -24.46 3.61
CA ILE B 19 2.05 -24.54 5.06
C ILE B 19 0.80 -25.38 5.27
N PRO B 20 0.68 -26.09 6.42
CA PRO B 20 1.71 -26.10 7.46
C PRO B 20 2.68 -27.26 7.18
N THR B 21 3.96 -27.08 7.50
CA THR B 21 4.97 -28.16 7.37
C THR B 21 4.82 -29.15 8.53
N ALA B 22 5.43 -30.33 8.40
CA ALA B 22 5.50 -31.37 9.46
C ALA B 22 6.02 -30.78 10.78
N ALA B 23 7.05 -29.93 10.71
CA ALA B 23 7.68 -29.28 11.89
C ALA B 23 6.62 -28.42 12.59
N ALA B 24 5.93 -27.59 11.81
CA ALA B 24 4.86 -26.66 12.25
C ALA B 24 3.70 -27.44 12.90
N VAL B 25 3.26 -28.55 12.28
CA VAL B 25 2.22 -29.48 12.83
C VAL B 25 2.72 -30.04 14.18
N GLN B 26 3.96 -30.51 14.24
CA GLN B 26 4.54 -31.09 15.48
C GLN B 26 4.54 -30.02 16.58
N SER B 27 4.97 -28.79 16.29
CA SER B 27 5.01 -27.69 17.29
C SER B 27 3.60 -27.29 17.69
N ALA B 28 2.67 -27.30 16.74
CA ALA B 28 1.26 -26.89 16.99
C ALA B 28 0.62 -27.91 17.94
N LYS B 29 0.93 -29.20 17.80
CA LYS B 29 0.37 -30.26 18.69
C LYS B 29 0.78 -29.99 20.14
N VAL B 30 2.05 -29.68 20.40
CA VAL B 30 2.56 -29.41 21.80
C VAL B 30 1.81 -28.21 22.41
N VAL B 31 1.68 -27.14 21.65
CA VAL B 31 0.96 -25.92 22.10
C VAL B 31 -0.52 -26.20 22.36
N VAL B 32 -1.17 -26.96 21.47
CA VAL B 32 -2.63 -27.23 21.56
C VAL B 32 -2.86 -28.11 22.80
N ASP B 33 -2.02 -29.13 23.05
CA ASP B 33 -2.23 -29.97 24.25
C ASP B 33 -1.95 -29.20 25.54
N ARG B 34 -0.99 -28.27 25.49
CA ARG B 34 -0.61 -27.46 26.67
C ARG B 34 -1.83 -26.59 26.98
N LEU B 35 -2.40 -25.95 25.95
CA LEU B 35 -3.56 -25.05 26.12
C LEU B 35 -4.73 -25.82 26.79
N LEU B 36 -5.17 -26.93 26.22
CA LEU B 36 -6.37 -27.66 26.69
C LEU B 36 -6.02 -28.24 28.06
N ALA B 37 -4.78 -28.68 28.27
CA ALA B 37 -4.34 -29.20 29.58
C ALA B 37 -4.57 -28.14 30.69
N ARG B 38 -4.15 -26.91 30.42
CA ARG B 38 -4.31 -25.80 31.38
C ARG B 38 -5.79 -25.49 31.57
N GLN B 39 -6.55 -25.46 30.49
CA GLN B 39 -8.01 -25.13 30.53
C GLN B 39 -8.79 -26.18 31.32
N THR B 40 -8.56 -27.47 31.09
CA THR B 40 -9.32 -28.53 31.79
C THR B 40 -8.93 -28.53 33.28
N ALA B 41 -7.67 -28.27 33.60
CA ALA B 41 -7.15 -28.33 34.98
C ALA B 41 -7.91 -27.30 35.83
N GLU B 42 -8.24 -26.16 35.22
CA GLU B 42 -8.72 -24.96 35.95
C GLU B 42 -10.25 -24.87 35.88
N ASN B 43 -10.90 -25.72 35.06
CA ASN B 43 -12.37 -25.73 34.87
C ASN B 43 -12.97 -27.13 35.12
N ASN B 44 -12.80 -27.66 36.35
CA ASN B 44 -13.30 -28.99 36.82
C ASN B 44 -13.15 -30.05 35.72
N ASN B 45 -12.04 -29.98 34.99
CA ASN B 45 -11.61 -30.98 33.99
C ASN B 45 -12.59 -30.98 32.80
N GLN B 46 -13.24 -29.84 32.53
CA GLN B 46 -14.22 -29.69 31.42
C GLN B 46 -13.53 -29.19 30.15
N TRP B 47 -13.66 -29.94 29.04
CA TRP B 47 -13.14 -29.56 27.70
C TRP B 47 -13.82 -28.27 27.29
N PRO B 48 -13.11 -27.32 26.65
CA PRO B 48 -13.77 -26.11 26.18
C PRO B 48 -14.62 -26.47 24.96
N GLU B 49 -15.74 -25.76 24.77
CA GLU B 49 -16.68 -25.91 23.66
C GLU B 49 -16.03 -25.34 22.39
N THR B 50 -15.57 -24.09 22.52
CA THR B 50 -15.06 -23.24 21.41
C THR B 50 -13.93 -22.32 21.89
N ILE B 51 -12.90 -22.26 21.07
CA ILE B 51 -11.74 -21.36 21.22
C ILE B 51 -11.91 -20.27 20.16
N ALA B 52 -11.84 -18.99 20.54
CA ALA B 52 -11.72 -17.90 19.55
C ALA B 52 -10.23 -17.62 19.43
N MET B 53 -9.74 -17.68 18.21
CA MET B 53 -8.32 -17.38 18.03
C MET B 53 -8.02 -16.62 16.76
N VAL B 54 -6.92 -15.91 16.86
CA VAL B 54 -6.45 -15.00 15.78
C VAL B 54 -5.46 -15.79 14.95
N LEU B 55 -5.50 -15.65 13.61
CA LEU B 55 -4.41 -16.06 12.68
C LEU B 55 -3.75 -14.81 12.08
N TRP B 56 -2.49 -14.58 12.44
CA TRP B 56 -1.60 -13.49 11.92
C TRP B 56 -0.86 -13.99 10.68
N GLY B 57 -0.80 -13.19 9.63
CA GLY B 57 -0.24 -13.62 8.33
C GLY B 57 1.26 -13.73 8.43
N THR B 58 1.91 -12.72 9.04
CA THR B 58 3.38 -12.57 9.10
C THR B 58 3.95 -13.71 9.97
N ASP B 59 3.25 -14.10 11.04
CA ASP B 59 3.68 -15.17 11.97
C ASP B 59 3.57 -16.53 11.27
N ASN B 60 2.51 -16.77 10.50
CA ASN B 60 2.37 -18.04 9.76
C ASN B 60 3.45 -18.16 8.66
N ILE B 61 3.91 -17.06 8.07
CA ILE B 61 5.07 -17.14 7.11
C ILE B 61 6.29 -17.64 7.89
N LYS B 62 6.63 -16.98 9.00
CA LYS B 62 7.89 -17.21 9.75
C LYS B 62 7.94 -18.62 10.34
N THR B 63 6.81 -19.19 10.77
CA THR B 63 6.76 -20.49 11.50
C THR B 63 6.32 -21.62 10.57
N TYR B 64 6.12 -21.33 9.28
CA TYR B 64 5.65 -22.31 8.27
C TYR B 64 4.30 -22.92 8.69
N GLY B 65 3.44 -22.12 9.33
CA GLY B 65 2.00 -22.44 9.52
C GLY B 65 1.67 -22.98 10.89
N GLU B 66 2.44 -22.64 11.92
CA GLU B 66 2.24 -23.18 13.29
C GLU B 66 0.83 -22.83 13.75
N SER B 67 0.40 -21.58 13.64
CA SER B 67 -0.94 -21.22 14.20
C SER B 67 -2.05 -21.81 13.32
N LEU B 68 -1.90 -21.85 12.00
CA LEU B 68 -2.88 -22.52 11.12
C LEU B 68 -2.97 -23.98 11.58
N ALA B 69 -1.85 -24.60 11.92
CA ALA B 69 -1.86 -26.03 12.33
C ALA B 69 -2.50 -26.23 13.71
N GLN B 70 -2.38 -25.25 14.63
CA GLN B 70 -3.13 -25.27 15.93
C GLN B 70 -4.64 -25.37 15.66
N VAL B 71 -5.18 -24.53 14.77
CA VAL B 71 -6.62 -24.65 14.36
C VAL B 71 -6.91 -26.07 13.86
N LEU B 72 -6.09 -26.61 12.95
CA LEU B 72 -6.27 -27.98 12.43
C LEU B 72 -6.22 -28.99 13.59
N TRP B 73 -5.26 -28.91 14.51
CA TRP B 73 -5.26 -29.84 15.68
C TRP B 73 -6.55 -29.71 16.48
N LEU B 74 -7.04 -28.51 16.71
CA LEU B 74 -8.17 -28.34 17.65
C LEU B 74 -9.43 -29.04 17.10
N VAL B 75 -9.70 -28.88 15.81
CA VAL B 75 -10.84 -29.50 15.09
C VAL B 75 -10.55 -30.99 14.82
N GLY B 76 -9.30 -31.43 14.92
CA GLY B 76 -8.90 -32.83 14.72
C GLY B 76 -8.66 -33.13 13.27
N ALA B 77 -8.12 -32.18 12.49
CA ALA B 77 -7.82 -32.40 11.06
C ALA B 77 -6.31 -32.45 10.87
N ARG B 78 -5.85 -33.08 9.80
CA ARG B 78 -4.39 -33.11 9.50
C ARG B 78 -4.18 -32.82 8.02
N PRO B 79 -3.04 -32.15 7.70
CA PRO B 79 -2.68 -31.80 6.33
C PRO B 79 -2.25 -33.06 5.57
N LEU B 80 -2.61 -33.13 4.29
CA LEU B 80 -2.14 -34.20 3.37
C LEU B 80 -1.23 -33.58 2.30
N PRO B 81 0.08 -33.33 2.60
CA PRO B 81 0.96 -32.69 1.63
C PRO B 81 1.26 -33.66 0.48
N ASP B 82 1.67 -33.12 -0.67
CA ASP B 82 2.12 -33.92 -1.85
C ASP B 82 3.64 -33.97 -1.86
N SER B 83 4.22 -34.58 -2.90
CA SER B 83 5.68 -34.84 -3.04
C SER B 83 6.45 -33.52 -3.10
N LEU B 84 5.82 -32.46 -3.60
CA LEU B 84 6.47 -31.13 -3.75
C LEU B 84 6.10 -30.22 -2.57
N GLY B 85 5.65 -30.80 -1.43
CA GLY B 85 5.37 -30.08 -0.17
C GLY B 85 4.15 -29.18 -0.25
N ARG B 86 3.31 -29.32 -1.28
CA ARG B 86 2.06 -28.54 -1.47
C ARG B 86 0.95 -29.12 -0.59
N VAL B 87 0.34 -28.30 0.27
CA VAL B 87 -0.86 -28.68 1.10
C VAL B 87 -2.09 -28.05 0.44
N ASN B 88 -2.90 -28.87 -0.24
CA ASN B 88 -4.18 -28.49 -0.90
C ASN B 88 -5.33 -29.31 -0.33
N LYS B 89 -5.07 -30.32 0.50
CA LYS B 89 -6.12 -31.23 1.04
C LYS B 89 -5.85 -31.52 2.52
N VAL B 90 -6.93 -31.76 3.25
CA VAL B 90 -6.92 -32.15 4.66
C VAL B 90 -7.77 -33.40 4.77
N GLU B 91 -7.60 -34.17 5.85
CA GLU B 91 -8.57 -35.19 6.29
C GLU B 91 -8.75 -35.07 7.81
N LEU B 92 -9.82 -35.65 8.31
CA LEU B 92 -10.14 -35.69 9.76
C LEU B 92 -9.27 -36.77 10.41
N ILE B 93 -8.75 -36.50 11.60
CA ILE B 93 -8.05 -37.51 12.43
C ILE B 93 -9.16 -38.32 13.10
N PRO B 94 -9.18 -39.66 12.92
CA PRO B 94 -10.15 -40.46 13.64
C PRO B 94 -10.26 -40.14 15.14
N LEU B 95 -11.48 -40.20 15.69
CA LEU B 95 -11.74 -39.81 17.10
C LEU B 95 -10.89 -40.69 18.05
N GLU B 96 -10.68 -41.96 17.67
CA GLU B 96 -9.86 -42.89 18.48
C GLU B 96 -8.42 -42.35 18.60
N GLU B 97 -7.86 -41.81 17.50
CA GLU B 97 -6.47 -41.24 17.46
C GLU B 97 -6.42 -39.86 18.13
N LEU B 98 -7.49 -39.08 18.07
CA LEU B 98 -7.49 -37.70 18.62
C LEU B 98 -7.49 -37.76 20.15
N GLY B 99 -8.26 -38.69 20.73
CA GLY B 99 -8.34 -38.99 22.18
C GLY B 99 -8.95 -37.87 23.01
N ARG B 100 -9.73 -36.99 22.38
CA ARG B 100 -10.51 -35.90 23.04
C ARG B 100 -11.61 -35.50 22.09
N PRO B 101 -12.57 -34.61 22.48
CA PRO B 101 -13.56 -34.13 21.52
C PRO B 101 -12.85 -33.25 20.48
N ARG B 102 -13.42 -33.16 19.28
CA ARG B 102 -13.12 -32.08 18.31
C ARG B 102 -13.62 -30.76 18.91
N ILE B 103 -12.71 -29.79 19.07
CA ILE B 103 -12.97 -28.48 19.75
C ILE B 103 -13.38 -27.46 18.67
N ASP B 104 -14.49 -26.76 18.88
CA ASP B 104 -14.94 -25.77 17.88
C ASP B 104 -13.96 -24.58 17.96
N VAL B 105 -13.85 -23.84 16.86
CA VAL B 105 -12.90 -22.72 16.73
C VAL B 105 -13.52 -21.61 15.90
N VAL B 106 -13.54 -20.40 16.47
CA VAL B 106 -13.86 -19.21 15.66
C VAL B 106 -12.52 -18.71 15.17
N VAL B 107 -12.27 -18.88 13.87
CA VAL B 107 -10.94 -18.63 13.25
C VAL B 107 -10.92 -17.18 12.73
N ASN B 108 -10.38 -16.26 13.54
CA ASN B 108 -10.38 -14.81 13.27
C ASN B 108 -9.09 -14.46 12.52
N CYS B 109 -9.14 -14.48 11.20
CA CYS B 109 -7.98 -14.27 10.31
C CYS B 109 -7.70 -12.79 10.13
N SER B 110 -6.44 -12.37 10.32
CA SER B 110 -6.05 -10.96 10.10
C SER B 110 -6.31 -10.61 8.63
N GLY B 111 -6.47 -9.32 8.33
CA GLY B 111 -6.50 -8.83 6.94
C GLY B 111 -5.26 -9.30 6.16
N VAL B 112 -4.07 -9.24 6.76
CA VAL B 112 -2.84 -9.69 6.07
C VAL B 112 -2.95 -11.20 5.85
N PHE B 113 -3.50 -11.97 6.82
CA PHE B 113 -3.66 -13.43 6.61
C PHE B 113 -4.57 -13.69 5.41
N ARG B 114 -5.67 -12.94 5.31
CA ARG B 114 -6.63 -12.97 4.17
C ARG B 114 -5.85 -12.66 2.90
N ASP B 115 -5.05 -11.60 2.90
CA ASP B 115 -4.32 -11.11 1.70
C ASP B 115 -3.36 -12.20 1.23
N LEU B 116 -2.65 -12.83 2.17
CA LEU B 116 -1.53 -13.78 1.89
C LEU B 116 -2.04 -15.22 1.74
N PHE B 117 -3.11 -15.63 2.41
CA PHE B 117 -3.39 -17.09 2.61
C PHE B 117 -4.85 -17.46 2.28
N ILE B 118 -5.41 -16.89 1.23
CA ILE B 118 -6.82 -17.17 0.83
C ILE B 118 -7.05 -18.68 0.72
N ASN B 119 -6.12 -19.43 0.11
CA ASN B 119 -6.30 -20.86 -0.18
C ASN B 119 -6.22 -21.65 1.14
N GLN B 120 -5.52 -21.12 2.14
CA GLN B 120 -5.37 -21.72 3.49
C GLN B 120 -6.64 -21.45 4.30
N MET B 121 -7.29 -20.29 4.12
CA MET B 121 -8.66 -20.05 4.69
C MET B 121 -9.60 -21.09 4.11
N ALA B 122 -9.47 -21.36 2.80
CA ALA B 122 -10.29 -22.38 2.13
C ALA B 122 -10.03 -23.73 2.82
N LEU B 123 -8.75 -24.10 2.99
CA LEU B 123 -8.30 -25.35 3.65
C LEU B 123 -8.99 -25.52 5.02
N ILE B 124 -8.95 -24.49 5.85
CA ILE B 124 -9.52 -24.55 7.23
C ILE B 124 -11.04 -24.77 7.09
N ASP B 125 -11.70 -23.97 6.24
CA ASP B 125 -13.17 -24.00 6.07
C ASP B 125 -13.61 -25.43 5.70
N ARG B 126 -12.85 -26.09 4.84
CA ARG B 126 -13.09 -27.51 4.44
C ARG B 126 -12.91 -28.46 5.64
N ALA B 127 -11.84 -28.31 6.43
CA ALA B 127 -11.56 -29.09 7.66
C ALA B 127 -12.78 -28.99 8.58
N ILE B 128 -13.21 -27.76 8.83
CA ILE B 128 -14.25 -27.48 9.84
C ILE B 128 -15.58 -28.05 9.33
N LYS B 129 -15.89 -27.81 8.06
CA LYS B 129 -17.11 -28.38 7.41
C LYS B 129 -17.02 -29.92 7.32
N MET B 130 -15.85 -30.51 7.11
CA MET B 130 -15.72 -31.99 7.21
C MET B 130 -16.07 -32.47 8.62
N ALA B 131 -15.53 -31.81 9.65
CA ALA B 131 -15.83 -32.11 11.08
C ALA B 131 -17.35 -31.99 11.31
N ALA B 132 -18.01 -30.92 10.83
CA ALA B 132 -19.45 -30.67 11.04
C ALA B 132 -20.23 -31.85 10.50
N GLU B 133 -19.83 -32.38 9.34
CA GLU B 133 -20.67 -33.37 8.59
C GLU B 133 -20.41 -34.80 9.09
N ALA B 134 -19.35 -35.03 9.86
CA ALA B 134 -18.88 -36.35 10.32
C ALA B 134 -19.99 -37.06 11.08
N ASP B 135 -20.21 -38.35 10.82
CA ASP B 135 -21.24 -39.14 11.56
C ASP B 135 -20.60 -39.55 12.89
N GLU B 136 -20.65 -38.67 13.89
CA GLU B 136 -19.88 -38.83 15.15
C GLU B 136 -20.71 -38.39 16.36
N PRO B 137 -20.44 -38.94 17.56
CA PRO B 137 -21.23 -38.60 18.74
C PRO B 137 -20.97 -37.12 19.05
N LEU B 138 -22.00 -36.38 19.50
CA LEU B 138 -21.86 -34.92 19.74
C LEU B 138 -20.98 -34.64 20.95
N GLU B 139 -20.87 -35.56 21.90
CA GLU B 139 -20.04 -35.35 23.14
C GLU B 139 -18.56 -35.38 22.74
N LEU B 140 -18.25 -35.84 21.52
CA LEU B 140 -16.87 -35.91 20.97
C LEU B 140 -16.67 -35.03 19.72
N ASN B 141 -17.66 -34.24 19.35
CA ASN B 141 -17.51 -33.40 18.13
C ASN B 141 -18.32 -32.13 18.34
N PHE B 142 -17.65 -31.14 18.91
CA PHE B 142 -18.29 -29.87 19.35
C PHE B 142 -18.64 -29.04 18.13
N ILE B 143 -17.90 -29.20 17.03
CA ILE B 143 -18.17 -28.45 15.76
C ILE B 143 -19.53 -28.92 15.24
N ARG B 144 -19.74 -30.22 15.13
CA ARG B 144 -21.05 -30.78 14.69
C ARG B 144 -22.15 -30.39 15.66
N LYS B 145 -21.90 -30.50 16.97
CA LYS B 145 -22.92 -30.18 18.00
C LYS B 145 -23.39 -28.75 17.76
N HIS B 146 -22.45 -27.83 17.73
CA HIS B 146 -22.77 -26.38 17.58
C HIS B 146 -23.48 -26.13 16.23
N ALA B 147 -22.99 -26.68 15.12
CA ALA B 147 -23.57 -26.45 13.78
C ALA B 147 -25.02 -26.92 13.77
N LEU B 148 -25.33 -28.07 14.38
CA LEU B 148 -26.74 -28.54 14.45
C LEU B 148 -27.62 -27.54 15.22
N GLN B 149 -27.15 -27.03 16.35
CA GLN B 149 -27.88 -26.03 17.18
C GLN B 149 -28.11 -24.78 16.34
N GLN B 150 -27.06 -24.38 15.62
CA GLN B 150 -27.08 -23.10 14.85
C GLN B 150 -28.00 -23.26 13.62
N ALA B 151 -27.92 -24.39 12.93
CA ALA B 151 -28.76 -24.74 11.75
C ALA B 151 -30.23 -24.53 12.14
N SER B 152 -30.62 -25.07 13.30
CA SER B 152 -31.98 -24.96 13.88
C SER B 152 -32.28 -23.51 14.29
N GLU B 153 -31.43 -22.89 15.11
CA GLU B 153 -31.63 -21.51 15.63
C GLU B 153 -31.85 -20.54 14.46
N LEU B 154 -30.93 -20.58 13.48
CA LEU B 154 -30.81 -19.56 12.41
C LEU B 154 -31.60 -19.96 11.17
N GLY B 155 -32.14 -21.19 11.13
CA GLY B 155 -32.88 -21.70 9.97
C GLY B 155 -32.01 -21.68 8.73
N ILE B 156 -30.84 -22.34 8.79
CA ILE B 156 -29.92 -22.61 7.66
C ILE B 156 -29.45 -24.08 7.71
N ASP B 157 -28.73 -24.49 6.66
CA ASP B 157 -28.17 -25.83 6.39
C ASP B 157 -26.93 -26.02 7.27
N LEU B 158 -26.70 -27.25 7.69
CA LEU B 158 -25.58 -27.63 8.59
C LEU B 158 -24.25 -27.11 8.04
N ARG B 159 -23.95 -27.26 6.73
CA ARG B 159 -22.67 -26.80 6.11
C ARG B 159 -22.52 -25.28 6.29
N GLN B 160 -23.59 -24.53 6.05
CA GLN B 160 -23.57 -23.06 6.22
C GLN B 160 -23.44 -22.68 7.69
N ALA B 161 -24.06 -23.43 8.61
CA ALA B 161 -23.97 -23.19 10.05
C ALA B 161 -22.52 -23.37 10.51
N ALA B 162 -21.78 -24.33 9.90
CA ALA B 162 -20.35 -24.62 10.23
C ALA B 162 -19.46 -23.60 9.52
N THR B 163 -19.82 -22.33 9.55
CA THR B 163 -18.95 -21.26 9.04
C THR B 163 -18.18 -20.65 10.20
N ARG B 164 -16.85 -20.71 10.12
CA ARG B 164 -15.97 -20.36 11.25
C ARG B 164 -14.80 -19.46 10.88
N VAL B 165 -14.55 -19.27 9.58
CA VAL B 165 -13.35 -18.58 9.08
C VAL B 165 -13.81 -17.16 8.72
N PHE B 166 -13.42 -16.23 9.56
CA PHE B 166 -13.92 -14.84 9.52
C PHE B 166 -12.73 -13.90 9.37
N THR B 167 -12.99 -12.70 8.85
CA THR B 167 -11.97 -11.67 8.61
C THR B 167 -12.64 -10.32 8.32
N ASN B 168 -11.79 -9.34 8.05
CA ASN B 168 -12.19 -7.99 7.59
C ASN B 168 -12.71 -8.09 6.17
N ALA B 169 -13.64 -7.19 5.81
CA ALA B 169 -14.08 -6.94 4.42
C ALA B 169 -12.84 -6.81 3.53
N SER B 170 -12.93 -7.36 2.32
CA SER B 170 -11.86 -7.25 1.31
C SER B 170 -11.37 -5.79 1.30
N GLY B 171 -10.05 -5.61 1.38
CA GLY B 171 -9.37 -4.30 1.36
C GLY B 171 -9.18 -3.67 2.73
N SER B 172 -9.78 -4.22 3.80
CA SER B 172 -9.81 -3.64 5.18
C SER B 172 -8.98 -4.48 6.16
N TYR B 173 -8.59 -3.79 7.22
CA TYR B 173 -7.70 -4.26 8.30
C TYR B 173 -8.12 -3.67 9.65
N ALA B 174 -8.06 -4.49 10.70
CA ALA B 174 -8.19 -4.09 12.12
C ALA B 174 -9.66 -3.95 12.46
N ALA B 175 -9.96 -4.04 13.76
CA ALA B 175 -11.31 -3.78 14.31
C ALA B 175 -11.51 -2.27 14.51
N ASN B 176 -10.44 -1.47 14.42
CA ASN B 176 -10.42 -0.03 14.80
C ASN B 176 -10.78 0.18 16.27
N VAL B 177 -10.75 -0.88 17.09
CA VAL B 177 -10.74 -0.75 18.56
C VAL B 177 -9.44 -0.04 19.00
N ASN B 178 -8.31 -0.32 18.38
CA ASN B 178 -7.04 0.42 18.65
C ASN B 178 -7.31 1.91 18.45
N LEU B 179 -7.85 2.32 17.29
CA LEU B 179 -8.07 3.76 16.98
C LEU B 179 -8.95 4.37 18.08
N ALA B 180 -10.04 3.72 18.46
CA ALA B 180 -10.98 4.27 19.47
C ALA B 180 -10.20 4.45 20.78
N VAL B 181 -9.44 3.41 21.18
CA VAL B 181 -8.69 3.46 22.47
C VAL B 181 -7.64 4.58 22.44
N GLU B 182 -6.88 4.74 21.36
CA GLU B 182 -5.84 5.79 21.20
C GLU B 182 -6.49 7.19 21.24
N ASN B 183 -7.74 7.34 20.80
CA ASN B 183 -8.39 8.67 20.63
C ASN B 183 -9.36 8.95 21.78
N SER B 184 -9.61 7.95 22.64
CA SER B 184 -10.53 8.08 23.79
C SER B 184 -11.93 8.48 23.30
N SER B 185 -12.26 8.13 22.07
CA SER B 185 -13.53 8.42 21.37
C SER B 185 -14.54 7.29 21.54
N TRP B 186 -14.74 6.84 22.77
CA TRP B 186 -15.85 5.92 23.10
C TRP B 186 -16.24 6.18 24.54
N GLU B 187 -17.48 5.85 24.89
CA GLU B 187 -17.98 5.97 26.27
C GLU B 187 -18.17 4.58 26.88
N GLN B 188 -18.93 3.71 26.23
CA GLN B 188 -19.34 2.39 26.80
C GLN B 188 -18.57 1.30 26.02
N GLU B 189 -18.18 0.21 26.67
CA GLU B 189 -17.43 -0.88 25.97
C GLU B 189 -18.28 -1.47 24.84
N SER B 190 -19.62 -1.36 24.91
CA SER B 190 -20.49 -1.88 23.82
C SER B 190 -20.09 -1.25 22.49
N GLU B 191 -19.61 -0.01 22.51
CA GLU B 191 -19.16 0.70 21.29
C GLU B 191 -17.96 0.00 20.66
N LEU B 192 -16.96 -0.32 21.50
CA LEU B 192 -15.76 -1.05 21.05
C LEU B 192 -16.21 -2.41 20.46
N GLN B 193 -17.14 -3.10 21.11
CA GLN B 193 -17.59 -4.47 20.75
C GLN B 193 -18.38 -4.40 19.43
N ASP B 194 -19.18 -3.36 19.27
CA ASP B 194 -19.94 -3.20 18.01
C ASP B 194 -18.96 -2.98 16.83
N MET B 195 -17.84 -2.27 17.06
CA MET B 195 -16.83 -1.90 16.02
C MET B 195 -16.18 -3.18 15.49
N TYR B 196 -15.73 -4.01 16.42
CA TYR B 196 -15.21 -5.37 16.13
C TYR B 196 -16.26 -6.17 15.33
N LEU B 197 -17.49 -6.30 15.83
CA LEU B 197 -18.51 -7.19 15.22
C LEU B 197 -18.90 -6.69 13.84
N SER B 198 -18.79 -5.38 13.60
CA SER B 198 -19.21 -4.79 12.31
C SER B 198 -18.14 -5.09 11.26
N ARG B 199 -16.88 -5.12 11.69
CA ARG B 199 -15.69 -5.11 10.82
C ARG B 199 -15.10 -6.51 10.58
N LYS B 200 -15.23 -7.42 11.55
CA LYS B 200 -14.52 -8.72 11.57
C LYS B 200 -15.48 -9.87 11.28
N SER B 201 -16.69 -9.57 10.81
CA SER B 201 -17.79 -10.54 10.59
C SER B 201 -17.95 -10.96 9.13
N PHE B 202 -16.92 -10.78 8.30
CA PHE B 202 -16.90 -11.21 6.87
C PHE B 202 -16.39 -12.64 6.79
N ALA B 203 -17.24 -13.51 6.27
CA ALA B 203 -17.06 -14.97 6.27
C ALA B 203 -16.37 -15.38 4.97
N PHE B 204 -15.39 -16.27 5.08
CA PHE B 204 -14.87 -16.99 3.90
C PHE B 204 -15.95 -17.95 3.44
N SER B 205 -16.30 -17.89 2.14
CA SER B 205 -17.29 -18.75 1.46
C SER B 205 -16.68 -19.30 0.17
N ALA B 206 -16.46 -20.61 0.12
CA ALA B 206 -15.98 -21.35 -1.07
C ALA B 206 -16.98 -21.17 -2.22
N GLY B 210 -12.77 -15.05 -3.85
CA GLY B 210 -13.49 -14.04 -4.65
C GLY B 210 -14.04 -12.91 -3.79
N THR B 211 -15.23 -13.12 -3.22
CA THR B 211 -15.93 -12.15 -2.34
C THR B 211 -16.29 -12.84 -1.01
N MET B 212 -16.43 -12.04 0.05
CA MET B 212 -16.74 -12.55 1.41
C MET B 212 -18.01 -11.91 1.95
N GLN B 213 -19.01 -12.78 2.17
CA GLN B 213 -20.33 -12.46 2.75
C GLN B 213 -20.11 -11.93 4.17
N GLN B 214 -20.57 -10.71 4.47
CA GLN B 214 -20.79 -10.36 5.89
C GLN B 214 -21.75 -11.40 6.48
N ALA B 215 -21.46 -11.88 7.68
CA ALA B 215 -22.24 -12.94 8.36
C ALA B 215 -22.31 -12.62 9.86
N ARG B 216 -22.80 -11.43 10.20
CA ARG B 216 -22.68 -10.96 11.60
C ARG B 216 -23.54 -11.82 12.54
N GLU B 217 -24.75 -12.25 12.17
CA GLU B 217 -25.53 -13.04 13.16
C GLU B 217 -24.86 -14.38 13.43
N LEU B 218 -24.37 -15.05 12.38
CA LEU B 218 -23.63 -16.33 12.50
C LEU B 218 -22.37 -16.07 13.33
N PHE B 219 -21.57 -15.04 12.98
CA PHE B 219 -20.44 -14.55 13.83
C PHE B 219 -20.82 -14.41 15.31
N GLU B 220 -21.88 -13.67 15.61
CA GLU B 220 -22.26 -13.47 17.02
C GLU B 220 -22.63 -14.83 17.64
N THR B 221 -23.42 -15.62 16.94
CA THR B 221 -23.91 -16.95 17.41
C THR B 221 -22.69 -17.83 17.76
N ALA B 222 -21.70 -17.91 16.88
CA ALA B 222 -20.47 -18.71 17.14
C ALA B 222 -19.72 -18.14 18.35
N LEU B 223 -19.59 -16.82 18.42
CA LEU B 223 -18.87 -16.12 19.52
C LEU B 223 -19.52 -16.36 20.89
N LYS B 224 -20.85 -16.47 20.99
CA LYS B 224 -21.56 -16.82 22.26
C LYS B 224 -21.14 -18.23 22.75
N THR B 225 -20.55 -19.07 21.90
CA THR B 225 -20.14 -20.44 22.32
C THR B 225 -18.69 -20.46 22.84
N VAL B 226 -17.94 -19.37 22.66
CA VAL B 226 -16.51 -19.25 23.05
C VAL B 226 -16.39 -19.31 24.59
N ASP B 227 -15.57 -20.29 25.04
CA ASP B 227 -15.14 -20.49 26.44
C ASP B 227 -13.69 -20.07 26.65
N VAL B 228 -12.89 -19.98 25.56
CA VAL B 228 -11.46 -19.63 25.64
C VAL B 228 -11.10 -18.67 24.51
N THR B 229 -10.32 -17.66 24.86
CA THR B 229 -9.73 -16.79 23.84
C THR B 229 -8.22 -17.05 23.82
N PHE B 230 -7.62 -16.99 22.64
CA PHE B 230 -6.22 -17.40 22.37
C PHE B 230 -5.58 -16.51 21.27
N GLN B 231 -4.32 -16.20 21.49
CA GLN B 231 -3.37 -15.64 20.50
C GLN B 231 -1.96 -16.19 20.73
N ASN B 232 -1.21 -16.27 19.63
CA ASN B 232 0.25 -16.49 19.61
C ASN B 232 0.98 -15.16 19.45
N LEU B 233 1.98 -14.91 20.30
CA LEU B 233 2.92 -13.77 20.20
C LEU B 233 4.36 -14.27 20.35
N ASP B 234 5.33 -13.54 19.81
CA ASP B 234 6.74 -13.70 20.24
C ASP B 234 7.14 -12.48 21.08
N SER B 235 6.97 -12.57 22.40
CA SER B 235 7.00 -11.38 23.30
C SER B 235 8.40 -10.75 23.24
N SER B 236 9.42 -11.55 22.95
CA SER B 236 10.82 -11.03 22.84
C SER B 236 10.91 -9.99 21.71
N GLU B 237 10.05 -10.12 20.69
CA GLU B 237 10.14 -9.43 19.37
C GLU B 237 9.10 -8.32 19.24
N ILE B 238 7.81 -8.64 19.45
CA ILE B 238 6.74 -7.63 19.62
C ILE B 238 5.91 -8.04 20.84
N SER B 239 6.02 -7.30 21.94
CA SER B 239 5.23 -7.65 23.14
C SER B 239 3.75 -7.26 22.94
N LEU B 240 2.89 -7.66 23.88
CA LEU B 240 1.44 -7.37 23.73
C LEU B 240 1.16 -5.86 23.97
N THR B 241 2.14 -5.06 24.41
CA THR B 241 1.95 -3.59 24.58
C THR B 241 2.89 -2.80 23.66
N ASP B 242 3.74 -3.47 22.86
CA ASP B 242 4.64 -2.82 21.85
C ASP B 242 3.79 -2.20 20.74
N VAL B 243 2.60 -2.72 20.55
CA VAL B 243 1.67 -2.32 19.47
C VAL B 243 0.22 -2.38 19.98
N SER B 244 -0.74 -1.79 19.26
CA SER B 244 -2.18 -1.76 19.59
C SER B 244 -2.99 -2.90 18.96
N HIS B 245 -2.39 -3.68 18.04
CA HIS B 245 -3.06 -4.69 17.17
C HIS B 245 -3.50 -5.95 17.91
N TYR B 246 -2.79 -6.37 18.94
CA TYR B 246 -3.19 -7.57 19.69
C TYR B 246 -4.44 -7.27 20.52
N PHE B 247 -4.47 -6.16 21.27
CA PHE B 247 -5.75 -5.84 22.00
C PHE B 247 -6.87 -5.55 20.98
N ASP B 248 -6.53 -4.85 19.89
CA ASP B 248 -7.51 -4.56 18.81
C ASP B 248 -8.31 -5.82 18.44
N SER B 249 -7.61 -6.96 18.34
CA SER B 249 -8.14 -8.27 17.88
C SER B 249 -8.69 -9.09 19.07
N ASP B 250 -8.70 -8.58 20.30
CA ASP B 250 -9.10 -9.41 21.48
C ASP B 250 -10.61 -9.38 21.67
N PRO B 251 -11.28 -10.54 21.58
CA PRO B 251 -12.72 -10.61 21.85
C PRO B 251 -13.15 -11.09 23.25
N THR B 252 -12.26 -11.01 24.24
CA THR B 252 -12.47 -11.60 25.58
C THR B 252 -13.73 -10.99 26.17
N LYS B 253 -13.77 -9.67 26.36
CA LYS B 253 -14.94 -9.05 27.06
C LYS B 253 -16.15 -9.05 26.10
N LEU B 254 -15.89 -9.03 24.81
CA LEU B 254 -16.86 -9.06 23.69
C LEU B 254 -17.71 -10.31 23.86
N VAL B 255 -17.07 -11.50 24.02
CA VAL B 255 -17.81 -12.78 24.19
C VAL B 255 -18.68 -12.72 25.46
N ALA B 256 -18.13 -12.29 26.60
CA ALA B 256 -18.90 -12.12 27.87
C ALA B 256 -20.16 -11.28 27.64
N ALA B 257 -20.08 -10.19 26.88
CA ALA B 257 -21.20 -9.25 26.67
C ALA B 257 -22.26 -9.89 25.76
N LEU B 258 -21.86 -10.78 24.85
CA LEU B 258 -22.78 -11.47 23.90
C LEU B 258 -23.54 -12.58 24.63
N ARG B 259 -22.89 -13.26 25.57
CA ARG B 259 -23.39 -14.53 26.18
C ARG B 259 -24.54 -14.21 27.14
N GLY B 260 -25.64 -14.95 27.00
CA GLY B 260 -26.79 -14.88 27.93
C GLY B 260 -26.34 -14.99 29.37
N ASP B 261 -25.37 -15.86 29.63
CA ASP B 261 -24.87 -16.18 30.99
C ASP B 261 -23.75 -15.21 31.41
N GLY B 262 -23.37 -14.28 30.54
CA GLY B 262 -22.43 -13.22 30.89
C GLY B 262 -21.02 -13.71 31.11
N LYS B 263 -20.77 -15.03 30.92
CA LYS B 263 -19.51 -15.72 31.32
C LYS B 263 -18.30 -15.26 30.47
N GLN B 264 -17.29 -14.72 31.14
CA GLN B 264 -16.07 -14.24 30.43
C GLN B 264 -15.19 -15.43 30.12
N PRO B 265 -14.78 -15.59 28.84
CA PRO B 265 -13.94 -16.74 28.52
C PRO B 265 -12.52 -16.62 29.07
N LYS B 266 -11.90 -17.75 29.40
CA LYS B 266 -10.49 -17.72 29.88
C LYS B 266 -9.60 -17.33 28.70
N ALA B 267 -8.64 -16.46 28.96
CA ALA B 267 -7.81 -15.82 27.92
C ALA B 267 -6.36 -16.27 28.08
N TYR B 268 -5.76 -16.77 26.99
CA TYR B 268 -4.38 -17.32 27.00
C TYR B 268 -3.56 -16.72 25.87
N ILE B 269 -2.25 -16.68 26.10
CA ILE B 269 -1.22 -16.33 25.10
C ILE B 269 -0.18 -17.42 25.05
N ALA B 270 0.13 -17.90 23.83
CA ALA B 270 1.28 -18.79 23.53
C ALA B 270 2.45 -17.90 23.11
N ASP B 271 3.56 -17.95 23.85
CA ASP B 271 4.76 -17.09 23.62
C ASP B 271 5.78 -17.94 22.87
N THR B 272 6.29 -17.41 21.75
CA THR B 272 7.13 -18.15 20.77
C THR B 272 8.57 -17.60 20.79
N THR B 273 8.99 -17.06 21.92
CA THR B 273 10.42 -16.74 22.20
C THR B 273 11.22 -18.06 22.21
N VAL B 279 2.61 -21.27 26.87
CA VAL B 279 1.15 -21.04 27.11
C VAL B 279 0.96 -20.47 28.52
N ARG B 280 0.46 -19.24 28.61
CA ARG B 280 0.30 -18.46 29.85
C ARG B 280 -1.10 -17.89 29.82
N THR B 281 -1.62 -17.46 30.96
CA THR B 281 -2.88 -16.70 30.96
C THR B 281 -2.60 -15.32 30.34
N LEU B 282 -3.63 -14.66 29.84
CA LEU B 282 -3.46 -13.26 29.38
C LEU B 282 -2.95 -12.41 30.56
N SER B 283 -3.51 -12.56 31.75
CA SER B 283 -3.09 -11.84 32.99
C SER B 283 -1.59 -12.03 33.31
N GLU B 284 -1.06 -13.27 33.21
CA GLU B 284 0.39 -13.62 33.40
C GLU B 284 1.24 -12.90 32.35
N THR B 285 0.72 -12.74 31.13
CA THR B 285 1.45 -12.11 30.01
C THR B 285 1.53 -10.60 30.27
N VAL B 286 0.40 -9.98 30.63
CA VAL B 286 0.36 -8.53 30.99
C VAL B 286 1.35 -8.28 32.13
N ARG B 287 1.36 -9.16 33.13
CA ARG B 287 2.27 -8.97 34.31
C ARG B 287 3.73 -9.01 33.83
N LEU B 288 4.12 -10.05 33.10
CA LEU B 288 5.53 -10.19 32.67
C LEU B 288 5.91 -8.94 31.84
N ASP B 289 5.00 -8.53 30.97
CA ASP B 289 5.23 -7.39 30.05
C ASP B 289 5.44 -6.12 30.87
N SER B 290 4.59 -5.86 31.85
CA SER B 290 4.69 -4.63 32.68
C SER B 290 6.04 -4.61 33.39
N ARG B 291 6.45 -5.75 33.96
CA ARG B 291 7.73 -5.85 34.72
C ARG B 291 8.97 -5.68 33.80
N THR B 292 8.83 -5.97 32.50
CA THR B 292 9.90 -5.94 31.46
C THR B 292 9.99 -4.57 30.76
N LYS B 293 8.86 -3.86 30.61
CA LYS B 293 8.73 -2.66 29.76
C LYS B 293 8.31 -1.49 30.63
N LEU B 294 7.00 -1.22 30.75
CA LEU B 294 6.40 0.01 31.35
C LEU B 294 7.03 0.34 32.71
N LEU B 295 7.13 -0.63 33.63
CA LEU B 295 7.61 -0.43 35.03
C LEU B 295 9.10 -0.73 35.20
N ASN B 296 9.83 -1.03 34.12
CA ASN B 296 11.26 -1.42 34.15
C ASN B 296 12.10 -0.17 33.96
N PRO B 297 12.86 0.34 34.94
CA PRO B 297 13.69 1.52 34.67
C PRO B 297 14.69 1.40 33.51
N LYS B 298 15.22 0.21 33.22
CA LYS B 298 16.09 0.00 32.05
C LYS B 298 15.33 0.42 30.78
N TRP B 299 14.06 0.01 30.68
CA TRP B 299 13.16 0.37 29.56
C TRP B 299 12.86 1.88 29.61
N TYR B 300 12.28 2.44 30.69
CA TYR B 300 11.75 3.82 30.61
C TYR B 300 12.89 4.84 30.61
N GLU B 301 13.99 4.53 31.31
CA GLU B 301 15.24 5.35 31.19
C GLU B 301 15.81 5.24 29.76
N GLY B 302 15.83 4.04 29.17
CA GLY B 302 16.10 3.85 27.73
C GLY B 302 15.30 4.83 26.90
N MET B 303 14.00 4.94 27.18
CA MET B 303 13.09 5.83 26.41
C MET B 303 13.42 7.29 26.67
N LEU B 304 13.45 7.72 27.94
CA LEU B 304 13.80 9.12 28.27
C LEU B 304 15.14 9.54 27.67
N ALA B 305 16.07 8.61 27.44
CA ALA B 305 17.38 8.94 26.79
C ALA B 305 17.17 9.47 25.36
N HIS B 306 16.10 9.06 24.67
CA HIS B 306 15.72 9.65 23.36
C HIS B 306 15.23 11.09 23.46
N GLY B 307 14.79 11.52 24.65
CA GLY B 307 14.20 12.85 24.85
C GLY B 307 12.70 12.88 24.52
N TYR B 308 12.30 13.89 23.78
CA TYR B 308 10.89 14.17 23.41
C TYR B 308 10.17 12.87 23.03
N GLU B 309 10.70 12.14 22.05
CA GLU B 309 10.03 10.93 21.51
C GLU B 309 9.90 9.87 22.62
N GLY B 310 10.84 9.86 23.57
CA GLY B 310 10.83 8.91 24.70
C GLY B 310 9.58 9.06 25.53
N VAL B 311 9.16 10.28 25.79
CA VAL B 311 7.96 10.51 26.64
C VAL B 311 6.70 10.00 25.89
N ARG B 312 6.65 10.20 24.56
CA ARG B 312 5.58 9.67 23.66
C ARG B 312 5.57 8.13 23.77
N GLU B 313 6.76 7.51 23.79
CA GLU B 313 6.84 6.03 23.87
C GLU B 313 6.25 5.55 25.20
N ILE B 314 6.53 6.26 26.30
CA ILE B 314 5.99 5.89 27.64
C ILE B 314 4.47 6.10 27.61
N SER B 315 4.03 7.25 27.06
CA SER B 315 2.59 7.58 26.93
C SER B 315 1.87 6.47 26.17
N LYS B 316 2.45 6.02 25.05
CA LYS B 316 1.88 5.01 24.13
C LYS B 316 1.76 3.65 24.82
N ARG B 317 2.75 3.32 25.65
CA ARG B 317 2.79 2.05 26.42
C ARG B 317 1.62 1.98 27.39
N LEU B 318 1.36 3.10 28.04
CA LEU B 318 0.27 3.22 29.04
C LEU B 318 -1.09 3.09 28.33
N VAL B 319 -1.28 3.76 27.22
CA VAL B 319 -2.50 3.62 26.40
C VAL B 319 -2.68 2.17 25.93
N ASN B 320 -1.60 1.51 25.50
CA ASN B 320 -1.77 0.13 24.99
C ASN B 320 -2.09 -0.81 26.16
N THR B 321 -1.64 -0.51 27.39
CA THR B 321 -2.00 -1.29 28.59
C THR B 321 -3.51 -1.09 28.84
N MET B 322 -4.01 0.14 28.75
CA MET B 322 -5.45 0.49 28.93
C MET B 322 -6.28 -0.28 27.91
N GLY B 323 -5.76 -0.50 26.70
CA GLY B 323 -6.43 -1.31 25.67
C GLY B 323 -6.81 -2.68 26.22
N TRP B 324 -5.87 -3.32 26.89
CA TRP B 324 -6.09 -4.65 27.52
C TRP B 324 -7.12 -4.57 28.66
N SER B 325 -7.14 -3.50 29.47
CA SER B 325 -8.25 -3.26 30.43
C SER B 325 -9.57 -3.25 29.65
N ALA B 326 -9.64 -2.52 28.55
CA ALA B 326 -10.85 -2.31 27.76
C ALA B 326 -11.34 -3.63 27.14
N THR B 327 -10.45 -4.42 26.54
CA THR B 327 -10.88 -5.61 25.76
C THR B 327 -10.97 -6.86 26.64
N ALA B 328 -10.29 -6.87 27.78
CA ALA B 328 -10.17 -8.13 28.57
C ALA B 328 -10.22 -7.93 30.08
N GLY B 329 -10.06 -6.73 30.64
CA GLY B 329 -9.99 -6.58 32.11
C GLY B 329 -8.74 -7.22 32.68
N ALA B 330 -7.70 -7.41 31.85
CA ALA B 330 -6.56 -8.32 32.13
C ALA B 330 -5.41 -7.58 32.84
N VAL B 331 -5.60 -6.29 33.19
CA VAL B 331 -4.50 -5.48 33.82
C VAL B 331 -4.83 -5.30 35.30
N ASP B 332 -3.97 -5.83 36.16
CA ASP B 332 -4.16 -5.75 37.62
C ASP B 332 -4.09 -4.27 38.03
N ASN B 333 -4.86 -3.88 39.03
CA ASN B 333 -4.75 -2.50 39.59
C ASN B 333 -3.28 -2.10 39.87
N TRP B 334 -2.46 -2.98 40.43
CA TRP B 334 -1.09 -2.64 40.88
C TRP B 334 -0.29 -2.03 39.73
N VAL B 335 -0.59 -2.44 38.48
CA VAL B 335 0.21 -1.93 37.33
C VAL B 335 -0.01 -0.43 37.24
N TYR B 336 -1.27 0.02 37.31
CA TYR B 336 -1.62 1.46 37.18
C TYR B 336 -1.17 2.26 38.41
N GLU B 337 -1.38 1.71 39.60
CA GLU B 337 -0.89 2.31 40.88
C GLU B 337 0.62 2.51 40.78
N GLU B 338 1.36 1.49 40.33
CA GLU B 338 2.84 1.56 40.25
C GLU B 338 3.24 2.58 39.16
N ALA B 339 2.58 2.57 38.00
CA ALA B 339 2.91 3.54 36.94
C ALA B 339 2.73 4.97 37.47
N ASN B 340 1.63 5.19 38.19
CA ASN B 340 1.29 6.53 38.71
C ASN B 340 2.41 6.96 39.69
N ALA B 341 2.82 6.06 40.58
CA ALA B 341 3.86 6.34 41.60
C ALA B 341 5.17 6.73 40.91
N THR B 342 5.56 5.93 39.91
CA THR B 342 6.82 6.06 39.12
C THR B 342 6.84 7.37 38.34
N PHE B 343 5.78 7.69 37.58
CA PHE B 343 5.79 8.79 36.59
C PHE B 343 5.11 10.07 37.10
N ILE B 344 4.17 9.98 38.03
CA ILE B 344 3.39 11.16 38.53
C ILE B 344 3.85 11.53 39.95
N LEU B 345 3.80 10.59 40.88
CA LEU B 345 4.01 10.88 42.35
C LEU B 345 5.48 11.21 42.61
N ASP B 346 6.39 10.69 41.77
CA ASP B 346 7.85 10.94 41.85
C ASP B 346 8.10 12.30 41.17
N GLU B 347 8.41 13.33 41.96
CA GLU B 347 8.50 14.72 41.43
C GLU B 347 9.70 14.87 40.48
N GLN B 348 10.83 14.24 40.84
CA GLN B 348 12.07 14.14 40.04
C GLN B 348 11.71 13.67 38.64
N MET B 349 11.05 12.51 38.54
CA MET B 349 10.61 11.89 37.25
C MET B 349 9.58 12.82 36.58
N ARG B 350 8.55 13.25 37.33
CA ARG B 350 7.40 14.05 36.79
C ARG B 350 7.89 15.34 36.12
N GLN B 351 8.89 16.01 36.71
CA GLN B 351 9.43 17.29 36.17
C GLN B 351 10.16 16.98 34.85
N ARG B 352 10.85 15.84 34.80
CA ARG B 352 11.61 15.39 33.60
C ARG B 352 10.63 15.17 32.45
N LEU B 353 9.57 14.40 32.68
CA LEU B 353 8.56 14.19 31.61
C LEU B 353 8.02 15.55 31.15
N LEU B 354 7.63 16.41 32.09
CA LEU B 354 7.01 17.73 31.80
C LEU B 354 7.97 18.60 30.96
N ASN B 355 9.25 18.73 31.34
CA ASN B 355 10.26 19.62 30.71
C ASN B 355 10.65 19.05 29.35
N THR B 356 10.62 17.74 29.23
CA THR B 356 11.10 17.02 28.02
C THR B 356 10.00 17.02 26.93
N ASN B 357 8.75 16.73 27.29
CA ASN B 357 7.64 16.64 26.31
C ASN B 357 6.32 16.97 27.01
N PRO B 358 5.96 18.26 27.13
CA PRO B 358 4.68 18.63 27.75
C PRO B 358 3.47 18.00 27.05
N HIS B 359 3.50 17.88 25.73
CA HIS B 359 2.36 17.34 24.95
C HIS B 359 2.12 15.89 25.37
N SER B 360 3.16 15.06 25.38
CA SER B 360 3.03 13.63 25.77
C SER B 360 2.82 13.50 27.29
N PHE B 361 3.36 14.39 28.12
CA PHE B 361 3.05 14.38 29.59
C PHE B 361 1.54 14.58 29.82
N ARG B 362 0.95 15.62 29.22
CA ARG B 362 -0.51 15.92 29.21
C ARG B 362 -1.27 14.64 28.82
N LYS B 363 -0.79 13.93 27.81
CA LYS B 363 -1.47 12.67 27.41
C LYS B 363 -1.43 11.68 28.57
N MET B 364 -0.31 11.61 29.28
CA MET B 364 -0.20 10.57 30.33
C MET B 364 -1.17 10.91 31.46
N VAL B 365 -1.24 12.18 31.85
CA VAL B 365 -2.13 12.61 32.96
C VAL B 365 -3.55 12.25 32.53
N SER B 366 -3.94 12.65 31.31
CA SER B 366 -5.22 12.31 30.62
C SER B 366 -5.50 10.79 30.71
N THR B 367 -4.53 9.95 30.37
CA THR B 367 -4.66 8.47 30.46
C THR B 367 -4.94 8.02 31.91
N PHE B 368 -4.19 8.48 32.92
CA PHE B 368 -4.45 8.04 34.33
C PHE B 368 -5.85 8.50 34.76
N LEU B 369 -6.24 9.73 34.45
CA LEU B 369 -7.64 10.18 34.76
C LEU B 369 -8.70 9.32 34.04
N GLU B 370 -8.49 8.93 32.79
CA GLU B 370 -9.43 8.12 31.97
C GLU B 370 -9.48 6.71 32.53
N LEU B 371 -8.31 6.19 32.95
CA LEU B 371 -8.23 4.85 33.58
C LEU B 371 -9.14 4.84 34.82
N HIS B 372 -9.06 5.89 35.63
CA HIS B 372 -9.94 6.00 36.82
C HIS B 372 -11.40 6.13 36.36
N GLY B 373 -11.71 7.03 35.42
CA GLY B 373 -13.09 7.34 35.01
C GLY B 373 -13.81 6.14 34.41
N ARG B 374 -13.07 5.30 33.66
CA ARG B 374 -13.58 4.07 33.01
C ARG B 374 -13.68 2.89 34.01
N GLY B 375 -13.23 3.01 35.28
CA GLY B 375 -13.35 1.93 36.29
C GLY B 375 -12.22 0.90 36.21
N TYR B 376 -11.14 1.20 35.49
CA TYR B 376 -10.00 0.26 35.28
C TYR B 376 -8.91 0.49 36.32
N TRP B 377 -9.01 1.55 37.10
CA TRP B 377 -7.92 1.93 38.04
C TRP B 377 -8.60 2.51 39.28
N GLU B 378 -8.33 1.89 40.43
CA GLU B 378 -8.86 2.24 41.76
C GLU B 378 -7.70 2.90 42.52
N THR B 379 -7.87 4.14 42.99
CA THR B 379 -6.74 4.92 43.58
C THR B 379 -7.30 6.04 44.46
N SER B 380 -6.41 6.70 45.20
CA SER B 380 -6.78 7.68 46.25
C SER B 380 -7.34 8.96 45.61
N GLU B 381 -8.21 9.66 46.35
CA GLU B 381 -8.69 11.02 46.02
C GLU B 381 -7.49 11.94 45.82
N ALA B 382 -6.50 11.90 46.72
CA ALA B 382 -5.29 12.75 46.64
C ALA B 382 -4.64 12.59 45.26
N ASN B 383 -4.41 11.35 44.80
CA ASN B 383 -3.77 11.02 43.50
C ASN B 383 -4.58 11.62 42.35
N LEU B 384 -5.90 11.50 42.41
CA LEU B 384 -6.77 12.04 41.34
C LEU B 384 -6.71 13.57 41.39
N GLU B 385 -6.83 14.16 42.59
CA GLU B 385 -6.74 15.63 42.78
C GLU B 385 -5.41 16.11 42.19
N LEU B 386 -4.30 15.40 42.48
CA LEU B 386 -2.96 15.80 41.97
C LEU B 386 -3.00 15.75 40.44
N LEU B 387 -3.46 14.65 39.86
CA LEU B 387 -3.58 14.49 38.39
C LEU B 387 -4.39 15.64 37.79
N ARG B 388 -5.54 15.98 38.39
CA ARG B 388 -6.37 17.12 37.92
C ARG B 388 -5.52 18.40 38.05
N GLN B 389 -4.81 18.58 39.17
CA GLN B 389 -3.95 19.78 39.38
C GLN B 389 -2.91 19.83 38.26
N LEU B 390 -2.25 18.70 37.99
CA LEU B 390 -1.20 18.59 36.94
C LEU B 390 -1.78 18.83 35.53
N TYR B 391 -2.99 18.34 35.20
CA TYR B 391 -3.63 18.60 33.88
C TYR B 391 -3.66 20.12 33.62
N GLN B 392 -4.23 20.89 34.55
CA GLN B 392 -4.41 22.35 34.37
C GLN B 392 -3.03 23.00 34.19
N GLU B 393 -2.06 22.59 35.00
CA GLU B 393 -0.68 23.14 34.99
C GLU B 393 0.00 22.89 33.64
N VAL B 394 -0.05 21.67 33.07
CA VAL B 394 0.58 21.39 31.74
C VAL B 394 -0.18 22.12 30.63
N GLU B 395 -1.51 22.17 30.72
CA GLU B 395 -2.36 22.93 29.77
C GLU B 395 -1.87 24.37 29.74
N ASP B 396 -1.72 25.00 30.91
CA ASP B 396 -1.17 26.38 31.06
C ASP B 396 0.22 26.47 30.41
N LYS B 397 1.16 25.61 30.83
CA LYS B 397 2.53 25.58 30.27
C LYS B 397 2.45 25.54 28.75
N ILE B 398 1.70 24.59 28.21
CA ILE B 398 1.51 24.40 26.74
C ILE B 398 0.93 25.69 26.16
N GLU B 399 -0.04 26.33 26.83
CA GLU B 399 -0.69 27.56 26.30
C GLU B 399 0.37 28.66 26.22
N GLY B 400 1.25 28.73 27.22
CA GLY B 400 2.34 29.71 27.32
C GLY B 400 3.22 29.75 26.08
N VAL B 401 3.72 28.59 25.64
CA VAL B 401 4.77 28.52 24.57
C VAL B 401 4.11 28.75 23.20
N GLU B 402 2.94 28.16 22.96
CA GLU B 402 2.15 28.36 21.72
C GLU B 402 1.69 29.83 21.67
N ASP C 15 2.87 16.49 -5.55
CA ASP C 15 3.35 17.48 -4.54
C ASP C 15 2.17 18.31 -4.06
N PRO C 16 1.75 18.17 -2.78
CA PRO C 16 0.58 18.87 -2.26
C PRO C 16 0.76 20.37 -2.02
N GLN C 17 2.00 20.83 -1.78
CA GLN C 17 2.35 22.26 -1.54
C GLN C 17 2.08 23.10 -2.80
N ALA C 18 2.05 22.45 -3.96
CA ALA C 18 1.80 23.06 -5.29
C ALA C 18 0.41 23.71 -5.32
N ILE C 19 -0.50 23.34 -4.40
CA ILE C 19 -1.93 23.75 -4.51
C ILE C 19 -2.26 24.79 -3.43
N PRO C 20 -3.17 25.72 -3.77
CA PRO C 20 -3.74 25.79 -5.11
C PRO C 20 -2.88 26.59 -6.11
N THR C 21 -3.02 26.29 -7.39
CA THR C 21 -2.40 27.05 -8.51
C THR C 21 -3.20 28.34 -8.77
N ALA C 22 -2.63 29.27 -9.52
CA ALA C 22 -3.31 30.54 -9.89
C ALA C 22 -4.61 30.21 -10.63
N ALA C 23 -4.57 29.19 -11.49
CA ALA C 23 -5.70 28.79 -12.33
C ALA C 23 -6.81 28.21 -11.44
N ALA C 24 -6.41 27.41 -10.45
CA ALA C 24 -7.30 26.83 -9.41
C ALA C 24 -7.96 27.98 -8.64
N VAL C 25 -7.18 29.01 -8.26
CA VAL C 25 -7.70 30.19 -7.51
C VAL C 25 -8.73 30.91 -8.39
N GLN C 26 -8.49 31.10 -9.68
CA GLN C 26 -9.50 31.81 -10.52
C GLN C 26 -10.76 30.94 -10.69
N SER C 27 -10.66 29.64 -11.01
CA SER C 27 -11.83 28.72 -11.11
C SER C 27 -12.63 28.72 -9.79
N ALA C 28 -11.96 28.82 -8.64
CA ALA C 28 -12.61 28.85 -7.30
C ALA C 28 -13.39 30.15 -7.10
N LYS C 29 -12.82 31.28 -7.54
CA LYS C 29 -13.46 32.62 -7.34
C LYS C 29 -14.84 32.61 -8.03
N VAL C 30 -14.89 32.05 -9.24
CA VAL C 30 -16.13 31.97 -10.07
C VAL C 30 -17.18 31.15 -9.32
N VAL C 31 -16.79 29.96 -8.83
CA VAL C 31 -17.74 29.06 -8.12
C VAL C 31 -18.23 29.73 -6.83
N VAL C 32 -17.35 30.34 -6.01
CA VAL C 32 -17.73 31.02 -4.72
C VAL C 32 -18.69 32.17 -5.03
N ASP C 33 -18.34 33.01 -6.00
CA ASP C 33 -19.17 34.19 -6.37
C ASP C 33 -20.58 33.73 -6.79
N ARG C 34 -20.69 32.69 -7.62
CA ARG C 34 -21.98 32.16 -8.11
C ARG C 34 -22.75 31.52 -6.95
N LEU C 35 -22.04 30.88 -6.02
CA LEU C 35 -22.69 30.27 -4.84
C LEU C 35 -23.31 31.39 -3.99
N LEU C 36 -22.57 32.48 -3.72
CA LEU C 36 -23.01 33.58 -2.82
C LEU C 36 -24.07 34.43 -3.56
N ALA C 37 -23.92 34.58 -4.89
CA ALA C 37 -24.92 35.17 -5.81
C ALA C 37 -26.28 34.46 -5.64
N ARG C 38 -26.29 33.14 -5.74
CA ARG C 38 -27.53 32.33 -5.75
C ARG C 38 -28.18 32.38 -4.36
N GLN C 39 -27.38 32.19 -3.30
CA GLN C 39 -27.83 32.18 -1.88
C GLN C 39 -28.46 33.55 -1.57
N THR C 40 -27.74 34.66 -1.83
CA THR C 40 -28.23 36.04 -1.51
C THR C 40 -29.48 36.34 -2.35
N ALA C 41 -29.48 35.98 -3.65
CA ALA C 41 -30.61 36.22 -4.58
C ALA C 41 -31.90 35.65 -3.99
N GLU C 42 -31.83 34.41 -3.48
CA GLU C 42 -33.00 33.60 -3.05
C GLU C 42 -33.05 33.50 -1.51
N ASN C 43 -32.55 34.51 -0.80
CA ASN C 43 -32.74 34.64 0.67
C ASN C 43 -32.83 36.13 1.03
N ASN C 44 -33.57 36.91 0.24
CA ASN C 44 -33.88 38.32 0.58
C ASN C 44 -32.56 39.10 0.77
N ASN C 45 -31.53 38.76 -0.02
CA ASN C 45 -30.26 39.53 -0.17
C ASN C 45 -29.39 39.45 1.10
N GLN C 46 -29.57 38.43 1.95
CA GLN C 46 -28.77 38.29 3.19
C GLN C 46 -27.59 37.36 2.88
N TRP C 47 -26.36 37.76 3.20
CA TRP C 47 -25.18 36.85 3.10
C TRP C 47 -25.39 35.66 4.04
N PRO C 48 -24.97 34.44 3.65
CA PRO C 48 -24.91 33.34 4.59
C PRO C 48 -23.83 33.61 5.65
N GLU C 49 -24.11 33.23 6.90
CA GLU C 49 -23.22 33.41 8.08
C GLU C 49 -22.10 32.35 8.04
N THR C 50 -22.46 31.11 7.73
CA THR C 50 -21.52 29.94 7.75
C THR C 50 -21.88 28.99 6.62
N ILE C 51 -20.89 28.52 5.87
CA ILE C 51 -21.07 27.40 4.94
C ILE C 51 -20.39 26.15 5.52
N ALA C 52 -21.12 25.04 5.59
CA ALA C 52 -20.52 23.71 5.83
C ALA C 52 -20.10 23.17 4.47
N MET C 53 -18.80 22.88 4.28
CA MET C 53 -18.42 22.24 3.01
C MET C 53 -17.40 21.12 3.24
N VAL C 54 -17.49 20.16 2.34
CA VAL C 54 -16.59 18.98 2.29
C VAL C 54 -15.42 19.33 1.38
N LEU C 55 -14.20 18.95 1.79
CA LEU C 55 -13.01 18.88 0.91
C LEU C 55 -12.71 17.41 0.63
N TRP C 56 -12.82 17.01 -0.63
CA TRP C 56 -12.44 15.66 -1.15
C TRP C 56 -11.00 15.64 -1.68
N GLY C 57 -10.25 14.63 -1.29
CA GLY C 57 -8.79 14.52 -1.56
C GLY C 57 -8.53 14.36 -3.05
N THR C 58 -9.22 13.41 -3.67
CA THR C 58 -9.10 13.06 -5.12
C THR C 58 -9.32 14.30 -5.99
N ASP C 59 -10.42 15.00 -5.81
CA ASP C 59 -10.82 16.18 -6.64
C ASP C 59 -9.70 17.23 -6.52
N ASN C 60 -9.17 17.47 -5.32
CA ASN C 60 -8.16 18.53 -5.11
C ASN C 60 -6.88 18.20 -5.89
N ILE C 61 -6.51 16.92 -6.02
CA ILE C 61 -5.38 16.53 -6.93
C ILE C 61 -5.74 16.92 -8.37
N LYS C 62 -6.88 16.44 -8.85
CA LYS C 62 -7.27 16.53 -10.29
C LYS C 62 -7.43 18.00 -10.70
N THR C 63 -7.91 18.88 -9.80
CA THR C 63 -8.22 20.30 -10.12
C THR C 63 -7.10 21.26 -9.69
N TYR C 64 -5.98 20.78 -9.15
CA TYR C 64 -4.87 21.60 -8.57
C TYR C 64 -5.38 22.49 -7.43
N GLY C 65 -6.37 22.03 -6.66
CA GLY C 65 -6.70 22.72 -5.39
C GLY C 65 -7.87 23.67 -5.50
N GLU C 66 -8.81 23.41 -6.43
CA GLU C 66 -9.99 24.28 -6.67
C GLU C 66 -10.86 24.39 -5.40
N SER C 67 -11.26 23.26 -4.84
CA SER C 67 -12.21 23.27 -3.68
C SER C 67 -11.50 23.86 -2.46
N LEU C 68 -10.22 23.57 -2.30
CA LEU C 68 -9.35 24.22 -1.26
C LEU C 68 -9.35 25.76 -1.45
N ALA C 69 -9.17 26.22 -2.69
CA ALA C 69 -9.16 27.66 -3.00
C ALA C 69 -10.55 28.27 -2.75
N GLN C 70 -11.60 27.49 -2.89
CA GLN C 70 -12.96 27.97 -2.57
C GLN C 70 -13.03 28.41 -1.10
N VAL C 71 -12.56 27.56 -0.20
CA VAL C 71 -12.57 27.85 1.25
C VAL C 71 -11.79 29.14 1.45
N LEU C 72 -10.63 29.25 0.82
CA LEU C 72 -9.76 30.44 0.95
C LEU C 72 -10.54 31.68 0.51
N TRP C 73 -11.24 31.64 -0.62
CA TRP C 73 -12.04 32.80 -1.13
C TRP C 73 -13.13 33.16 -0.13
N LEU C 74 -13.89 32.18 0.33
CA LEU C 74 -15.01 32.43 1.26
C LEU C 74 -14.53 33.28 2.44
N VAL C 75 -13.43 32.89 3.07
CA VAL C 75 -12.93 33.55 4.30
C VAL C 75 -12.15 34.81 3.90
N GLY C 76 -11.89 35.04 2.60
CA GLY C 76 -11.19 36.23 2.09
C GLY C 76 -9.68 36.14 2.28
N ALA C 77 -9.11 34.97 1.99
CA ALA C 77 -7.67 34.70 2.18
C ALA C 77 -7.13 34.31 0.81
N ARG C 78 -5.83 34.43 0.66
CA ARG C 78 -5.20 34.10 -0.63
C ARG C 78 -3.83 33.52 -0.37
N PRO C 79 -3.45 32.58 -1.25
CA PRO C 79 -2.20 31.83 -1.11
C PRO C 79 -1.05 32.73 -1.52
N LEU C 80 0.14 32.52 -0.94
CA LEU C 80 1.41 33.20 -1.33
C LEU C 80 2.41 32.13 -1.75
N PRO C 81 2.42 31.70 -3.03
CA PRO C 81 3.42 30.75 -3.51
C PRO C 81 4.82 31.36 -3.52
N ASP C 82 5.84 30.54 -3.31
CA ASP C 82 7.27 30.94 -3.42
C ASP C 82 7.67 30.76 -4.90
N SER C 83 8.93 31.04 -5.24
CA SER C 83 9.46 30.99 -6.62
C SER C 83 9.55 29.54 -7.14
N LEU C 84 9.33 28.54 -6.28
CA LEU C 84 9.27 27.10 -6.64
C LEU C 84 7.83 26.57 -6.61
N GLY C 85 6.81 27.46 -6.55
CA GLY C 85 5.37 27.16 -6.73
C GLY C 85 4.71 26.54 -5.52
N ARG C 86 5.43 26.47 -4.41
CA ARG C 86 4.96 25.89 -3.14
C ARG C 86 4.14 26.96 -2.39
N VAL C 87 2.98 26.57 -1.88
CA VAL C 87 2.06 27.43 -1.07
C VAL C 87 2.11 26.95 0.39
N ASN C 88 2.86 27.64 1.24
CA ASN C 88 3.07 27.32 2.67
C ASN C 88 2.61 28.50 3.53
N LYS C 89 1.89 29.45 2.92
CA LYS C 89 1.59 30.76 3.54
C LYS C 89 0.46 31.44 2.79
N VAL C 90 -0.40 32.15 3.51
CA VAL C 90 -1.55 32.95 3.02
C VAL C 90 -1.47 34.34 3.62
N GLU C 91 -2.35 35.22 3.17
CA GLU C 91 -2.62 36.54 3.81
C GLU C 91 -4.11 36.84 3.64
N LEU C 92 -4.68 37.70 4.48
CA LEU C 92 -6.08 38.16 4.30
C LEU C 92 -6.13 39.13 3.13
N ILE C 93 -7.12 38.97 2.23
CA ILE C 93 -7.44 39.99 1.20
C ILE C 93 -8.07 41.15 1.96
N PRO C 94 -7.66 42.40 1.73
CA PRO C 94 -8.31 43.55 2.37
C PRO C 94 -9.83 43.56 2.27
N LEU C 95 -10.53 44.07 3.29
CA LEU C 95 -12.03 44.01 3.37
C LEU C 95 -12.67 44.76 2.20
N GLU C 96 -12.27 46.01 1.96
CA GLU C 96 -12.81 46.80 0.83
C GLU C 96 -12.54 46.05 -0.48
N GLU C 97 -11.45 45.31 -0.58
CA GLU C 97 -11.09 44.56 -1.82
C GLU C 97 -11.98 43.33 -1.97
N LEU C 98 -12.35 42.68 -0.87
CA LEU C 98 -13.18 41.43 -0.89
C LEU C 98 -14.58 41.77 -1.42
N GLY C 99 -15.14 42.93 -1.05
CA GLY C 99 -16.40 43.46 -1.61
C GLY C 99 -17.61 42.86 -0.93
N ARG C 100 -17.37 42.08 0.12
CA ARG C 100 -18.42 41.35 0.85
C ARG C 100 -17.84 40.95 2.20
N PRO C 101 -18.66 40.43 3.12
CA PRO C 101 -18.14 39.90 4.39
C PRO C 101 -17.27 38.67 4.16
N ARG C 102 -16.26 38.46 5.02
CA ARG C 102 -15.62 37.13 5.26
C ARG C 102 -16.73 36.20 5.75
N ILE C 103 -16.94 35.08 5.06
CA ILE C 103 -17.99 34.07 5.39
C ILE C 103 -17.34 33.01 6.25
N ASP C 104 -18.00 32.63 7.34
CA ASP C 104 -17.48 31.53 8.18
C ASP C 104 -17.67 30.20 7.44
N VAL C 105 -16.77 29.25 7.68
CA VAL C 105 -16.82 27.93 7.01
C VAL C 105 -16.55 26.85 8.07
N VAL C 106 -17.36 25.79 8.05
CA VAL C 106 -16.97 24.49 8.65
C VAL C 106 -16.34 23.65 7.54
N VAL C 107 -15.05 23.39 7.68
CA VAL C 107 -14.25 22.74 6.61
C VAL C 107 -14.12 21.27 7.00
N ASN C 108 -15.04 20.47 6.45
CA ASN C 108 -15.13 19.01 6.65
C ASN C 108 -14.20 18.34 5.66
N CYS C 109 -12.99 18.02 6.12
CA CYS C 109 -11.97 17.35 5.30
C CYS C 109 -12.21 15.84 5.28
N SER C 110 -12.18 15.24 4.09
CA SER C 110 -12.35 13.78 3.93
C SER C 110 -11.11 13.12 4.55
N GLY C 111 -11.25 11.86 4.95
CA GLY C 111 -10.16 11.03 5.48
C GLY C 111 -8.97 11.08 4.56
N VAL C 112 -9.22 11.01 3.23
CA VAL C 112 -8.16 11.02 2.18
C VAL C 112 -7.57 12.42 2.02
N PHE C 113 -8.36 13.49 2.09
CA PHE C 113 -7.80 14.86 2.11
C PHE C 113 -6.76 14.98 3.23
N ARG C 114 -7.17 14.51 4.41
CA ARG C 114 -6.32 14.53 5.63
C ARG C 114 -5.03 13.77 5.32
N ASP C 115 -5.13 12.65 4.61
CA ASP C 115 -3.99 11.74 4.33
C ASP C 115 -3.03 12.44 3.36
N LEU C 116 -3.57 13.03 2.29
CA LEU C 116 -2.80 13.67 1.19
C LEU C 116 -2.33 15.07 1.61
N PHE C 117 -3.17 15.86 2.32
CA PHE C 117 -3.01 17.35 2.37
C PHE C 117 -2.91 17.90 3.82
N ILE C 118 -2.18 17.26 4.73
CA ILE C 118 -2.04 17.78 6.12
C ILE C 118 -1.55 19.25 6.14
N ASN C 119 -0.56 19.62 5.32
CA ASN C 119 -0.01 21.01 5.26
C ASN C 119 -1.08 21.99 4.77
N GLN C 120 -1.95 21.58 3.85
CA GLN C 120 -3.02 22.44 3.29
C GLN C 120 -4.10 22.70 4.35
N MET C 121 -4.40 21.70 5.21
CA MET C 121 -5.28 21.86 6.39
C MET C 121 -4.69 22.94 7.35
N ALA C 122 -3.38 22.92 7.58
CA ALA C 122 -2.63 23.97 8.33
C ALA C 122 -2.88 25.36 7.75
N LEU C 123 -2.83 25.43 6.42
CA LEU C 123 -2.92 26.65 5.57
C LEU C 123 -4.30 27.27 5.79
N ILE C 124 -5.36 26.46 5.67
CA ILE C 124 -6.77 26.90 5.91
C ILE C 124 -6.93 27.34 7.37
N ASP C 125 -6.34 26.60 8.30
CA ASP C 125 -6.50 26.84 9.76
C ASP C 125 -5.85 28.19 10.12
N ARG C 126 -4.66 28.44 9.58
CA ARG C 126 -3.93 29.73 9.70
C ARG C 126 -4.78 30.87 9.15
N ALA C 127 -5.42 30.71 7.98
CA ALA C 127 -6.24 31.74 7.30
C ALA C 127 -7.52 32.02 8.10
N ILE C 128 -8.18 31.01 8.64
CA ILE C 128 -9.45 31.21 9.42
C ILE C 128 -9.09 31.93 10.74
N LYS C 129 -7.99 31.53 11.37
CA LYS C 129 -7.55 32.13 12.66
C LYS C 129 -7.06 33.56 12.42
N MET C 130 -6.46 33.83 11.25
CA MET C 130 -6.09 35.19 10.78
C MET C 130 -7.37 36.04 10.77
N ALA C 131 -8.35 35.65 9.94
CA ALA C 131 -9.69 36.28 9.81
C ALA C 131 -10.28 36.54 11.20
N ALA C 132 -10.30 35.54 12.08
CA ALA C 132 -10.87 35.62 13.44
C ALA C 132 -10.25 36.80 14.23
N GLU C 133 -8.93 37.02 14.06
CA GLU C 133 -8.07 37.93 14.89
C GLU C 133 -7.96 39.32 14.23
N ALA C 134 -8.52 39.50 13.03
CA ALA C 134 -8.52 40.78 12.30
C ALA C 134 -9.43 41.79 13.02
N ASP C 135 -8.93 42.99 13.32
CA ASP C 135 -9.75 44.12 13.84
C ASP C 135 -10.59 44.66 12.67
N GLU C 136 -11.79 44.09 12.47
CA GLU C 136 -12.69 44.45 11.35
C GLU C 136 -14.15 44.41 11.84
N PRO C 137 -15.05 45.20 11.22
CA PRO C 137 -16.43 45.28 11.70
C PRO C 137 -17.15 43.92 11.58
N LEU C 138 -17.86 43.53 12.63
CA LEU C 138 -18.44 42.17 12.82
C LEU C 138 -19.49 41.87 11.74
N GLU C 139 -19.95 42.87 10.97
CA GLU C 139 -20.96 42.67 9.88
C GLU C 139 -20.25 42.43 8.53
N LEU C 140 -18.91 42.54 8.47
CA LEU C 140 -18.05 42.19 7.30
C LEU C 140 -17.05 41.04 7.63
N ASN C 141 -16.97 40.57 8.88
CA ASN C 141 -16.10 39.41 9.26
C ASN C 141 -16.94 38.42 10.07
N PHE C 142 -17.64 37.46 9.43
CA PHE C 142 -18.53 36.50 10.16
C PHE C 142 -17.72 35.47 10.97
N ILE C 143 -16.48 35.17 10.58
CA ILE C 143 -15.56 34.30 11.38
C ILE C 143 -15.31 34.93 12.75
N ARG C 144 -14.92 36.22 12.77
CA ARG C 144 -14.66 36.99 14.02
C ARG C 144 -15.97 37.09 14.81
N LYS C 145 -17.09 37.37 14.14
CA LYS C 145 -18.40 37.53 14.79
C LYS C 145 -18.73 36.25 15.57
N HIS C 146 -18.60 35.09 14.93
CA HIS C 146 -18.98 33.76 15.50
C HIS C 146 -18.01 33.38 16.62
N ALA C 147 -16.71 33.50 16.36
CA ALA C 147 -15.60 33.06 17.23
C ALA C 147 -15.56 33.89 18.52
N LEU C 148 -15.87 35.20 18.48
CA LEU C 148 -15.95 36.06 19.69
C LEU C 148 -17.01 35.51 20.65
N GLN C 149 -18.19 35.16 20.12
CA GLN C 149 -19.31 34.56 20.91
C GLN C 149 -18.87 33.21 21.46
N GLN C 150 -18.35 32.33 20.61
CA GLN C 150 -18.03 30.92 20.98
C GLN C 150 -16.89 30.89 22.01
N ALA C 151 -16.01 31.89 21.99
CA ALA C 151 -14.97 32.12 23.01
C ALA C 151 -15.65 32.41 24.36
N SER C 152 -16.70 33.23 24.35
CA SER C 152 -17.49 33.61 25.56
C SER C 152 -18.32 32.40 26.01
N GLU C 153 -19.15 31.84 25.11
CA GLU C 153 -20.06 30.70 25.42
C GLU C 153 -19.26 29.50 25.95
N LEU C 154 -18.13 29.18 25.32
CA LEU C 154 -17.33 27.96 25.64
C LEU C 154 -16.22 28.29 26.65
N GLY C 155 -15.89 29.58 26.83
CA GLY C 155 -14.92 30.08 27.83
C GLY C 155 -13.50 29.75 27.44
N ILE C 156 -13.12 30.09 26.20
CA ILE C 156 -11.85 29.62 25.56
C ILE C 156 -11.17 30.78 24.81
N ASP C 157 -9.93 30.54 24.39
CA ASP C 157 -9.11 31.47 23.57
C ASP C 157 -9.90 31.79 22.29
N LEU C 158 -9.73 32.98 21.72
CA LEU C 158 -10.39 33.37 20.45
C LEU C 158 -9.89 32.45 19.33
N ARG C 159 -8.57 32.23 19.23
CA ARG C 159 -7.96 31.29 18.25
C ARG C 159 -8.66 29.93 18.34
N GLN C 160 -8.54 29.23 19.49
CA GLN C 160 -9.27 27.95 19.78
C GLN C 160 -10.71 28.05 19.26
N ALA C 161 -11.47 29.09 19.63
CA ALA C 161 -12.89 29.26 19.22
C ALA C 161 -12.99 29.17 17.70
N ALA C 162 -12.05 29.79 16.99
CA ALA C 162 -12.03 29.86 15.51
C ALA C 162 -11.52 28.55 14.87
N THR C 163 -11.64 27.39 15.56
CA THR C 163 -11.29 26.06 14.98
C THR C 163 -12.39 25.63 13.98
N ARG C 164 -12.05 25.44 12.70
CA ARG C 164 -13.07 25.11 11.65
C ARG C 164 -12.64 23.95 10.76
N VAL C 165 -11.41 23.44 10.90
CA VAL C 165 -10.86 22.35 10.04
C VAL C 165 -11.05 21.04 10.82
N PHE C 166 -12.09 20.30 10.45
CA PHE C 166 -12.47 19.02 11.09
C PHE C 166 -12.27 17.85 10.12
N THR C 167 -12.03 16.67 10.69
CA THR C 167 -11.89 15.43 9.89
C THR C 167 -12.16 14.23 10.81
N ASN C 168 -12.14 13.05 10.18
CA ASN C 168 -12.14 11.70 10.81
C ASN C 168 -10.82 11.58 11.55
N ALA C 169 -10.78 10.76 12.59
CA ALA C 169 -9.54 10.33 13.28
C ALA C 169 -8.54 9.73 12.28
N SER C 170 -7.25 9.93 12.52
CA SER C 170 -6.20 9.33 11.67
C SER C 170 -6.48 7.82 11.59
N GLY C 171 -6.46 7.26 10.39
CA GLY C 171 -6.69 5.82 10.14
C GLY C 171 -8.17 5.49 9.98
N SER C 172 -9.05 6.49 10.14
CA SER C 172 -10.52 6.36 10.00
CA SER C 172 -10.53 6.40 10.03
C SER C 172 -11.01 7.19 8.81
N TYR C 173 -12.10 6.73 8.19
CA TYR C 173 -12.74 7.25 6.95
C TYR C 173 -14.25 7.12 7.08
N ALA C 174 -15.01 8.13 6.64
CA ALA C 174 -16.49 8.12 6.46
C ALA C 174 -17.21 8.42 7.79
N ALA C 175 -18.48 8.80 7.68
CA ALA C 175 -19.39 8.95 8.82
C ALA C 175 -19.97 7.59 9.24
N ASN C 176 -19.84 6.54 8.42
CA ASN C 176 -20.56 5.24 8.54
C ASN C 176 -22.08 5.43 8.38
N VAL C 177 -22.53 6.60 7.91
CA VAL C 177 -23.96 6.83 7.53
C VAL C 177 -24.27 5.99 6.27
N ASN C 178 -23.33 5.89 5.32
CA ASN C 178 -23.39 4.96 4.14
C ASN C 178 -23.72 3.54 4.62
N LEU C 179 -23.01 3.03 5.64
CA LEU C 179 -23.15 1.63 6.13
C LEU C 179 -24.52 1.45 6.81
N ALA C 180 -24.88 2.35 7.72
CA ALA C 180 -26.21 2.36 8.38
C ALA C 180 -27.31 2.35 7.32
N VAL C 181 -27.20 3.21 6.31
CA VAL C 181 -28.23 3.26 5.23
C VAL C 181 -28.22 1.94 4.45
N GLU C 182 -27.06 1.41 4.08
CA GLU C 182 -26.99 0.22 3.21
C GLU C 182 -27.58 -1.01 3.95
N ASN C 183 -27.42 -1.05 5.28
CA ASN C 183 -27.78 -2.21 6.13
C ASN C 183 -29.15 -1.97 6.80
N SER C 184 -29.74 -0.79 6.62
CA SER C 184 -31.04 -0.43 7.23
C SER C 184 -31.01 -0.64 8.76
N SER C 185 -29.83 -0.48 9.37
CA SER C 185 -29.51 -0.76 10.80
C SER C 185 -29.61 0.54 11.59
N TRP C 186 -30.75 1.21 11.47
CA TRP C 186 -31.05 2.50 12.17
C TRP C 186 -32.55 2.72 12.20
N GLU C 187 -33.02 3.36 13.27
CA GLU C 187 -34.45 3.70 13.53
C GLU C 187 -34.70 5.17 13.18
N GLN C 188 -34.08 6.08 13.94
CA GLN C 188 -34.32 7.53 13.86
C GLN C 188 -33.12 8.17 13.19
N GLU C 189 -33.36 9.25 12.48
CA GLU C 189 -32.28 10.05 11.86
C GLU C 189 -31.26 10.45 12.94
N SER C 190 -31.65 10.65 14.20
CA SER C 190 -30.72 11.09 15.28
C SER C 190 -29.52 10.13 15.34
N GLU C 191 -29.70 8.84 15.03
CA GLU C 191 -28.62 7.81 15.06
C GLU C 191 -27.57 8.08 13.98
N LEU C 192 -28.02 8.34 12.75
CA LEU C 192 -27.13 8.75 11.65
C LEU C 192 -26.33 9.99 12.07
N GLN C 193 -27.00 10.96 12.71
CA GLN C 193 -26.37 12.25 13.05
C GLN C 193 -25.34 12.00 14.15
N ASP C 194 -25.66 11.16 15.13
CA ASP C 194 -24.68 10.82 16.19
C ASP C 194 -23.43 10.19 15.56
N MET C 195 -23.59 9.32 14.57
CA MET C 195 -22.44 8.67 13.90
C MET C 195 -21.52 9.74 13.31
N TYR C 196 -22.10 10.67 12.55
CA TYR C 196 -21.34 11.79 11.92
C TYR C 196 -20.62 12.63 12.98
N LEU C 197 -21.33 13.03 14.04
CA LEU C 197 -20.75 13.95 15.06
C LEU C 197 -19.63 13.22 15.80
N SER C 198 -19.85 11.96 16.12
CA SER C 198 -18.85 11.08 16.77
C SER C 198 -17.56 10.96 15.93
N ARG C 199 -17.69 10.76 14.61
CA ARG C 199 -16.57 10.34 13.74
C ARG C 199 -15.86 11.56 13.13
N LYS C 200 -16.57 12.66 12.87
CA LYS C 200 -15.98 13.73 12.03
C LYS C 200 -15.66 14.95 12.91
N SER C 201 -15.71 14.81 14.24
CA SER C 201 -15.45 15.93 15.20
C SER C 201 -13.98 16.05 15.58
N PHE C 202 -13.06 15.48 14.77
CA PHE C 202 -11.59 15.51 15.05
C PHE C 202 -11.00 16.82 14.49
N ALA C 203 -10.51 17.71 15.38
CA ALA C 203 -10.07 19.10 15.05
C ALA C 203 -8.57 19.16 14.76
N PHE C 204 -8.24 19.67 13.57
CA PHE C 204 -6.86 20.09 13.24
C PHE C 204 -6.56 21.44 13.90
N SER C 205 -5.29 21.63 14.28
CA SER C 205 -4.70 22.93 14.69
C SER C 205 -3.28 23.03 14.12
N MET C 212 -4.32 15.22 16.72
CA MET C 212 -5.71 15.75 16.67
C MET C 212 -6.52 15.13 17.80
N GLN C 213 -7.30 15.97 18.46
CA GLN C 213 -8.24 15.61 19.55
C GLN C 213 -9.64 15.61 18.95
N GLN C 214 -10.51 14.70 19.39
CA GLN C 214 -11.97 14.88 19.23
C GLN C 214 -12.34 16.22 19.87
N ALA C 215 -13.11 17.07 19.18
CA ALA C 215 -13.67 18.36 19.70
C ALA C 215 -15.16 18.45 19.36
N ARG C 216 -15.98 17.56 19.90
CA ARG C 216 -17.40 17.43 19.47
C ARG C 216 -18.18 18.68 19.87
N GLU C 217 -17.98 19.20 21.08
CA GLU C 217 -18.69 20.43 21.52
C GLU C 217 -18.36 21.58 20.55
N LEU C 218 -17.08 21.78 20.26
CA LEU C 218 -16.68 22.91 19.39
C LEU C 218 -17.27 22.67 17.99
N PHE C 219 -17.36 21.41 17.56
CA PHE C 219 -17.89 21.04 16.21
C PHE C 219 -19.39 21.32 16.14
N GLU C 220 -20.14 20.90 17.17
CA GLU C 220 -21.61 21.16 17.26
C GLU C 220 -21.82 22.67 17.30
N THR C 221 -21.04 23.41 18.11
CA THR C 221 -21.19 24.88 18.23
C THR C 221 -21.01 25.49 16.83
N ALA C 222 -19.98 25.12 16.09
CA ALA C 222 -19.70 25.68 14.74
C ALA C 222 -20.83 25.28 13.77
N LEU C 223 -21.27 24.02 13.81
CA LEU C 223 -22.34 23.51 12.91
C LEU C 223 -23.68 24.23 13.19
N LYS C 224 -24.01 24.58 14.43
CA LYS C 224 -25.28 25.29 14.71
C LYS C 224 -25.36 26.63 13.94
N THR C 225 -24.22 27.24 13.58
CA THR C 225 -24.19 28.55 12.88
C THR C 225 -24.41 28.34 11.37
N VAL C 226 -24.41 27.10 10.90
CA VAL C 226 -24.41 26.77 9.44
C VAL C 226 -25.76 27.16 8.82
N ASP C 227 -25.70 28.03 7.81
CA ASP C 227 -26.85 28.48 6.96
C ASP C 227 -26.90 27.80 5.60
N VAL C 228 -25.75 27.31 5.13
CA VAL C 228 -25.59 26.72 3.78
C VAL C 228 -24.78 25.44 3.91
N THR C 229 -25.18 24.38 3.19
CA THR C 229 -24.28 23.22 2.97
C THR C 229 -23.91 23.14 1.49
N PHE C 230 -22.70 22.66 1.26
CA PHE C 230 -22.08 22.72 -0.08
C PHE C 230 -21.13 21.54 -0.31
N GLN C 231 -21.19 20.99 -1.51
CA GLN C 231 -20.18 20.05 -2.03
C GLN C 231 -19.96 20.34 -3.52
N ASN C 232 -18.75 20.07 -4.01
CA ASN C 232 -18.36 19.95 -5.44
C ASN C 232 -18.35 18.48 -5.85
N LEU C 233 -19.03 18.15 -6.94
CA LEU C 233 -18.86 16.85 -7.66
C LEU C 233 -18.97 17.10 -9.16
N ASP C 234 -18.55 16.10 -9.93
CA ASP C 234 -18.59 16.10 -11.41
C ASP C 234 -19.68 15.09 -11.82
N SER C 235 -20.90 15.58 -12.06
CA SER C 235 -22.09 14.74 -12.44
C SER C 235 -21.80 13.99 -13.74
N SER C 236 -20.67 14.32 -14.37
CA SER C 236 -20.19 13.83 -15.67
C SER C 236 -19.13 12.73 -15.48
N GLU C 237 -18.82 12.37 -14.23
CA GLU C 237 -17.88 11.26 -13.89
C GLU C 237 -18.49 10.40 -12.77
N ILE C 238 -18.80 11.02 -11.62
CA ILE C 238 -19.43 10.34 -10.44
C ILE C 238 -20.64 11.17 -9.99
N SER C 239 -21.86 10.70 -10.26
CA SER C 239 -23.13 11.42 -9.96
C SER C 239 -23.35 11.25 -8.45
N LEU C 240 -24.27 12.01 -7.87
CA LEU C 240 -24.45 11.95 -6.38
C LEU C 240 -25.17 10.66 -5.95
N THR C 241 -25.68 9.81 -6.85
CA THR C 241 -26.25 8.47 -6.52
C THR C 241 -25.38 7.33 -7.08
N ASP C 242 -24.25 7.63 -7.75
CA ASP C 242 -23.31 6.61 -8.26
C ASP C 242 -22.67 5.87 -7.08
N VAL C 243 -22.50 6.57 -5.96
CA VAL C 243 -21.76 6.07 -4.77
C VAL C 243 -22.49 6.60 -3.55
N SER C 244 -22.13 6.11 -2.36
CA SER C 244 -22.77 6.49 -1.09
C SER C 244 -21.97 7.55 -0.34
N HIS C 245 -20.74 7.88 -0.75
CA HIS C 245 -19.87 8.73 0.11
C HIS C 245 -20.35 10.20 0.13
N TYR C 246 -21.03 10.68 -0.91
CA TYR C 246 -21.51 12.09 -0.92
C TYR C 246 -22.63 12.30 0.13
N PHE C 247 -23.63 11.43 0.19
CA PHE C 247 -24.71 11.58 1.22
C PHE C 247 -24.09 11.24 2.59
N ASP C 248 -23.12 10.32 2.63
CA ASP C 248 -22.51 9.93 3.93
C ASP C 248 -21.97 11.19 4.63
N SER C 249 -21.44 12.17 3.86
CA SER C 249 -20.77 13.41 4.34
C SER C 249 -21.74 14.61 4.41
N ASP C 250 -23.01 14.42 4.06
CA ASP C 250 -24.02 15.50 4.07
C ASP C 250 -24.54 15.78 5.47
N PRO C 251 -24.33 17.03 5.98
CA PRO C 251 -24.82 17.45 7.29
C PRO C 251 -26.08 18.34 7.29
N THR C 252 -26.82 18.29 6.17
CA THR C 252 -27.97 19.17 5.87
C THR C 252 -29.02 19.01 6.97
N LYS C 253 -29.55 17.81 7.17
CA LYS C 253 -30.58 17.61 8.25
C LYS C 253 -29.96 17.71 9.64
N LEU C 254 -28.69 17.31 9.76
CA LEU C 254 -27.97 17.24 11.05
C LEU C 254 -27.97 18.65 11.67
N VAL C 255 -27.66 19.66 10.86
CA VAL C 255 -27.56 21.08 11.29
C VAL C 255 -28.94 21.51 11.82
N ALA C 256 -30.04 21.20 11.10
CA ALA C 256 -31.42 21.53 11.54
C ALA C 256 -31.70 20.92 12.91
N ALA C 257 -31.31 19.65 13.15
CA ALA C 257 -31.52 18.97 14.46
C ALA C 257 -30.68 19.62 15.56
N LEU C 258 -29.47 20.13 15.23
CA LEU C 258 -28.59 20.73 16.25
C LEU C 258 -29.16 22.08 16.69
N ARG C 259 -29.50 22.91 15.72
CA ARG C 259 -29.93 24.32 15.87
C ARG C 259 -31.14 24.42 16.79
N GLY C 260 -31.12 25.37 17.73
CA GLY C 260 -32.25 25.75 18.62
C GLY C 260 -33.51 26.08 17.84
N ASP C 261 -33.37 26.73 16.66
CA ASP C 261 -34.50 27.21 15.82
C ASP C 261 -34.95 26.12 14.85
N GLY C 262 -34.21 25.01 14.74
CA GLY C 262 -34.56 23.85 13.89
C GLY C 262 -34.41 24.12 12.41
N LYS C 263 -33.72 25.19 12.01
CA LYS C 263 -33.70 25.75 10.64
C LYS C 263 -32.75 24.91 9.80
N GLN C 264 -33.30 24.19 8.82
CA GLN C 264 -32.50 23.36 7.87
C GLN C 264 -31.79 24.31 6.93
N PRO C 265 -30.44 24.25 6.84
CA PRO C 265 -29.71 25.12 5.94
C PRO C 265 -30.05 24.85 4.49
N LYS C 266 -29.88 25.85 3.63
CA LYS C 266 -30.01 25.62 2.17
C LYS C 266 -28.83 24.75 1.71
N ALA C 267 -29.09 23.80 0.83
CA ALA C 267 -28.07 22.85 0.32
C ALA C 267 -27.82 23.13 -1.16
N TYR C 268 -26.55 23.20 -1.55
CA TYR C 268 -26.13 23.31 -2.95
C TYR C 268 -25.03 22.28 -3.30
N ILE C 269 -24.95 22.01 -4.60
CA ILE C 269 -23.92 21.14 -5.22
C ILE C 269 -23.38 21.93 -6.40
N ALA C 270 -22.07 22.17 -6.41
CA ALA C 270 -21.40 22.71 -7.61
C ALA C 270 -21.06 21.54 -8.54
N ASP C 271 -21.79 21.46 -9.66
CA ASP C 271 -21.55 20.44 -10.69
C ASP C 271 -20.41 20.95 -11.56
N THR C 272 -19.25 20.29 -11.45
CA THR C 272 -17.96 20.66 -12.09
C THR C 272 -17.70 19.77 -13.31
N THR C 273 -18.76 19.38 -14.03
CA THR C 273 -18.70 18.79 -15.39
C THR C 273 -17.88 19.70 -16.34
N THR C 274 -18.13 21.01 -16.29
CA THR C 274 -17.51 22.04 -17.16
C THR C 274 -17.06 23.24 -16.31
N VAL C 279 -23.96 25.95 -10.21
CA VAL C 279 -24.34 25.78 -8.78
C VAL C 279 -25.85 25.59 -8.71
N ARG C 280 -26.31 24.38 -8.41
CA ARG C 280 -27.76 24.06 -8.25
C ARG C 280 -28.07 23.82 -6.76
N THR C 281 -29.35 23.87 -6.37
CA THR C 281 -29.77 23.39 -5.03
C THR C 281 -29.56 21.88 -5.03
N LEU C 282 -29.47 21.27 -3.86
CA LEU C 282 -29.26 19.81 -3.75
C LEU C 282 -30.47 19.07 -4.35
N SER C 283 -31.68 19.56 -4.06
CA SER C 283 -32.94 18.92 -4.51
C SER C 283 -33.03 19.05 -6.04
N GLU C 284 -32.58 20.16 -6.61
CA GLU C 284 -32.49 20.31 -8.09
C GLU C 284 -31.54 19.24 -8.65
N THR C 285 -30.35 19.09 -8.05
CA THR C 285 -29.34 18.09 -8.44
C THR C 285 -29.94 16.67 -8.34
N VAL C 286 -30.62 16.37 -7.24
CA VAL C 286 -31.27 15.03 -7.04
C VAL C 286 -32.29 14.83 -8.18
N ARG C 287 -33.19 15.80 -8.43
CA ARG C 287 -34.31 15.62 -9.39
C ARG C 287 -33.75 15.53 -10.82
N LEU C 288 -32.76 16.37 -11.18
CA LEU C 288 -32.06 16.23 -12.49
C LEU C 288 -31.39 14.85 -12.59
N ASP C 289 -30.66 14.41 -11.56
CA ASP C 289 -29.95 13.10 -11.56
C ASP C 289 -30.93 11.94 -11.82
N SER C 290 -32.14 11.98 -11.25
CA SER C 290 -33.14 10.89 -11.33
C SER C 290 -33.73 10.81 -12.75
N ARG C 291 -33.92 11.96 -13.39
CA ARG C 291 -34.33 12.06 -14.82
C ARG C 291 -33.20 11.49 -15.71
N THR C 292 -31.95 11.56 -15.23
CA THR C 292 -30.71 11.26 -16.00
C THR C 292 -30.32 9.80 -15.86
N LYS C 293 -30.48 9.23 -14.67
CA LYS C 293 -30.04 7.86 -14.34
C LYS C 293 -31.27 7.00 -13.99
N LEU C 294 -31.79 7.09 -12.75
CA LEU C 294 -32.72 6.06 -12.21
C LEU C 294 -33.92 5.87 -13.13
N LEU C 295 -34.56 6.96 -13.59
CA LEU C 295 -35.90 6.92 -14.26
C LEU C 295 -35.71 7.02 -15.77
N ASN C 296 -34.46 6.93 -16.22
CA ASN C 296 -34.04 7.11 -17.63
C ASN C 296 -33.94 5.73 -18.28
N PRO C 297 -34.79 5.39 -19.28
CA PRO C 297 -34.74 4.06 -19.89
C PRO C 297 -33.35 3.81 -20.50
N LYS C 298 -32.73 4.83 -21.08
CA LYS C 298 -31.37 4.69 -21.68
C LYS C 298 -30.45 4.13 -20.62
N TRP C 299 -30.51 4.70 -19.40
CA TRP C 299 -29.64 4.23 -18.30
C TRP C 299 -30.09 2.86 -17.78
N TYR C 300 -31.36 2.66 -17.42
CA TYR C 300 -31.78 1.38 -16.79
C TYR C 300 -31.64 0.25 -17.83
N GLU C 301 -31.99 0.45 -19.11
CA GLU C 301 -31.81 -0.61 -20.16
C GLU C 301 -30.30 -0.90 -20.32
N GLY C 302 -29.46 0.13 -20.34
CA GLY C 302 -27.98 -0.01 -20.36
C GLY C 302 -27.48 -0.93 -19.26
N MET C 303 -28.01 -0.74 -18.05
CA MET C 303 -27.69 -1.62 -16.91
C MET C 303 -28.24 -3.03 -17.14
N LEU C 304 -29.50 -3.18 -17.56
CA LEU C 304 -30.12 -4.52 -17.70
C LEU C 304 -29.35 -5.35 -18.74
N ALA C 305 -28.83 -4.71 -19.80
CA ALA C 305 -27.99 -5.34 -20.85
C ALA C 305 -26.88 -6.16 -20.21
N HIS C 306 -26.38 -5.74 -19.04
CA HIS C 306 -25.37 -6.48 -18.26
C HIS C 306 -25.98 -7.76 -17.67
N GLY C 307 -27.31 -7.87 -17.62
CA GLY C 307 -27.99 -8.99 -16.93
C GLY C 307 -27.95 -8.83 -15.42
N TYR C 308 -27.43 -9.83 -14.71
CA TYR C 308 -27.55 -10.05 -13.24
C TYR C 308 -27.17 -8.79 -12.45
N GLU C 309 -26.02 -8.18 -12.77
CA GLU C 309 -25.49 -6.96 -12.08
C GLU C 309 -26.34 -5.74 -12.40
N GLY C 310 -27.01 -5.72 -13.57
CA GLY C 310 -27.94 -4.65 -14.00
C GLY C 310 -29.01 -4.39 -12.95
N VAL C 311 -29.50 -5.45 -12.31
CA VAL C 311 -30.56 -5.38 -11.27
C VAL C 311 -29.93 -4.85 -9.98
N ARG C 312 -28.72 -5.33 -9.65
CA ARG C 312 -27.93 -4.84 -8.47
C ARG C 312 -27.72 -3.32 -8.60
N GLU C 313 -27.25 -2.85 -9.76
CA GLU C 313 -26.94 -1.39 -9.96
C GLU C 313 -28.20 -0.54 -9.81
N ILE C 314 -29.37 -0.99 -10.29
CA ILE C 314 -30.67 -0.30 -10.12
C ILE C 314 -31.01 -0.27 -8.62
N SER C 315 -30.84 -1.42 -7.95
CA SER C 315 -31.05 -1.58 -6.47
C SER C 315 -30.16 -0.58 -5.70
N LYS C 316 -28.86 -0.59 -6.00
CA LYS C 316 -27.83 0.31 -5.39
C LYS C 316 -28.25 1.78 -5.61
N ARG C 317 -28.69 2.11 -6.83
CA ARG C 317 -29.11 3.49 -7.18
C ARG C 317 -30.29 3.90 -6.29
N LEU C 318 -31.29 3.04 -6.12
CA LEU C 318 -32.45 3.41 -5.26
C LEU C 318 -31.96 3.55 -3.81
N VAL C 319 -31.08 2.67 -3.32
CA VAL C 319 -30.51 2.83 -1.94
C VAL C 319 -29.80 4.18 -1.80
N ASN C 320 -28.96 4.56 -2.76
CA ASN C 320 -28.19 5.82 -2.67
C ASN C 320 -29.16 7.00 -2.70
N THR C 321 -30.27 6.91 -3.44
CA THR C 321 -31.29 7.98 -3.46
C THR C 321 -31.88 8.13 -2.05
N MET C 322 -32.21 6.99 -1.44
CA MET C 322 -32.81 6.96 -0.08
C MET C 322 -31.82 7.60 0.92
N GLY C 323 -30.53 7.40 0.71
CA GLY C 323 -29.51 8.10 1.52
C GLY C 323 -29.79 9.61 1.56
N TRP C 324 -30.07 10.21 0.40
CA TRP C 324 -30.31 11.67 0.29
C TRP C 324 -31.62 12.08 0.97
N SER C 325 -32.63 11.20 1.04
CA SER C 325 -33.83 11.47 1.89
C SER C 325 -33.39 11.55 3.35
N ALA C 326 -32.61 10.55 3.79
CA ALA C 326 -32.15 10.40 5.19
C ALA C 326 -31.32 11.61 5.63
N THR C 327 -30.35 12.05 4.83
CA THR C 327 -29.37 13.10 5.20
C THR C 327 -29.87 14.53 4.90
N ALA C 328 -30.83 14.71 3.97
CA ALA C 328 -31.27 16.06 3.51
C ALA C 328 -32.78 16.23 3.27
N GLY C 329 -33.58 15.16 3.24
CA GLY C 329 -34.94 15.14 2.66
C GLY C 329 -34.99 15.70 1.26
N ALA C 330 -33.93 15.49 0.44
CA ALA C 330 -33.73 16.21 -0.83
C ALA C 330 -34.37 15.45 -1.99
N VAL C 331 -35.16 14.39 -1.73
CA VAL C 331 -35.78 13.58 -2.81
C VAL C 331 -37.29 13.77 -2.80
N ASP C 332 -37.81 14.48 -3.82
CA ASP C 332 -39.26 14.71 -3.97
C ASP C 332 -39.97 13.36 -4.05
N ASN C 333 -41.18 13.35 -3.53
CA ASN C 333 -42.08 12.17 -3.52
C ASN C 333 -42.19 11.56 -4.91
N TRP C 334 -42.32 12.36 -5.99
CA TRP C 334 -42.60 11.82 -7.34
C TRP C 334 -41.43 10.99 -7.86
N VAL C 335 -40.22 11.19 -7.33
CA VAL C 335 -39.06 10.37 -7.79
C VAL C 335 -39.31 8.90 -7.40
N TYR C 336 -39.76 8.65 -6.17
CA TYR C 336 -40.05 7.27 -5.70
C TYR C 336 -41.34 6.76 -6.34
N GLU C 337 -42.36 7.62 -6.38
CA GLU C 337 -43.65 7.27 -7.02
C GLU C 337 -43.31 6.77 -8.44
N GLU C 338 -42.45 7.48 -9.18
CA GLU C 338 -42.21 7.16 -10.61
C GLU C 338 -41.24 5.97 -10.72
N ALA C 339 -40.30 5.79 -9.78
CA ALA C 339 -39.44 4.59 -9.72
C ALA C 339 -40.30 3.33 -9.50
N ASN C 340 -41.28 3.42 -8.60
CA ASN C 340 -42.21 2.31 -8.30
C ASN C 340 -43.05 1.98 -9.54
N ALA C 341 -43.62 3.01 -10.18
CA ALA C 341 -44.40 2.92 -11.44
C ALA C 341 -43.60 2.18 -12.51
N THR C 342 -42.32 2.56 -12.69
CA THR C 342 -41.36 2.02 -13.69
C THR C 342 -41.01 0.55 -13.39
N PHE C 343 -40.56 0.23 -12.17
CA PHE C 343 -39.83 -1.02 -11.90
C PHE C 343 -40.77 -2.07 -11.29
N ILE C 344 -41.86 -1.61 -10.67
CA ILE C 344 -42.74 -2.53 -9.89
C ILE C 344 -44.11 -2.61 -10.57
N LEU C 345 -44.82 -1.48 -10.76
CA LEU C 345 -46.20 -1.49 -11.30
C LEU C 345 -46.21 -2.08 -12.70
N ASP C 346 -45.17 -1.81 -13.51
CA ASP C 346 -45.00 -2.37 -14.87
C ASP C 346 -44.61 -3.85 -14.74
N GLU C 347 -45.59 -4.75 -14.95
CA GLU C 347 -45.49 -6.23 -14.78
C GLU C 347 -44.35 -6.79 -15.64
N GLN C 348 -44.23 -6.31 -16.89
CA GLN C 348 -43.21 -6.75 -17.87
C GLN C 348 -41.82 -6.45 -17.28
N MET C 349 -41.62 -5.20 -16.86
CA MET C 349 -40.32 -4.75 -16.24
C MET C 349 -40.13 -5.55 -14.94
N ARG C 350 -41.13 -5.57 -14.06
CA ARG C 350 -41.07 -6.31 -12.78
C ARG C 350 -40.60 -7.76 -13.01
N GLN C 351 -41.19 -8.45 -13.99
CA GLN C 351 -40.93 -9.89 -14.24
C GLN C 351 -39.48 -10.08 -14.71
N ARG C 352 -38.95 -9.13 -15.49
CA ARG C 352 -37.55 -9.18 -16.02
C ARG C 352 -36.54 -9.17 -14.85
N LEU C 353 -36.68 -8.21 -13.93
CA LEU C 353 -35.79 -8.04 -12.75
C LEU C 353 -35.83 -9.31 -11.88
N LEU C 354 -37.04 -9.76 -11.56
CA LEU C 354 -37.28 -10.96 -10.72
C LEU C 354 -36.54 -12.16 -11.32
N ASN C 355 -36.72 -12.42 -12.62
CA ASN C 355 -36.13 -13.57 -13.34
C ASN C 355 -34.60 -13.43 -13.40
N THR C 356 -34.08 -12.21 -13.58
CA THR C 356 -32.64 -11.97 -13.87
C THR C 356 -31.82 -12.02 -12.58
N ASN C 357 -32.37 -11.51 -11.48
CA ASN C 357 -31.65 -11.34 -10.20
C ASN C 357 -32.64 -11.30 -9.05
N PRO C 358 -33.26 -12.44 -8.66
CA PRO C 358 -34.27 -12.43 -7.61
C PRO C 358 -33.81 -11.71 -6.34
N HIS C 359 -32.55 -11.90 -5.93
CA HIS C 359 -31.97 -11.32 -4.67
C HIS C 359 -31.96 -9.79 -4.75
N SER C 360 -31.48 -9.20 -5.82
CA SER C 360 -31.45 -7.72 -5.94
C SER C 360 -32.86 -7.17 -6.23
N PHE C 361 -33.78 -7.98 -6.76
CA PHE C 361 -35.22 -7.59 -6.86
C PHE C 361 -35.84 -7.52 -5.45
N ARG C 362 -35.57 -8.54 -4.62
CA ARG C 362 -35.95 -8.61 -3.19
C ARG C 362 -35.47 -7.34 -2.50
N LYS C 363 -34.20 -6.97 -2.70
CA LYS C 363 -33.61 -5.73 -2.14
C LYS C 363 -34.42 -4.49 -2.59
N MET C 364 -34.72 -4.36 -3.90
CA MET C 364 -35.53 -3.23 -4.41
C MET C 364 -36.89 -3.17 -3.73
N VAL C 365 -37.60 -4.29 -3.66
CA VAL C 365 -38.92 -4.38 -2.99
C VAL C 365 -38.77 -3.90 -1.53
N SER C 366 -37.70 -4.33 -0.87
CA SER C 366 -37.44 -4.00 0.55
C SER C 366 -37.22 -2.49 0.65
N THR C 367 -36.49 -1.93 -0.32
CA THR C 367 -36.13 -0.50 -0.23
C THR C 367 -37.42 0.31 -0.35
N PHE C 368 -38.32 -0.06 -1.26
CA PHE C 368 -39.59 0.70 -1.49
C PHE C 368 -40.44 0.68 -0.22
N LEU C 369 -40.55 -0.51 0.37
CA LEU C 369 -41.31 -0.70 1.63
C LEU C 369 -40.66 0.13 2.74
N GLU C 370 -39.33 0.13 2.80
CA GLU C 370 -38.58 0.92 3.81
C GLU C 370 -38.80 2.43 3.59
N LEU C 371 -38.74 2.90 2.33
CA LEU C 371 -39.01 4.34 2.04
C LEU C 371 -40.39 4.73 2.58
N HIS C 372 -41.42 3.89 2.39
CA HIS C 372 -42.76 4.24 2.97
C HIS C 372 -42.70 4.19 4.51
N GLY C 373 -42.03 3.15 5.06
CA GLY C 373 -41.77 2.90 6.50
C GLY C 373 -41.21 4.11 7.23
N ARG C 374 -40.27 4.82 6.58
CA ARG C 374 -39.51 5.98 7.11
C ARG C 374 -40.15 7.31 6.71
N GLY C 375 -41.25 7.27 5.97
CA GLY C 375 -42.06 8.45 5.59
C GLY C 375 -41.41 9.25 4.48
N TYR C 376 -40.50 8.65 3.69
CA TYR C 376 -39.72 9.30 2.60
C TYR C 376 -40.49 9.15 1.29
N TRP C 377 -41.44 8.22 1.26
CA TRP C 377 -42.29 7.98 0.06
C TRP C 377 -43.75 7.83 0.52
N GLU C 378 -44.66 8.66 0.00
CA GLU C 378 -46.14 8.51 0.21
C GLU C 378 -46.75 7.93 -1.06
N THR C 379 -47.60 6.92 -0.88
CA THR C 379 -48.18 6.17 -2.01
C THR C 379 -49.42 5.43 -1.53
N SER C 380 -50.14 4.85 -2.49
CA SER C 380 -51.44 4.18 -2.27
C SER C 380 -51.24 2.91 -1.45
N GLU C 381 -52.23 2.59 -0.63
CA GLU C 381 -52.37 1.28 0.05
C GLU C 381 -52.25 0.16 -0.99
N ALA C 382 -52.83 0.36 -2.18
CA ALA C 382 -52.78 -0.61 -3.32
C ALA C 382 -51.32 -0.93 -3.66
N ASN C 383 -50.46 0.09 -3.72
CA ASN C 383 -49.02 -0.03 -4.10
C ASN C 383 -48.23 -0.82 -3.03
N LEU C 384 -48.47 -0.50 -1.76
CA LEU C 384 -47.78 -1.18 -0.62
C LEU C 384 -48.25 -2.64 -0.52
N GLU C 385 -49.56 -2.91 -0.71
CA GLU C 385 -50.13 -4.29 -0.73
C GLU C 385 -49.40 -5.14 -1.79
N LEU C 386 -49.21 -4.57 -2.98
CA LEU C 386 -48.46 -5.18 -4.11
C LEU C 386 -47.03 -5.46 -3.65
N LEU C 387 -46.35 -4.50 -3.04
CA LEU C 387 -44.93 -4.69 -2.63
C LEU C 387 -44.80 -5.79 -1.57
N ARG C 388 -45.68 -5.79 -0.58
CA ARG C 388 -45.70 -6.85 0.50
C ARG C 388 -45.92 -8.23 -0.13
N GLN C 389 -46.83 -8.34 -1.11
CA GLN C 389 -47.12 -9.62 -1.82
C GLN C 389 -45.91 -10.04 -2.67
N LEU C 390 -45.30 -9.09 -3.40
CA LEU C 390 -44.08 -9.38 -4.20
C LEU C 390 -42.94 -9.80 -3.29
N TYR C 391 -42.82 -9.21 -2.10
CA TYR C 391 -41.77 -9.57 -1.12
C TYR C 391 -41.98 -11.03 -0.69
N GLN C 392 -43.20 -11.45 -0.34
CA GLN C 392 -43.53 -12.86 -0.02
C GLN C 392 -43.08 -13.74 -1.19
N GLU C 393 -43.51 -13.38 -2.41
CA GLU C 393 -43.35 -14.24 -3.62
C GLU C 393 -41.86 -14.44 -3.93
N VAL C 394 -41.00 -13.42 -3.73
CA VAL C 394 -39.54 -13.53 -4.08
C VAL C 394 -38.82 -14.31 -2.96
N GLU C 395 -39.20 -14.08 -1.69
CA GLU C 395 -38.69 -14.86 -0.53
C GLU C 395 -38.97 -16.36 -0.77
N ASP C 396 -40.23 -16.70 -1.09
CA ASP C 396 -40.69 -18.08 -1.40
C ASP C 396 -39.84 -18.67 -2.53
N LYS C 397 -39.52 -17.88 -3.55
CA LYS C 397 -38.75 -18.33 -4.74
C LYS C 397 -37.25 -18.46 -4.41
N ILE C 398 -36.69 -17.54 -3.63
CA ILE C 398 -35.23 -17.51 -3.27
C ILE C 398 -34.88 -18.75 -2.45
N GLU C 399 -35.83 -19.28 -1.67
CA GLU C 399 -35.64 -20.50 -0.82
C GLU C 399 -35.93 -21.76 -1.64
N GLY C 400 -36.13 -21.60 -2.95
CA GLY C 400 -36.19 -22.70 -3.94
C GLY C 400 -34.86 -22.89 -4.65
N VAL C 401 -34.17 -21.78 -4.98
CA VAL C 401 -32.85 -21.78 -5.67
C VAL C 401 -31.75 -22.07 -4.65
N GLU C 402 -31.84 -21.46 -3.46
CA GLU C 402 -30.91 -21.68 -2.32
C GLU C 402 -31.25 -23.02 -1.64
N ASP D 15 7.82 10.50 13.01
CA ASP D 15 8.24 11.77 12.31
C ASP D 15 9.72 11.62 11.97
N PRO D 16 10.12 11.70 10.67
CA PRO D 16 11.52 11.51 10.30
C PRO D 16 12.43 12.55 10.98
N GLN D 17 11.91 13.78 11.15
CA GLN D 17 12.65 14.94 11.74
C GLN D 17 12.97 14.69 13.21
N ALA D 18 12.52 13.56 13.79
CA ALA D 18 12.86 13.10 15.15
C ALA D 18 14.29 12.57 15.23
N ILE D 19 14.90 12.12 14.11
CA ILE D 19 16.23 11.42 14.17
C ILE D 19 17.35 12.40 13.76
N PRO D 20 18.58 12.21 14.28
CA PRO D 20 18.84 11.20 15.32
C PRO D 20 18.61 11.80 16.71
N THR D 21 18.23 10.95 17.67
CA THR D 21 17.97 11.37 19.06
C THR D 21 19.30 11.49 19.80
N ALA D 22 19.31 12.12 20.97
CA ALA D 22 20.53 12.19 21.80
C ALA D 22 21.03 10.76 22.09
N ALA D 23 20.13 9.81 22.33
CA ALA D 23 20.52 8.42 22.67
C ALA D 23 21.15 7.74 21.45
N ALA D 24 20.57 7.95 20.27
CA ALA D 24 21.10 7.39 19.00
C ALA D 24 22.49 7.98 18.74
N VAL D 25 22.67 9.27 19.01
CA VAL D 25 23.98 9.98 18.83
C VAL D 25 25.01 9.41 19.82
N GLN D 26 24.61 9.14 21.06
CA GLN D 26 25.58 8.55 22.02
C GLN D 26 25.96 7.11 21.60
N SER D 27 24.99 6.28 21.21
CA SER D 27 25.21 4.90 20.69
C SER D 27 26.10 4.92 19.45
N ALA D 28 25.89 5.88 18.54
CA ALA D 28 26.67 6.00 17.28
C ALA D 28 28.12 6.37 17.63
N LYS D 29 28.31 7.18 18.68
CA LYS D 29 29.65 7.67 19.08
C LYS D 29 30.47 6.44 19.45
N VAL D 30 29.89 5.57 20.26
CA VAL D 30 30.55 4.33 20.73
C VAL D 30 30.96 3.47 19.52
N VAL D 31 30.05 3.22 18.57
CA VAL D 31 30.34 2.32 17.43
C VAL D 31 31.45 2.94 16.54
N VAL D 32 31.38 4.25 16.24
CA VAL D 32 32.36 4.90 15.33
C VAL D 32 33.73 4.89 16.00
N ASP D 33 33.77 5.20 17.30
CA ASP D 33 35.06 5.18 18.04
C ASP D 33 35.63 3.76 17.93
N ARG D 34 34.80 2.72 18.14
CA ARG D 34 35.21 1.29 18.07
C ARG D 34 35.73 0.99 16.66
N LEU D 35 34.98 1.39 15.64
CA LEU D 35 35.37 1.15 14.24
C LEU D 35 36.75 1.77 13.93
N LEU D 36 36.98 3.02 14.34
CA LEU D 36 38.22 3.78 14.04
C LEU D 36 39.35 3.23 14.92
N ALA D 37 39.05 2.89 16.18
CA ALA D 37 40.03 2.24 17.08
C ALA D 37 40.53 0.93 16.43
N ARG D 38 39.63 0.07 15.90
CA ARG D 38 39.99 -1.20 15.21
C ARG D 38 40.76 -0.91 13.92
N GLN D 39 40.27 0.02 13.10
CA GLN D 39 40.87 0.26 11.78
C GLN D 39 42.29 0.77 11.99
N THR D 40 42.43 1.77 12.86
CA THR D 40 43.76 2.35 13.23
C THR D 40 44.64 1.26 13.85
N ALA D 41 44.16 0.51 14.85
CA ALA D 41 44.92 -0.58 15.49
C ALA D 41 45.48 -1.51 14.41
N GLU D 42 44.67 -1.84 13.39
CA GLU D 42 45.02 -2.85 12.37
C GLU D 42 45.56 -2.20 11.09
N ASN D 43 45.78 -0.88 11.06
CA ASN D 43 46.45 -0.25 9.88
C ASN D 43 47.54 0.72 10.34
N ASN D 44 48.41 0.31 11.25
CA ASN D 44 49.63 1.10 11.62
C ASN D 44 49.25 2.50 12.10
N ASN D 45 48.18 2.63 12.90
CA ASN D 45 47.78 3.88 13.58
C ASN D 45 47.20 4.88 12.59
N GLN D 46 46.94 4.49 11.34
CA GLN D 46 46.49 5.40 10.25
C GLN D 46 44.95 5.48 10.27
N TRP D 47 44.43 6.70 10.34
CA TRP D 47 42.99 6.98 10.11
C TRP D 47 42.60 6.56 8.70
N PRO D 48 41.39 5.96 8.56
CA PRO D 48 40.84 5.69 7.24
C PRO D 48 40.57 7.06 6.60
N GLU D 49 40.84 7.18 5.30
CA GLU D 49 40.52 8.37 4.50
C GLU D 49 38.99 8.47 4.31
N THR D 50 38.38 7.38 3.86
CA THR D 50 36.98 7.34 3.36
C THR D 50 36.35 6.00 3.68
N ILE D 51 35.22 6.08 4.35
CA ILE D 51 34.39 4.91 4.70
C ILE D 51 33.19 4.89 3.74
N ALA D 52 32.94 3.78 3.05
CA ALA D 52 31.64 3.53 2.37
C ALA D 52 30.70 2.82 3.32
N MET D 53 29.51 3.38 3.54
CA MET D 53 28.54 2.65 4.37
C MET D 53 27.13 2.81 3.82
N VAL D 54 26.33 1.86 4.21
CA VAL D 54 24.91 1.83 3.81
C VAL D 54 24.09 2.35 4.97
N LEU D 55 23.07 3.11 4.62
CA LEU D 55 22.02 3.54 5.56
C LEU D 55 20.76 2.75 5.17
N TRP D 56 20.31 1.85 6.02
CA TRP D 56 19.03 1.13 5.85
C TRP D 56 17.92 1.93 6.54
N GLY D 57 16.81 2.16 5.82
CA GLY D 57 15.67 2.94 6.34
C GLY D 57 15.02 2.30 7.56
N THR D 58 14.59 1.03 7.43
CA THR D 58 13.88 0.27 8.51
C THR D 58 14.69 0.37 9.80
N ASP D 59 15.99 0.08 9.73
CA ASP D 59 16.87 0.09 10.92
C ASP D 59 16.94 1.48 11.56
N ASN D 60 16.95 2.56 10.76
CA ASN D 60 17.06 3.92 11.32
C ASN D 60 15.77 4.30 12.06
N ILE D 61 14.59 3.82 11.62
CA ILE D 61 13.33 3.95 12.42
C ILE D 61 13.53 3.28 13.79
N LYS D 62 13.98 2.02 13.78
CA LYS D 62 14.05 1.13 14.98
C LYS D 62 14.99 1.74 16.03
N THR D 63 16.08 2.39 15.58
CA THR D 63 17.18 2.90 16.45
C THR D 63 17.05 4.41 16.68
N TYR D 64 16.04 5.07 16.11
CA TYR D 64 15.89 6.55 16.16
C TYR D 64 17.14 7.21 15.55
N GLY D 65 17.75 6.57 14.53
CA GLY D 65 18.71 7.21 13.62
C GLY D 65 20.15 6.88 13.97
N GLU D 66 20.45 5.70 14.54
CA GLU D 66 21.84 5.38 14.99
C GLU D 66 22.81 5.46 13.81
N SER D 67 22.54 4.80 12.70
CA SER D 67 23.52 4.75 11.58
C SER D 67 23.60 6.11 10.87
N LEU D 68 22.50 6.87 10.80
CA LEU D 68 22.52 8.29 10.36
C LEU D 68 23.51 9.03 11.30
N ALA D 69 23.38 8.87 12.62
CA ALA D 69 24.24 9.61 13.60
C ALA D 69 25.69 9.18 13.40
N GLN D 70 25.95 7.90 13.05
CA GLN D 70 27.33 7.39 12.79
C GLN D 70 27.97 8.21 11.67
N VAL D 71 27.22 8.48 10.60
CA VAL D 71 27.74 9.31 9.46
C VAL D 71 28.11 10.69 9.99
N LEU D 72 27.24 11.33 10.77
CA LEU D 72 27.51 12.70 11.28
C LEU D 72 28.78 12.69 12.14
N TRP D 73 28.96 11.67 12.99
CA TRP D 73 30.17 11.50 13.84
C TRP D 73 31.42 11.43 12.96
N LEU D 74 31.41 10.58 11.94
CA LEU D 74 32.61 10.37 11.10
C LEU D 74 33.03 11.71 10.52
N VAL D 75 32.08 12.46 9.97
CA VAL D 75 32.40 13.77 9.34
C VAL D 75 32.61 14.83 10.42
N GLY D 76 32.29 14.56 11.68
CA GLY D 76 32.52 15.53 12.77
C GLY D 76 31.44 16.58 12.81
N ALA D 77 30.18 16.17 12.66
CA ALA D 77 29.02 17.07 12.80
C ALA D 77 28.10 16.54 13.90
N ARG D 78 27.23 17.42 14.38
CA ARG D 78 26.25 17.12 15.45
C ARG D 78 24.92 17.73 15.02
N PRO D 79 23.80 17.10 15.43
CA PRO D 79 22.46 17.64 15.21
C PRO D 79 22.07 18.71 16.23
N LEU D 80 21.12 19.58 15.86
CA LEU D 80 20.69 20.73 16.69
C LEU D 80 19.18 20.65 16.83
N PRO D 81 18.69 19.71 17.66
CA PRO D 81 17.26 19.55 17.87
C PRO D 81 16.66 20.82 18.44
N ASP D 82 15.42 21.13 18.04
CA ASP D 82 14.64 22.25 18.61
C ASP D 82 13.95 21.73 19.87
N SER D 83 13.20 22.61 20.55
CA SER D 83 12.59 22.35 21.88
C SER D 83 11.59 21.18 21.80
N LEU D 84 11.06 20.92 20.60
CA LEU D 84 10.03 19.86 20.31
C LEU D 84 10.69 18.62 19.71
N GLY D 85 12.02 18.50 19.77
CA GLY D 85 12.76 17.29 19.38
C GLY D 85 12.96 17.14 17.88
N ARG D 86 12.64 18.17 17.11
CA ARG D 86 12.79 18.14 15.63
C ARG D 86 14.23 18.53 15.27
N VAL D 87 14.88 17.72 14.44
CA VAL D 87 16.25 17.98 13.90
C VAL D 87 16.13 18.49 12.47
N ASN D 88 16.41 19.77 12.26
CA ASN D 88 16.32 20.42 10.92
C ASN D 88 17.63 21.13 10.59
N LYS D 89 18.63 21.00 11.46
CA LYS D 89 19.87 21.80 11.49
C LYS D 89 20.99 20.92 12.04
N VAL D 90 22.14 20.94 11.39
CA VAL D 90 23.42 20.40 11.94
C VAL D 90 24.42 21.53 12.07
N GLU D 91 25.50 21.26 12.80
CA GLU D 91 26.70 22.13 12.83
C GLU D 91 27.96 21.25 12.92
N LEU D 92 29.10 21.83 12.56
CA LEU D 92 30.37 21.11 12.74
C LEU D 92 30.74 21.13 14.22
N ILE D 93 31.18 19.98 14.71
CA ILE D 93 31.97 19.84 15.95
C ILE D 93 33.33 20.49 15.66
N PRO D 94 33.84 21.42 16.49
CA PRO D 94 35.18 21.95 16.24
C PRO D 94 36.23 20.84 16.33
N LEU D 95 37.31 20.97 15.58
CA LEU D 95 38.35 19.91 15.45
C LEU D 95 39.02 19.61 16.79
N GLU D 96 39.23 20.61 17.63
CA GLU D 96 39.81 20.42 18.99
C GLU D 96 38.87 19.51 19.80
N GLU D 97 37.55 19.58 19.59
CA GLU D 97 36.55 18.75 20.32
C GLU D 97 36.47 17.36 19.65
N LEU D 98 36.65 17.29 18.32
CA LEU D 98 36.53 16.04 17.55
C LEU D 98 37.70 15.13 17.88
N GLY D 99 38.92 15.69 17.98
CA GLY D 99 40.12 15.04 18.54
C GLY D 99 40.74 14.05 17.59
N ARG D 100 40.41 14.16 16.30
CA ARG D 100 40.85 13.29 15.18
C ARG D 100 40.41 13.98 13.88
N PRO D 101 40.95 13.57 12.71
CA PRO D 101 40.42 14.10 11.45
C PRO D 101 38.92 13.85 11.22
N ARG D 102 38.33 14.72 10.42
CA ARG D 102 37.02 14.47 9.75
C ARG D 102 37.29 13.38 8.69
N ILE D 103 36.54 12.29 8.79
CA ILE D 103 36.68 11.11 7.90
C ILE D 103 35.65 11.32 6.81
N ASP D 104 36.08 11.16 5.57
CA ASP D 104 35.17 11.20 4.39
C ASP D 104 34.22 9.99 4.49
N VAL D 105 33.05 10.08 3.88
CA VAL D 105 32.06 8.97 3.86
C VAL D 105 31.33 9.03 2.51
N VAL D 106 31.27 7.89 1.83
CA VAL D 106 30.27 7.60 0.75
C VAL D 106 29.03 7.00 1.39
N VAL D 107 27.97 7.77 1.37
CA VAL D 107 26.75 7.50 2.16
C VAL D 107 25.73 6.86 1.20
N ASN D 108 25.75 5.52 1.14
CA ASN D 108 24.93 4.71 0.20
C ASN D 108 23.58 4.48 0.87
N CYS D 109 22.61 5.33 0.56
CA CYS D 109 21.30 5.25 1.22
C CYS D 109 20.50 4.17 0.49
N SER D 110 19.84 3.28 1.22
CA SER D 110 18.95 2.28 0.58
C SER D 110 17.81 3.04 -0.13
N GLY D 111 17.18 2.44 -1.12
CA GLY D 111 15.92 2.98 -1.67
C GLY D 111 14.90 3.33 -0.58
N VAL D 112 14.68 2.46 0.43
CA VAL D 112 13.66 2.70 1.50
C VAL D 112 14.10 3.90 2.37
N PHE D 113 15.39 4.00 2.70
CA PHE D 113 15.90 5.21 3.40
C PHE D 113 15.52 6.47 2.60
N ARG D 114 15.74 6.45 1.29
CA ARG D 114 15.44 7.59 0.38
C ARG D 114 13.98 7.95 0.51
N ASP D 115 13.12 6.95 0.37
CA ASP D 115 11.65 7.12 0.48
C ASP D 115 11.25 7.78 1.80
N LEU D 116 11.80 7.32 2.95
CA LEU D 116 11.35 7.70 4.34
C LEU D 116 12.04 8.97 4.81
N PHE D 117 13.31 9.16 4.43
CA PHE D 117 14.26 10.04 5.16
C PHE D 117 14.92 11.04 4.20
N ILE D 118 14.18 11.57 3.21
CA ILE D 118 14.70 12.60 2.26
C ILE D 118 15.26 13.83 3.01
N ASN D 119 14.61 14.34 4.05
CA ASN D 119 15.11 15.58 4.72
C ASN D 119 16.42 15.25 5.46
N GLN D 120 16.59 14.01 5.93
CA GLN D 120 17.81 13.56 6.67
C GLN D 120 18.96 13.36 5.67
N MET D 121 18.67 12.89 4.44
CA MET D 121 19.64 12.94 3.30
C MET D 121 20.10 14.38 3.08
N ALA D 122 19.21 15.38 3.15
CA ALA D 122 19.60 16.81 3.02
C ALA D 122 20.52 17.20 4.19
N LEU D 123 20.21 16.73 5.39
CA LEU D 123 20.95 17.06 6.64
C LEU D 123 22.39 16.56 6.49
N ILE D 124 22.54 15.30 6.05
CA ILE D 124 23.88 14.69 5.85
C ILE D 124 24.60 15.51 4.78
N ASP D 125 23.91 15.78 3.67
CA ASP D 125 24.53 16.53 2.56
C ASP D 125 25.00 17.90 3.04
N ARG D 126 24.22 18.64 3.83
CA ARG D 126 24.66 19.98 4.33
C ARG D 126 25.91 19.82 5.21
N ALA D 127 25.89 18.83 6.11
CA ALA D 127 26.96 18.55 7.10
C ALA D 127 28.26 18.29 6.35
N ILE D 128 28.21 17.50 5.28
CA ILE D 128 29.43 17.13 4.52
C ILE D 128 29.90 18.37 3.72
N LYS D 129 28.99 19.18 3.18
CA LYS D 129 29.43 20.39 2.42
C LYS D 129 30.10 21.38 3.38
N MET D 130 29.46 21.65 4.52
CA MET D 130 30.07 22.44 5.61
C MET D 130 31.47 21.89 5.88
N ALA D 131 31.62 20.57 6.10
CA ALA D 131 32.96 20.00 6.39
C ALA D 131 33.86 20.35 5.20
N ALA D 132 33.43 20.21 3.96
CA ALA D 132 34.30 20.51 2.78
C ALA D 132 34.71 21.98 2.79
N GLU D 133 33.78 22.86 3.20
CA GLU D 133 33.96 24.34 3.08
C GLU D 133 34.77 24.91 4.24
N ALA D 134 34.95 24.18 5.35
CA ALA D 134 35.63 24.69 6.56
C ALA D 134 37.10 24.98 6.25
N ASP D 135 37.57 26.17 6.69
CA ASP D 135 38.99 26.59 6.59
C ASP D 135 39.78 25.85 7.65
N GLU D 136 40.09 24.58 7.39
CA GLU D 136 40.78 23.73 8.38
C GLU D 136 41.94 23.07 7.68
N PRO D 137 42.96 22.60 8.43
CA PRO D 137 44.09 21.90 7.81
C PRO D 137 43.65 20.56 7.21
N LEU D 138 44.24 20.21 6.08
CA LEU D 138 43.79 19.01 5.31
C LEU D 138 44.12 17.72 6.08
N GLU D 139 45.17 17.73 6.90
CA GLU D 139 45.59 16.57 7.71
C GLU D 139 44.49 16.27 8.75
N LEU D 140 43.58 17.20 9.01
CA LEU D 140 42.46 16.98 9.98
C LEU D 140 41.09 17.02 9.29
N ASN D 141 41.04 17.10 7.96
CA ASN D 141 39.76 17.25 7.20
C ASN D 141 39.89 16.53 5.86
N PHE D 142 39.52 15.25 5.83
CA PHE D 142 39.74 14.38 4.64
C PHE D 142 38.66 14.71 3.61
N ILE D 143 37.50 15.19 4.06
CA ILE D 143 36.41 15.60 3.11
C ILE D 143 36.93 16.74 2.23
N ARG D 144 37.36 17.84 2.87
CA ARG D 144 37.93 18.98 2.14
C ARG D 144 39.13 18.54 1.29
N LYS D 145 40.07 17.77 1.87
CA LYS D 145 41.23 17.21 1.12
C LYS D 145 40.73 16.54 -0.17
N HIS D 146 39.77 15.62 -0.10
CA HIS D 146 39.26 14.83 -1.25
C HIS D 146 38.51 15.79 -2.22
N ALA D 147 37.61 16.63 -1.69
CA ALA D 147 36.80 17.58 -2.48
C ALA D 147 37.73 18.53 -3.22
N LEU D 148 38.86 18.96 -2.63
CA LEU D 148 39.80 19.84 -3.38
C LEU D 148 40.44 19.05 -4.52
N GLN D 149 40.78 17.78 -4.30
CA GLN D 149 41.39 16.92 -5.34
C GLN D 149 40.35 16.71 -6.44
N GLN D 150 39.10 16.41 -6.09
CA GLN D 150 38.01 16.06 -7.04
C GLN D 150 37.55 17.31 -7.81
N ALA D 151 37.45 18.47 -7.16
CA ALA D 151 37.11 19.77 -7.81
C ALA D 151 38.12 20.04 -8.93
N SER D 152 39.42 19.83 -8.71
CA SER D 152 40.49 20.01 -9.73
C SER D 152 40.39 18.94 -10.82
N GLU D 153 40.18 17.68 -10.45
CA GLU D 153 40.23 16.56 -11.42
C GLU D 153 39.02 16.68 -12.35
N LEU D 154 37.84 16.96 -11.79
CA LEU D 154 36.55 16.84 -12.52
C LEU D 154 36.09 18.20 -13.05
N GLY D 155 36.86 19.28 -12.79
CA GLY D 155 36.55 20.62 -13.32
C GLY D 155 35.22 21.16 -12.81
N ILE D 156 34.96 21.04 -11.51
CA ILE D 156 33.67 21.39 -10.85
C ILE D 156 34.03 22.21 -9.62
N ASP D 157 33.06 22.86 -8.98
CA ASP D 157 33.30 23.66 -7.75
C ASP D 157 33.48 22.71 -6.56
N LEU D 158 34.20 23.15 -5.51
CA LEU D 158 34.40 22.39 -4.24
C LEU D 158 33.08 21.80 -3.72
N ARG D 159 32.04 22.62 -3.54
CA ARG D 159 30.74 22.18 -2.94
C ARG D 159 30.18 21.02 -3.78
N GLN D 160 30.22 21.14 -5.11
CA GLN D 160 29.76 20.08 -6.06
C GLN D 160 30.61 18.80 -5.85
N ALA D 161 31.93 18.92 -5.69
CA ALA D 161 32.81 17.73 -5.55
C ALA D 161 32.52 17.01 -4.23
N ALA D 162 32.07 17.76 -3.22
CA ALA D 162 31.72 17.30 -1.84
C ALA D 162 30.36 16.59 -1.82
N THR D 163 29.96 16.00 -2.94
CA THR D 163 28.75 15.16 -3.10
C THR D 163 29.06 13.75 -2.62
N ARG D 164 28.31 13.28 -1.63
CA ARG D 164 28.58 11.99 -0.96
C ARG D 164 27.29 11.20 -0.69
N VAL D 165 26.11 11.81 -0.84
CA VAL D 165 24.84 11.16 -0.45
C VAL D 165 24.21 10.59 -1.73
N PHE D 166 24.39 9.29 -1.93
CA PHE D 166 23.99 8.58 -3.17
C PHE D 166 22.90 7.59 -2.84
N THR D 167 22.10 7.19 -3.85
CA THR D 167 21.04 6.17 -3.69
C THR D 167 20.64 5.65 -5.08
N ASN D 168 19.64 4.78 -5.07
CA ASN D 168 18.91 4.35 -6.30
C ASN D 168 18.13 5.56 -6.86
N ALA D 169 17.93 5.51 -8.18
CA ALA D 169 16.99 6.38 -8.92
C ALA D 169 15.63 6.31 -8.22
N SER D 170 14.86 7.39 -8.25
CA SER D 170 13.47 7.46 -7.72
C SER D 170 12.67 6.25 -8.20
N GLY D 171 12.04 5.51 -7.30
CA GLY D 171 11.19 4.34 -7.62
C GLY D 171 11.95 3.01 -7.71
N SER D 172 13.28 3.04 -7.64
CA SER D 172 14.15 1.85 -7.79
C SER D 172 14.82 1.53 -6.47
N TYR D 173 15.22 0.26 -6.38
CA TYR D 173 15.74 -0.42 -5.17
C TYR D 173 16.79 -1.44 -5.56
N ALA D 174 17.84 -1.53 -4.74
CA ALA D 174 18.84 -2.61 -4.79
C ALA D 174 19.73 -2.42 -6.02
N ALA D 175 20.87 -3.13 -6.03
CA ALA D 175 21.90 -3.09 -7.09
C ALA D 175 21.61 -4.08 -8.23
N ASN D 176 20.65 -5.01 -8.03
CA ASN D 176 20.42 -6.21 -8.90
C ASN D 176 21.61 -7.16 -8.95
N VAL D 177 22.55 -7.02 -8.01
CA VAL D 177 23.67 -7.99 -7.86
C VAL D 177 23.10 -9.26 -7.24
N ASN D 178 22.12 -9.09 -6.35
CA ASN D 178 21.36 -10.22 -5.74
C ASN D 178 20.69 -11.01 -6.85
N LEU D 179 20.02 -10.33 -7.79
CA LEU D 179 19.31 -11.02 -8.91
C LEU D 179 20.32 -11.79 -9.78
N ALA D 180 21.44 -11.16 -10.16
CA ALA D 180 22.50 -11.77 -11.01
C ALA D 180 23.06 -13.02 -10.32
N VAL D 181 23.37 -12.92 -9.04
CA VAL D 181 23.92 -14.07 -8.26
C VAL D 181 22.85 -15.16 -8.23
N GLU D 182 21.58 -14.82 -7.98
CA GLU D 182 20.50 -15.85 -7.88
C GLU D 182 20.37 -16.61 -9.21
N ASN D 183 20.30 -15.86 -10.32
CA ASN D 183 20.10 -16.38 -11.70
C ASN D 183 21.41 -16.93 -12.30
N SER D 184 22.58 -16.67 -11.71
CA SER D 184 23.93 -17.09 -12.20
C SER D 184 24.21 -16.56 -13.63
N SER D 185 23.57 -15.48 -14.06
CA SER D 185 23.56 -14.98 -15.47
C SER D 185 24.63 -13.89 -15.63
N TRP D 186 25.75 -14.03 -14.93
CA TRP D 186 26.95 -13.18 -15.14
C TRP D 186 28.18 -14.03 -15.37
N GLU D 187 29.17 -13.46 -16.05
CA GLU D 187 30.45 -14.13 -16.38
C GLU D 187 31.59 -13.58 -15.54
N GLN D 188 31.75 -12.25 -15.46
CA GLN D 188 32.88 -11.57 -14.78
C GLN D 188 32.31 -10.70 -13.67
N GLU D 189 33.08 -10.53 -12.60
CA GLU D 189 32.66 -9.72 -11.44
C GLU D 189 32.44 -8.29 -11.92
N SER D 190 33.19 -7.84 -12.93
CA SER D 190 33.01 -6.50 -13.55
C SER D 190 31.54 -6.24 -13.87
N GLU D 191 30.77 -7.25 -14.28
CA GLU D 191 29.34 -7.10 -14.64
C GLU D 191 28.52 -6.71 -13.41
N LEU D 192 28.85 -7.32 -12.27
CA LEU D 192 28.12 -7.05 -11.01
C LEU D 192 28.44 -5.64 -10.60
N GLN D 193 29.70 -5.24 -10.77
CA GLN D 193 30.19 -3.90 -10.36
C GLN D 193 29.49 -2.85 -11.23
N ASP D 194 29.30 -3.16 -12.51
CA ASP D 194 28.60 -2.24 -13.45
C ASP D 194 27.13 -2.02 -13.04
N MET D 195 26.40 -3.07 -12.64
CA MET D 195 25.00 -2.95 -12.15
C MET D 195 25.00 -2.04 -10.91
N TYR D 196 25.91 -2.21 -9.96
CA TYR D 196 25.87 -1.36 -8.73
C TYR D 196 26.10 0.10 -9.15
N LEU D 197 27.13 0.32 -9.94
CA LEU D 197 27.62 1.67 -10.32
C LEU D 197 26.52 2.36 -11.11
N SER D 198 25.80 1.66 -11.99
CA SER D 198 24.74 2.26 -12.83
CA SER D 198 24.74 2.25 -12.82
C SER D 198 23.49 2.57 -11.99
N ARG D 199 23.17 1.72 -10.99
CA ARG D 199 21.90 1.81 -10.24
C ARG D 199 22.02 2.69 -9.00
N LYS D 200 23.22 2.74 -8.40
CA LYS D 200 23.47 3.34 -7.06
C LYS D 200 24.13 4.73 -7.11
N SER D 201 24.35 5.29 -8.30
CA SER D 201 25.10 6.54 -8.61
C SER D 201 24.17 7.76 -8.69
N PHE D 202 22.98 7.72 -8.11
CA PHE D 202 22.04 8.88 -8.12
C PHE D 202 22.35 9.75 -6.91
N ALA D 203 22.79 10.99 -7.18
CA ALA D 203 23.32 11.98 -6.20
C ALA D 203 22.18 12.79 -5.62
N PHE D 204 22.10 12.87 -4.29
CA PHE D 204 21.22 13.84 -3.57
C PHE D 204 21.91 15.19 -3.57
N SER D 205 21.12 16.26 -3.51
CA SER D 205 21.63 17.62 -3.22
C SER D 205 20.63 18.41 -2.38
N ALA D 206 21.00 18.79 -1.17
CA ALA D 206 20.19 19.68 -0.31
C ALA D 206 20.06 21.04 -1.01
N GLY D 210 14.04 17.91 -4.81
CA GLY D 210 12.91 17.59 -5.71
C GLY D 210 13.16 16.30 -6.48
N THR D 211 14.22 16.28 -7.31
CA THR D 211 14.68 15.09 -8.09
C THR D 211 16.20 14.94 -7.91
N MET D 212 16.80 13.92 -8.54
CA MET D 212 18.22 13.54 -8.36
C MET D 212 18.88 13.16 -9.69
N GLN D 213 20.06 13.70 -9.94
CA GLN D 213 20.89 13.48 -11.15
C GLN D 213 21.74 12.22 -10.98
N GLN D 214 21.93 11.42 -12.03
CA GLN D 214 23.02 10.42 -12.05
C GLN D 214 24.35 11.18 -12.11
N ALA D 215 25.30 10.75 -11.29
CA ALA D 215 26.66 11.29 -11.17
C ALA D 215 27.58 10.10 -11.00
N ARG D 216 27.57 9.20 -11.99
CA ARG D 216 28.47 8.00 -11.94
C ARG D 216 29.93 8.43 -11.87
N GLU D 217 30.37 9.47 -12.62
CA GLU D 217 31.80 9.84 -12.62
C GLU D 217 32.21 10.24 -11.20
N LEU D 218 31.43 11.13 -10.58
CA LEU D 218 31.76 11.61 -9.20
C LEU D 218 31.61 10.46 -8.20
N PHE D 219 30.61 9.60 -8.35
CA PHE D 219 30.48 8.35 -7.53
C PHE D 219 31.77 7.52 -7.61
N GLU D 220 32.20 7.14 -8.81
CA GLU D 220 33.45 6.35 -8.99
C GLU D 220 34.64 7.06 -8.35
N THR D 221 34.73 8.36 -8.50
CA THR D 221 35.88 9.16 -8.02
C THR D 221 35.88 9.04 -6.49
N ALA D 222 34.73 9.19 -5.83
CA ALA D 222 34.68 9.10 -4.35
C ALA D 222 34.91 7.67 -3.87
N LEU D 223 34.35 6.68 -4.56
CA LEU D 223 34.54 5.26 -4.17
C LEU D 223 36.03 4.90 -4.29
N LYS D 224 36.76 5.44 -5.28
CA LYS D 224 38.21 5.18 -5.39
C LYS D 224 38.98 5.60 -4.13
N THR D 225 38.47 6.56 -3.33
CA THR D 225 39.11 7.00 -2.05
C THR D 225 38.81 6.07 -0.86
N VAL D 226 37.90 5.11 -1.01
CA VAL D 226 37.42 4.19 0.05
C VAL D 226 38.54 3.22 0.46
N ASP D 227 38.78 3.24 1.78
CA ASP D 227 39.74 2.41 2.53
C ASP D 227 39.01 1.35 3.34
N VAL D 228 37.73 1.63 3.69
CA VAL D 228 36.90 0.83 4.62
C VAL D 228 35.49 0.73 4.05
N THR D 229 34.86 -0.46 4.10
CA THR D 229 33.40 -0.65 3.94
C THR D 229 32.77 -1.05 5.29
N PHE D 230 31.49 -0.75 5.43
CA PHE D 230 30.83 -0.83 6.75
C PHE D 230 29.33 -0.92 6.54
N GLN D 231 28.72 -1.86 7.26
CA GLN D 231 27.25 -2.00 7.40
C GLN D 231 26.95 -2.30 8.88
N ASN D 232 25.79 -1.80 9.34
CA ASN D 232 25.13 -2.20 10.60
C ASN D 232 24.06 -3.26 10.33
N LEU D 233 24.02 -4.29 11.18
CA LEU D 233 23.16 -5.48 11.05
C LEU D 233 22.68 -5.85 12.46
N ASP D 234 21.58 -6.56 12.55
CA ASP D 234 21.13 -7.23 13.80
C ASP D 234 21.05 -8.73 13.47
N SER D 235 22.15 -9.42 13.75
CA SER D 235 22.42 -10.81 13.33
C SER D 235 21.40 -11.77 13.94
N SER D 236 20.75 -11.34 15.02
CA SER D 236 19.73 -12.14 15.75
C SER D 236 18.39 -12.09 14.99
N GLU D 237 18.10 -11.00 14.27
CA GLU D 237 16.86 -10.82 13.46
C GLU D 237 17.09 -11.33 12.04
N ILE D 238 18.09 -10.75 11.36
CA ILE D 238 18.38 -10.98 9.92
C ILE D 238 19.88 -11.06 9.78
N SER D 239 20.39 -12.26 9.57
CA SER D 239 21.83 -12.54 9.39
C SER D 239 22.27 -12.15 7.99
N LEU D 240 23.57 -11.91 7.82
CA LEU D 240 24.11 -11.49 6.51
C LEU D 240 23.89 -12.56 5.41
N THR D 241 23.43 -13.76 5.74
CA THR D 241 23.03 -14.78 4.72
C THR D 241 21.54 -15.17 4.83
N ASP D 242 20.72 -14.58 5.69
CA ASP D 242 19.25 -14.84 5.75
C ASP D 242 18.55 -14.25 4.50
N VAL D 243 19.18 -13.20 3.95
CA VAL D 243 18.71 -12.43 2.77
C VAL D 243 19.90 -12.15 1.83
N SER D 244 19.62 -11.71 0.60
CA SER D 244 20.62 -11.32 -0.42
C SER D 244 20.91 -9.82 -0.38
N HIS D 245 20.19 -9.00 0.39
CA HIS D 245 20.25 -7.51 0.28
C HIS D 245 21.59 -6.99 0.80
N TYR D 246 22.15 -7.64 1.83
CA TYR D 246 23.41 -7.12 2.44
C TYR D 246 24.56 -7.29 1.42
N PHE D 247 24.80 -8.45 0.81
CA PHE D 247 25.87 -8.60 -0.23
C PHE D 247 25.52 -7.78 -1.48
N ASP D 248 24.24 -7.67 -1.84
CA ASP D 248 23.82 -6.78 -2.96
C ASP D 248 24.44 -5.37 -2.80
N SER D 249 24.46 -4.81 -1.57
CA SER D 249 24.85 -3.41 -1.28
C SER D 249 26.35 -3.32 -0.93
N ASP D 250 27.07 -4.44 -0.98
CA ASP D 250 28.49 -4.49 -0.56
C ASP D 250 29.37 -3.99 -1.70
N PRO D 251 30.14 -2.88 -1.54
CA PRO D 251 31.03 -2.45 -2.63
C PRO D 251 32.51 -2.86 -2.45
N THR D 252 32.80 -3.81 -1.55
CA THR D 252 34.19 -4.07 -1.12
C THR D 252 35.10 -4.34 -2.35
N LYS D 253 34.86 -5.44 -3.10
CA LYS D 253 35.69 -5.74 -4.31
C LYS D 253 35.50 -4.66 -5.37
N LEU D 254 34.29 -4.07 -5.46
CA LEU D 254 34.00 -3.00 -6.44
C LEU D 254 35.05 -1.91 -6.31
N VAL D 255 35.37 -1.51 -5.07
CA VAL D 255 36.32 -0.39 -4.82
C VAL D 255 37.73 -0.81 -5.27
N ALA D 256 38.16 -2.03 -4.90
CA ALA D 256 39.44 -2.62 -5.35
C ALA D 256 39.57 -2.51 -6.87
N ALA D 257 38.52 -2.86 -7.61
CA ALA D 257 38.54 -2.88 -9.10
C ALA D 257 38.73 -1.47 -9.66
N LEU D 258 38.10 -0.48 -9.03
CA LEU D 258 38.17 0.92 -9.49
C LEU D 258 39.52 1.55 -9.20
N ARG D 259 40.15 1.19 -8.09
CA ARG D 259 41.39 1.88 -7.61
C ARG D 259 42.58 1.50 -8.52
N GLY D 260 43.42 2.48 -8.86
CA GLY D 260 44.67 2.24 -9.61
C GLY D 260 45.58 1.23 -8.93
N ASP D 261 45.64 1.24 -7.60
CA ASP D 261 46.54 0.37 -6.79
C ASP D 261 45.89 -0.99 -6.51
N GLY D 262 44.62 -1.17 -6.92
CA GLY D 262 43.80 -2.38 -6.73
C GLY D 262 43.58 -2.75 -5.27
N LYS D 263 43.73 -1.79 -4.35
CA LYS D 263 43.74 -2.03 -2.91
C LYS D 263 42.31 -2.27 -2.46
N GLN D 264 42.04 -3.46 -1.96
CA GLN D 264 40.70 -3.82 -1.42
C GLN D 264 40.53 -3.20 -0.04
N PRO D 265 39.41 -2.45 0.19
CA PRO D 265 39.18 -1.82 1.48
C PRO D 265 38.96 -2.87 2.56
N LYS D 266 39.23 -2.51 3.81
CA LYS D 266 38.91 -3.37 4.95
C LYS D 266 37.40 -3.30 5.12
N ALA D 267 36.77 -4.43 5.42
CA ALA D 267 35.31 -4.57 5.54
C ALA D 267 34.97 -4.87 6.99
N TYR D 268 33.99 -4.17 7.58
CA TYR D 268 33.52 -4.42 8.95
C TYR D 268 32.01 -4.47 8.95
N ILE D 269 31.46 -5.16 9.94
CA ILE D 269 30.00 -5.21 10.23
C ILE D 269 29.83 -4.90 11.71
N ALA D 270 29.02 -3.90 12.02
CA ALA D 270 28.52 -3.70 13.41
C ALA D 270 27.31 -4.63 13.63
N ASP D 271 27.38 -5.55 14.60
CA ASP D 271 26.25 -6.44 14.93
C ASP D 271 25.53 -5.86 16.16
N THR D 272 24.28 -5.41 15.97
CA THR D 272 23.48 -4.68 16.97
C THR D 272 22.49 -5.63 17.65
N THR D 273 22.91 -6.85 17.99
CA THR D 273 22.05 -7.87 18.65
C THR D 273 21.66 -7.39 20.05
N GLN D 278 28.68 -4.81 18.49
CA GLN D 278 30.12 -5.14 18.38
C GLN D 278 30.56 -5.08 16.91
N VAL D 279 31.71 -4.39 16.70
CA VAL D 279 32.37 -4.24 15.38
C VAL D 279 33.28 -5.44 15.12
N ARG D 280 33.02 -6.21 14.05
CA ARG D 280 33.89 -7.33 13.61
C ARG D 280 34.25 -7.08 12.15
N THR D 281 35.34 -7.67 11.67
CA THR D 281 35.65 -7.76 10.22
C THR D 281 34.49 -8.49 9.51
N LEU D 282 34.31 -8.23 8.23
CA LEU D 282 33.30 -8.97 7.43
C LEU D 282 33.66 -10.47 7.44
N SER D 283 34.92 -10.83 7.22
CA SER D 283 35.39 -12.24 7.30
C SER D 283 34.96 -12.90 8.63
N GLU D 284 35.25 -12.26 9.77
CA GLU D 284 34.87 -12.80 11.10
C GLU D 284 33.35 -13.01 11.14
N THR D 285 32.59 -12.05 10.60
CA THR D 285 31.09 -12.04 10.63
C THR D 285 30.58 -13.21 9.80
N VAL D 286 31.17 -13.43 8.62
CA VAL D 286 30.81 -14.56 7.73
C VAL D 286 31.10 -15.89 8.42
N ARG D 287 32.31 -16.05 8.97
CA ARG D 287 32.71 -17.28 9.73
C ARG D 287 31.69 -17.61 10.82
N LEU D 288 31.41 -16.67 11.72
CA LEU D 288 30.39 -16.89 12.79
C LEU D 288 29.08 -17.34 12.16
N ASP D 289 28.55 -16.60 11.19
CA ASP D 289 27.25 -16.93 10.55
C ASP D 289 27.29 -18.37 10.00
N SER D 290 28.42 -18.78 9.41
CA SER D 290 28.54 -20.11 8.77
C SER D 290 28.45 -21.17 9.86
N ARG D 291 29.14 -20.93 10.99
CA ARG D 291 29.12 -21.81 12.19
C ARG D 291 27.73 -21.79 12.86
N THR D 292 26.97 -20.71 12.74
CA THR D 292 25.65 -20.55 13.41
C THR D 292 24.51 -21.12 12.55
N LYS D 293 24.60 -21.00 11.22
CA LYS D 293 23.50 -21.31 10.26
C LYS D 293 23.89 -22.52 9.36
N LEU D 294 24.46 -22.29 8.19
CA LEU D 294 24.63 -23.30 7.12
C LEU D 294 25.26 -24.61 7.63
N LEU D 295 26.31 -24.51 8.46
CA LEU D 295 27.17 -25.66 8.87
C LEU D 295 26.73 -26.21 10.23
N ASN D 296 25.79 -25.52 10.86
CA ASN D 296 25.20 -25.87 12.18
C ASN D 296 24.15 -26.98 12.03
N PRO D 297 24.40 -28.24 12.45
CA PRO D 297 23.38 -29.27 12.39
C PRO D 297 22.00 -28.88 12.95
N LYS D 298 21.95 -28.15 14.07
CA LYS D 298 20.68 -27.68 14.66
C LYS D 298 19.95 -26.79 13.65
N TRP D 299 20.68 -25.97 12.91
CA TRP D 299 20.05 -25.14 11.84
C TRP D 299 19.60 -26.04 10.68
N TYR D 300 20.48 -26.80 10.03
CA TYR D 300 20.09 -27.52 8.79
C TYR D 300 19.10 -28.63 9.15
N GLU D 301 19.18 -29.20 10.35
CA GLU D 301 18.21 -30.26 10.78
C GLU D 301 16.84 -29.63 11.02
N GLY D 302 16.80 -28.48 11.70
CA GLY D 302 15.56 -27.68 11.82
C GLY D 302 14.94 -27.39 10.47
N MET D 303 15.76 -27.07 9.46
CA MET D 303 15.23 -26.84 8.08
C MET D 303 14.70 -28.18 7.55
N LEU D 304 15.40 -29.29 7.73
CA LEU D 304 15.00 -30.58 7.09
C LEU D 304 13.69 -31.09 7.73
N ALA D 305 13.40 -30.66 8.96
CA ALA D 305 12.13 -30.99 9.68
C ALA D 305 10.94 -30.42 8.91
N HIS D 306 11.09 -29.29 8.20
CA HIS D 306 10.03 -28.69 7.34
C HIS D 306 9.78 -29.51 6.08
N GLY D 307 10.73 -30.35 5.71
CA GLY D 307 10.61 -31.20 4.52
C GLY D 307 11.05 -30.43 3.30
N TYR D 308 10.22 -30.39 2.25
CA TYR D 308 10.58 -29.85 0.92
C TYR D 308 11.17 -28.44 1.03
N GLU D 309 10.52 -27.56 1.79
CA GLU D 309 10.91 -26.13 1.91
C GLU D 309 12.27 -26.02 2.62
N GLY D 310 12.54 -26.94 3.54
CA GLY D 310 13.82 -26.98 4.29
C GLY D 310 15.02 -27.07 3.38
N VAL D 311 14.96 -27.91 2.33
CA VAL D 311 16.11 -28.06 1.39
C VAL D 311 16.27 -26.78 0.55
N ARG D 312 15.17 -26.13 0.14
CA ARG D 312 15.22 -24.82 -0.55
C ARG D 312 15.94 -23.82 0.36
N GLU D 313 15.68 -23.83 1.69
CA GLU D 313 16.37 -22.92 2.64
C GLU D 313 17.88 -23.24 2.64
N ILE D 314 18.28 -24.51 2.65
CA ILE D 314 19.73 -24.88 2.62
C ILE D 314 20.36 -24.34 1.33
N SER D 315 19.69 -24.55 0.21
CA SER D 315 20.18 -24.15 -1.14
C SER D 315 20.33 -22.63 -1.16
N LYS D 316 19.34 -21.92 -0.63
CA LYS D 316 19.33 -20.43 -0.64
C LYS D 316 20.50 -19.90 0.19
N ARG D 317 20.78 -20.55 1.32
CA ARG D 317 21.84 -20.07 2.25
C ARG D 317 23.22 -20.25 1.59
N LEU D 318 23.40 -21.34 0.82
CA LEU D 318 24.65 -21.55 0.08
C LEU D 318 24.78 -20.46 -0.99
N VAL D 319 23.70 -20.13 -1.69
CA VAL D 319 23.70 -19.03 -2.72
C VAL D 319 24.03 -17.69 -2.03
N ASN D 320 23.40 -17.37 -0.90
CA ASN D 320 23.70 -16.09 -0.21
C ASN D 320 25.15 -16.04 0.27
N THR D 321 25.71 -17.18 0.68
CA THR D 321 27.17 -17.26 1.01
C THR D 321 28.00 -16.91 -0.22
N MET D 322 27.66 -17.51 -1.37
CA MET D 322 28.40 -17.30 -2.64
C MET D 322 28.37 -15.80 -2.99
N GLY D 323 27.24 -15.12 -2.74
CA GLY D 323 27.16 -13.65 -2.95
C GLY D 323 28.28 -12.90 -2.25
N TRP D 324 28.63 -13.24 -1.01
CA TRP D 324 29.72 -12.56 -0.28
C TRP D 324 31.09 -12.90 -0.87
N SER D 325 31.30 -14.08 -1.44
CA SER D 325 32.51 -14.38 -2.26
C SER D 325 32.58 -13.41 -3.42
N ALA D 326 31.48 -13.25 -4.15
CA ALA D 326 31.43 -12.42 -5.38
C ALA D 326 31.72 -10.95 -4.98
N THR D 327 31.09 -10.43 -3.92
CA THR D 327 31.10 -8.97 -3.61
C THR D 327 32.32 -8.62 -2.73
N ALA D 328 32.85 -9.54 -1.89
CA ALA D 328 33.98 -9.17 -0.99
C ALA D 328 35.07 -10.25 -0.83
N GLY D 329 34.91 -11.47 -1.33
CA GLY D 329 35.89 -12.55 -1.17
C GLY D 329 36.08 -12.90 0.29
N ALA D 330 35.00 -12.75 1.07
CA ALA D 330 34.97 -12.77 2.56
C ALA D 330 34.65 -14.17 3.09
N VAL D 331 34.40 -15.14 2.21
CA VAL D 331 34.11 -16.54 2.64
C VAL D 331 35.39 -17.38 2.46
N ASP D 332 35.97 -17.87 3.56
CA ASP D 332 37.14 -18.78 3.56
C ASP D 332 36.77 -20.08 2.83
N ASN D 333 37.73 -20.67 2.10
CA ASN D 333 37.56 -21.93 1.32
C ASN D 333 36.94 -23.06 2.18
N TRP D 334 37.32 -23.16 3.45
CA TRP D 334 36.91 -24.29 4.32
C TRP D 334 35.39 -24.29 4.52
N VAL D 335 34.72 -23.13 4.38
CA VAL D 335 33.24 -23.03 4.50
C VAL D 335 32.64 -23.93 3.43
N TYR D 336 33.05 -23.73 2.18
CA TYR D 336 32.58 -24.49 1.00
C TYR D 336 33.07 -25.95 1.08
N GLU D 337 34.31 -26.17 1.51
CA GLU D 337 34.86 -27.55 1.61
C GLU D 337 34.00 -28.33 2.60
N GLU D 338 33.67 -27.71 3.73
CA GLU D 338 32.87 -28.33 4.81
C GLU D 338 31.40 -28.46 4.38
N ALA D 339 30.79 -27.46 3.73
CA ALA D 339 29.40 -27.63 3.24
C ALA D 339 29.37 -28.84 2.29
N ASN D 340 30.33 -28.96 1.40
CA ASN D 340 30.37 -30.10 0.43
C ASN D 340 30.53 -31.39 1.22
N ALA D 341 31.33 -31.39 2.29
CA ALA D 341 31.55 -32.59 3.15
C ALA D 341 30.23 -32.91 3.86
N THR D 342 29.54 -31.91 4.39
CA THR D 342 28.32 -32.11 5.20
C THR D 342 27.15 -32.59 4.34
N PHE D 343 26.93 -32.00 3.15
CA PHE D 343 25.68 -32.16 2.35
C PHE D 343 25.84 -33.09 1.14
N ILE D 344 27.07 -33.29 0.67
CA ILE D 344 27.33 -34.07 -0.57
C ILE D 344 28.14 -35.35 -0.26
N LEU D 345 29.27 -35.23 0.39
CA LEU D 345 30.17 -36.39 0.66
C LEU D 345 29.49 -37.35 1.64
N ASP D 346 28.74 -36.85 2.63
CA ASP D 346 27.90 -37.67 3.54
C ASP D 346 26.74 -38.25 2.72
N GLU D 347 26.81 -39.54 2.36
CA GLU D 347 25.81 -40.18 1.46
C GLU D 347 24.44 -40.27 2.17
N GLN D 348 24.45 -40.32 3.50
CA GLN D 348 23.23 -40.33 4.38
C GLN D 348 22.44 -39.04 4.12
N MET D 349 23.14 -37.91 4.23
CA MET D 349 22.59 -36.54 4.08
C MET D 349 22.25 -36.25 2.62
N ARG D 350 23.21 -36.45 1.71
CA ARG D 350 22.99 -36.42 0.24
C ARG D 350 21.65 -37.09 -0.10
N GLN D 351 21.45 -38.36 0.27
CA GLN D 351 20.23 -39.12 -0.09
C GLN D 351 18.99 -38.47 0.54
N ARG D 352 19.10 -37.89 1.74
CA ARG D 352 17.95 -37.20 2.40
C ARG D 352 17.60 -35.94 1.61
N LEU D 353 18.61 -35.16 1.20
CA LEU D 353 18.39 -33.93 0.41
C LEU D 353 17.73 -34.31 -0.92
N LEU D 354 18.30 -35.29 -1.63
CA LEU D 354 17.83 -35.71 -2.97
C LEU D 354 16.37 -36.19 -2.88
N ASN D 355 16.05 -37.03 -1.92
CA ASN D 355 14.70 -37.65 -1.73
C ASN D 355 13.66 -36.58 -1.39
N THR D 356 14.01 -35.62 -0.53
CA THR D 356 13.09 -34.58 0.02
C THR D 356 12.81 -33.54 -1.06
N ASN D 357 13.86 -33.00 -1.68
CA ASN D 357 13.70 -31.91 -2.67
C ASN D 357 14.73 -32.06 -3.80
N PRO D 358 14.41 -32.89 -4.83
CA PRO D 358 15.33 -33.09 -5.95
C PRO D 358 15.69 -31.76 -6.64
N HIS D 359 14.73 -30.84 -6.70
CA HIS D 359 14.84 -29.58 -7.48
C HIS D 359 15.86 -28.67 -6.78
N SER D 360 15.74 -28.51 -5.46
CA SER D 360 16.70 -27.71 -4.65
C SER D 360 18.03 -28.46 -4.46
N PHE D 361 18.02 -29.79 -4.37
CA PHE D 361 19.29 -30.58 -4.35
C PHE D 361 20.08 -30.32 -5.65
N ARG D 362 19.40 -30.28 -6.79
CA ARG D 362 20.02 -29.99 -8.10
C ARG D 362 20.61 -28.57 -8.07
N LYS D 363 19.86 -27.61 -7.53
CA LYS D 363 20.35 -26.23 -7.32
C LYS D 363 21.58 -26.27 -6.42
N MET D 364 21.58 -27.04 -5.33
CA MET D 364 22.76 -27.06 -4.44
C MET D 364 23.98 -27.59 -5.21
N VAL D 365 23.78 -28.64 -6.00
CA VAL D 365 24.87 -29.29 -6.78
C VAL D 365 25.39 -28.28 -7.81
N SER D 366 24.51 -27.57 -8.51
CA SER D 366 24.92 -26.48 -9.45
C SER D 366 25.75 -25.43 -8.73
N THR D 367 25.33 -25.03 -7.52
CA THR D 367 26.00 -23.94 -6.77
C THR D 367 27.44 -24.35 -6.46
N PHE D 368 27.63 -25.59 -5.98
CA PHE D 368 28.97 -26.14 -5.66
C PHE D 368 29.86 -26.14 -6.90
N LEU D 369 29.34 -26.61 -8.04
CA LEU D 369 30.08 -26.61 -9.34
C LEU D 369 30.34 -25.15 -9.76
N GLU D 370 29.37 -24.26 -9.55
CA GLU D 370 29.51 -22.81 -9.91
C GLU D 370 30.66 -22.20 -9.11
N LEU D 371 30.71 -22.48 -7.81
CA LEU D 371 31.67 -21.97 -6.81
C LEU D 371 33.09 -22.29 -7.30
N HIS D 372 33.29 -23.54 -7.72
CA HIS D 372 34.58 -23.98 -8.29
C HIS D 372 34.84 -23.27 -9.62
N GLY D 373 33.83 -23.22 -10.49
CA GLY D 373 33.93 -22.59 -11.83
C GLY D 373 34.37 -21.14 -11.73
N ARG D 374 33.93 -20.43 -10.69
CA ARG D 374 34.18 -18.99 -10.47
C ARG D 374 35.46 -18.74 -9.67
N GLY D 375 36.13 -19.78 -9.14
CA GLY D 375 37.41 -19.63 -8.42
C GLY D 375 37.23 -19.23 -6.97
N TYR D 376 36.02 -19.41 -6.43
CA TYR D 376 35.67 -19.13 -5.01
C TYR D 376 35.87 -20.39 -4.16
N TRP D 377 35.98 -21.56 -4.79
CA TRP D 377 36.20 -22.86 -4.10
C TRP D 377 37.28 -23.67 -4.82
N GLU D 378 38.39 -23.95 -4.12
CA GLU D 378 39.39 -24.97 -4.56
C GLU D 378 39.01 -26.31 -3.91
N THR D 379 39.00 -27.39 -4.69
CA THR D 379 38.59 -28.71 -4.17
C THR D 379 39.17 -29.80 -5.08
N SER D 380 39.11 -31.07 -4.66
CA SER D 380 39.74 -32.22 -5.36
C SER D 380 39.03 -32.48 -6.69
N GLU D 381 39.71 -33.08 -7.67
CA GLU D 381 39.06 -33.53 -8.93
C GLU D 381 37.93 -34.53 -8.63
N ALA D 382 38.16 -35.45 -7.69
CA ALA D 382 37.18 -36.48 -7.26
C ALA D 382 35.87 -35.81 -6.81
N ASN D 383 35.98 -34.74 -6.05
CA ASN D 383 34.78 -34.00 -5.52
C ASN D 383 34.00 -33.46 -6.72
N LEU D 384 34.69 -32.83 -7.66
CA LEU D 384 34.05 -32.24 -8.87
C LEU D 384 33.46 -33.36 -9.74
N GLU D 385 34.18 -34.46 -9.94
CA GLU D 385 33.61 -35.61 -10.71
C GLU D 385 32.30 -36.08 -10.04
N LEU D 386 32.29 -36.17 -8.71
CA LEU D 386 31.10 -36.68 -7.96
C LEU D 386 29.92 -35.71 -8.17
N LEU D 387 30.19 -34.40 -8.04
CA LEU D 387 29.17 -33.32 -8.21
C LEU D 387 28.56 -33.41 -9.62
N ARG D 388 29.41 -33.54 -10.67
CA ARG D 388 28.95 -33.72 -12.07
C ARG D 388 28.17 -35.03 -12.19
N GLN D 389 28.65 -36.11 -11.59
CA GLN D 389 27.92 -37.40 -11.56
C GLN D 389 26.54 -37.14 -10.92
N LEU D 390 26.55 -36.46 -9.79
CA LEU D 390 25.32 -36.26 -8.99
C LEU D 390 24.32 -35.39 -9.79
N TYR D 391 24.83 -34.45 -10.59
CA TYR D 391 24.01 -33.52 -11.39
C TYR D 391 23.24 -34.31 -12.46
N GLN D 392 23.96 -35.20 -13.17
CA GLN D 392 23.37 -36.03 -14.25
C GLN D 392 22.31 -36.93 -13.63
N GLU D 393 22.60 -37.49 -12.45
CA GLU D 393 21.69 -38.46 -11.78
C GLU D 393 20.41 -37.74 -11.32
N VAL D 394 20.49 -36.55 -10.73
CA VAL D 394 19.28 -35.82 -10.26
C VAL D 394 18.54 -35.26 -11.47
N GLU D 395 19.26 -34.89 -12.54
CA GLU D 395 18.61 -34.46 -13.80
C GLU D 395 17.78 -35.63 -14.34
N ASP D 396 18.37 -36.82 -14.43
CA ASP D 396 17.71 -38.08 -14.88
C ASP D 396 16.52 -38.41 -13.96
N LYS D 397 16.69 -38.28 -12.63
CA LYS D 397 15.58 -38.41 -11.63
C LYS D 397 14.42 -37.48 -11.98
N ILE D 398 14.64 -36.15 -12.02
CA ILE D 398 13.60 -35.12 -12.32
C ILE D 398 12.99 -35.40 -13.70
N GLU D 399 13.81 -35.80 -14.68
CA GLU D 399 13.34 -36.18 -16.04
C GLU D 399 12.38 -37.37 -15.93
N GLY D 400 12.70 -38.33 -15.07
CA GLY D 400 11.86 -39.52 -14.79
C GLY D 400 10.49 -39.14 -14.24
N VAL D 401 10.46 -38.39 -13.13
CA VAL D 401 9.19 -38.00 -12.42
C VAL D 401 8.31 -37.22 -13.40
#